data_5T7I
# 
_entry.id   5T7I 
# 
_audit_conform.dict_name       mmcif_pdbx.dic 
_audit_conform.dict_version    5.398 
_audit_conform.dict_location   http://mmcif.pdb.org/dictionaries/ascii/mmcif_pdbx.dic 
# 
loop_
_database_2.database_id 
_database_2.database_code 
_database_2.pdbx_database_accession 
_database_2.pdbx_DOI 
PDB   5T7I         pdb_00005t7i 10.2210/pdb5t7i/pdb 
WWPDB D_1000223779 ?            ?                   
# 
loop_
_pdbx_audit_revision_history.ordinal 
_pdbx_audit_revision_history.data_content_type 
_pdbx_audit_revision_history.major_revision 
_pdbx_audit_revision_history.minor_revision 
_pdbx_audit_revision_history.revision_date 
1 'Structure model' 1 0 2017-01-04 
2 'Structure model' 2 0 2020-07-29 
3 'Structure model' 2 1 2023-10-04 
4 'Structure model' 2 2 2024-11-13 
# 
loop_
_pdbx_audit_revision_details.ordinal 
_pdbx_audit_revision_details.revision_ordinal 
_pdbx_audit_revision_details.data_content_type 
_pdbx_audit_revision_details.provider 
_pdbx_audit_revision_details.type 
_pdbx_audit_revision_details.description 
_pdbx_audit_revision_details.details 
1 1 'Structure model' repository 'Initial release' ?                          ? 
2 2 'Structure model' repository Remediation       'Carbohydrate remediation' ? 
# 
loop_
_pdbx_audit_revision_group.ordinal 
_pdbx_audit_revision_group.revision_ordinal 
_pdbx_audit_revision_group.data_content_type 
_pdbx_audit_revision_group.group 
1  2 'Structure model' 'Atomic model'            
2  2 'Structure model' 'Data collection'         
3  2 'Structure model' 'Derived calculations'    
4  2 'Structure model' 'Non-polymer description' 
5  2 'Structure model' 'Structure summary'       
6  3 'Structure model' 'Data collection'         
7  3 'Structure model' 'Database references'     
8  3 'Structure model' 'Derived calculations'    
9  3 'Structure model' 'Refinement description'  
10 3 'Structure model' 'Structure summary'       
11 4 'Structure model' 'Structure summary'       
# 
loop_
_pdbx_audit_revision_category.ordinal 
_pdbx_audit_revision_category.revision_ordinal 
_pdbx_audit_revision_category.data_content_type 
_pdbx_audit_revision_category.category 
1  2 'Structure model' atom_site                     
2  2 'Structure model' chem_comp                     
3  2 'Structure model' diffrn_source                 
4  2 'Structure model' entity                        
5  2 'Structure model' pdbx_branch_scheme            
6  2 'Structure model' pdbx_chem_comp_identifier     
7  2 'Structure model' pdbx_entity_branch            
8  2 'Structure model' pdbx_entity_branch_descriptor 
9  2 'Structure model' pdbx_entity_branch_link       
10 2 'Structure model' pdbx_entity_branch_list       
11 2 'Structure model' pdbx_entity_nonpoly           
12 2 'Structure model' pdbx_nonpoly_scheme           
13 2 'Structure model' pdbx_struct_assembly_gen      
14 2 'Structure model' struct_asym                   
15 2 'Structure model' struct_conn                   
16 2 'Structure model' struct_site                   
17 2 'Structure model' struct_site_gen               
18 3 'Structure model' chem_comp                     
19 3 'Structure model' chem_comp_atom                
20 3 'Structure model' chem_comp_bond                
21 3 'Structure model' database_2                    
22 3 'Structure model' pdbx_initial_refinement_model 
23 3 'Structure model' struct_conn                   
24 4 'Structure model' pdbx_entry_details            
25 4 'Structure model' pdbx_modification_feature     
# 
loop_
_pdbx_audit_revision_item.ordinal 
_pdbx_audit_revision_item.revision_ordinal 
_pdbx_audit_revision_item.data_content_type 
_pdbx_audit_revision_item.item 
1  2 'Structure model' '_atom_site.B_iso_or_equiv'              
2  2 'Structure model' '_atom_site.Cartn_x'                     
3  2 'Structure model' '_atom_site.Cartn_y'                     
4  2 'Structure model' '_atom_site.Cartn_z'                     
5  2 'Structure model' '_atom_site.auth_asym_id'                
6  2 'Structure model' '_atom_site.auth_atom_id'                
7  2 'Structure model' '_atom_site.auth_comp_id'                
8  2 'Structure model' '_atom_site.auth_seq_id'                 
9  2 'Structure model' '_atom_site.label_asym_id'               
10 2 'Structure model' '_atom_site.label_atom_id'               
11 2 'Structure model' '_atom_site.label_comp_id'               
12 2 'Structure model' '_atom_site.label_entity_id'             
13 2 'Structure model' '_chem_comp.formula'                     
14 2 'Structure model' '_chem_comp.formula_weight'              
15 2 'Structure model' '_chem_comp.id'                          
16 2 'Structure model' '_chem_comp.mon_nstd_flag'               
17 2 'Structure model' '_chem_comp.name'                        
18 2 'Structure model' '_chem_comp.type'                        
19 2 'Structure model' '_diffrn_source.pdbx_synchrotron_site'   
20 2 'Structure model' '_pdbx_struct_assembly_gen.asym_id_list' 
21 3 'Structure model' '_chem_comp.pdbx_synonyms'               
22 3 'Structure model' '_database_2.pdbx_DOI'                   
23 3 'Structure model' '_database_2.pdbx_database_accession'    
24 3 'Structure model' '_struct_conn.pdbx_leaving_atom_flag'    
# 
_pdbx_database_status.status_code                     REL 
_pdbx_database_status.status_code_sf                  REL 
_pdbx_database_status.status_code_mr                  ? 
_pdbx_database_status.entry_id                        5T7I 
_pdbx_database_status.recvd_initial_deposition_date   2016-09-05 
_pdbx_database_status.SG_entry                        N 
_pdbx_database_status.deposit_site                    RCSB 
_pdbx_database_status.process_site                    RCSB 
_pdbx_database_status.status_code_cs                  ? 
_pdbx_database_status.methods_development_category    ? 
_pdbx_database_status.pdb_format_compatible           Y 
_pdbx_database_status.status_code_nmr_data            ? 
# 
loop_
_pdbx_database_related.db_name 
_pdbx_database_related.details 
_pdbx_database_related.db_id 
_pdbx_database_related.content_type 
PDB . 5T7S unspecified 
PDB . 5T7T unspecified 
PDB . 5T7U unspecified 
# 
loop_
_audit_author.name 
_audit_author.pdbx_ordinal 
'Bohari, M.H.'  1 
'Yu, X.'        2 
'Blanchard, H.' 3 
# 
_citation.abstract                  ? 
_citation.abstract_id_CAS           ? 
_citation.book_id_ISBN              ? 
_citation.book_publisher            ? 
_citation.book_publisher_city       ? 
_citation.book_title                ? 
_citation.coordinate_linkage        ? 
_citation.country                   UK 
_citation.database_id_Medline       ? 
_citation.details                   ? 
_citation.id                        primary 
_citation.journal_abbrev            'Sci Rep' 
_citation.journal_id_ASTM           ? 
_citation.journal_id_CSD            ? 
_citation.journal_id_ISSN           2045-2322 
_citation.journal_full              ? 
_citation.journal_issue             ? 
_citation.journal_volume            6 
_citation.language                  ? 
_citation.page_first                39556 
_citation.page_last                 39556 
_citation.title                     
;Structure-based rationale for differential recognition of lacto- and neolacto- series glycosphingolipids by the N-terminal domain of human galectin-8.
;
_citation.year                      2016 
_citation.database_id_CSD           ? 
_citation.pdbx_database_id_DOI      10.1038/srep39556 
_citation.pdbx_database_id_PubMed   28000747 
_citation.unpublished_flag          ? 
# 
loop_
_citation_author.citation_id 
_citation_author.name 
_citation_author.ordinal 
_citation_author.identifier_ORCID 
primary 'Bohari, M.H.'  1 ? 
primary 'Yu, X.'        2 ? 
primary 'Zick, Y.'      3 ? 
primary 'Blanchard, H.' 4 ? 
# 
loop_
_entity.id 
_entity.type 
_entity.src_method 
_entity.pdbx_description 
_entity.formula_weight 
_entity.pdbx_number_of_molecules 
_entity.pdbx_ec 
_entity.pdbx_mutation 
_entity.pdbx_fragment 
_entity.details 
1 polymer  man Galectin-8 17586.322 1   ? ? 'N-terminal Domaine (UNP residues 1-155)' ? 
2 branched man 
'beta-D-galactopyranose-(1-4)-2-acetamido-2-deoxy-beta-D-glucopyranose-(1-3)-beta-D-galactopyranose-(1-4)-beta-D-glucopyranose' 
707.630   1   ? ? ?                                         ? 
3 water    nat water 18.015    177 ? ? ?                                         ? 
# 
_entity_name_com.entity_id   1 
_entity_name_com.name        'Gal-8,Po66 carbohydrate-binding protein,Po66-CBP,Prostate carcinoma tumor antigen 1,PCTA-1' 
# 
_entity_poly.entity_id                      1 
_entity_poly.type                           'polypeptide(L)' 
_entity_poly.nstd_linkage                   no 
_entity_poly.nstd_monomer                   yes 
_entity_poly.pdbx_seq_one_letter_code       
;MMLSLNNLQNIIYNPVIPFVGTIPDQLDPGTLIVIRGHVPSDADRFQVDLQNGSSVKPRADVAFHFNPRFKRAG(CME)I
VCNTLINEKWGREEITYDTPFKREKSFEIVIMVLKDKFQVAVNGKHTLLYGHRIGPEKIDTLGIYGKVNIHSIGFSFSS
;
_entity_poly.pdbx_seq_one_letter_code_can   
;MMLSLNNLQNIIYNPVIPFVGTIPDQLDPGTLIVIRGHVPSDADRFQVDLQNGSSVKPRADVAFHFNPRFKRAGCIVCNT
LINEKWGREEITYDTPFKREKSFEIVIMVLKDKFQVAVNGKHTLLYGHRIGPEKIDTLGIYGKVNIHSIGFSFSS
;
_entity_poly.pdbx_strand_id                 A 
_entity_poly.pdbx_target_identifier         ? 
# 
_pdbx_entity_nonpoly.entity_id   3 
_pdbx_entity_nonpoly.name        water 
_pdbx_entity_nonpoly.comp_id     HOH 
# 
loop_
_entity_poly_seq.entity_id 
_entity_poly_seq.num 
_entity_poly_seq.mon_id 
_entity_poly_seq.hetero 
1 1   MET n 
1 2   MET n 
1 3   LEU n 
1 4   SER n 
1 5   LEU n 
1 6   ASN n 
1 7   ASN n 
1 8   LEU n 
1 9   GLN n 
1 10  ASN n 
1 11  ILE n 
1 12  ILE n 
1 13  TYR n 
1 14  ASN n 
1 15  PRO n 
1 16  VAL n 
1 17  ILE n 
1 18  PRO n 
1 19  PHE n 
1 20  VAL n 
1 21  GLY n 
1 22  THR n 
1 23  ILE n 
1 24  PRO n 
1 25  ASP n 
1 26  GLN n 
1 27  LEU n 
1 28  ASP n 
1 29  PRO n 
1 30  GLY n 
1 31  THR n 
1 32  LEU n 
1 33  ILE n 
1 34  VAL n 
1 35  ILE n 
1 36  ARG n 
1 37  GLY n 
1 38  HIS n 
1 39  VAL n 
1 40  PRO n 
1 41  SER n 
1 42  ASP n 
1 43  ALA n 
1 44  ASP n 
1 45  ARG n 
1 46  PHE n 
1 47  GLN n 
1 48  VAL n 
1 49  ASP n 
1 50  LEU n 
1 51  GLN n 
1 52  ASN n 
1 53  GLY n 
1 54  SER n 
1 55  SER n 
1 56  VAL n 
1 57  LYS n 
1 58  PRO n 
1 59  ARG n 
1 60  ALA n 
1 61  ASP n 
1 62  VAL n 
1 63  ALA n 
1 64  PHE n 
1 65  HIS n 
1 66  PHE n 
1 67  ASN n 
1 68  PRO n 
1 69  ARG n 
1 70  PHE n 
1 71  LYS n 
1 72  ARG n 
1 73  ALA n 
1 74  GLY n 
1 75  CME n 
1 76  ILE n 
1 77  VAL n 
1 78  CYS n 
1 79  ASN n 
1 80  THR n 
1 81  LEU n 
1 82  ILE n 
1 83  ASN n 
1 84  GLU n 
1 85  LYS n 
1 86  TRP n 
1 87  GLY n 
1 88  ARG n 
1 89  GLU n 
1 90  GLU n 
1 91  ILE n 
1 92  THR n 
1 93  TYR n 
1 94  ASP n 
1 95  THR n 
1 96  PRO n 
1 97  PHE n 
1 98  LYS n 
1 99  ARG n 
1 100 GLU n 
1 101 LYS n 
1 102 SER n 
1 103 PHE n 
1 104 GLU n 
1 105 ILE n 
1 106 VAL n 
1 107 ILE n 
1 108 MET n 
1 109 VAL n 
1 110 LEU n 
1 111 LYS n 
1 112 ASP n 
1 113 LYS n 
1 114 PHE n 
1 115 GLN n 
1 116 VAL n 
1 117 ALA n 
1 118 VAL n 
1 119 ASN n 
1 120 GLY n 
1 121 LYS n 
1 122 HIS n 
1 123 THR n 
1 124 LEU n 
1 125 LEU n 
1 126 TYR n 
1 127 GLY n 
1 128 HIS n 
1 129 ARG n 
1 130 ILE n 
1 131 GLY n 
1 132 PRO n 
1 133 GLU n 
1 134 LYS n 
1 135 ILE n 
1 136 ASP n 
1 137 THR n 
1 138 LEU n 
1 139 GLY n 
1 140 ILE n 
1 141 TYR n 
1 142 GLY n 
1 143 LYS n 
1 144 VAL n 
1 145 ASN n 
1 146 ILE n 
1 147 HIS n 
1 148 SER n 
1 149 ILE n 
1 150 GLY n 
1 151 PHE n 
1 152 SER n 
1 153 PHE n 
1 154 SER n 
1 155 SER n 
# 
_entity_src_gen.entity_id                          1 
_entity_src_gen.pdbx_src_id                        1 
_entity_src_gen.pdbx_alt_source_flag               sample 
_entity_src_gen.pdbx_seq_type                      'Biological sequence' 
_entity_src_gen.pdbx_beg_seq_num                   1 
_entity_src_gen.pdbx_end_seq_num                   155 
_entity_src_gen.gene_src_common_name               Human 
_entity_src_gen.gene_src_genus                     ? 
_entity_src_gen.pdbx_gene_src_gene                 LGALS8 
_entity_src_gen.gene_src_species                   ? 
_entity_src_gen.gene_src_strain                    ? 
_entity_src_gen.gene_src_tissue                    ? 
_entity_src_gen.gene_src_tissue_fraction           ? 
_entity_src_gen.gene_src_details                   ? 
_entity_src_gen.pdbx_gene_src_fragment             ? 
_entity_src_gen.pdbx_gene_src_scientific_name      'Homo sapiens' 
_entity_src_gen.pdbx_gene_src_ncbi_taxonomy_id     9606 
_entity_src_gen.pdbx_gene_src_variant              ? 
_entity_src_gen.pdbx_gene_src_cell_line            ? 
_entity_src_gen.pdbx_gene_src_atcc                 ? 
_entity_src_gen.pdbx_gene_src_organ                ? 
_entity_src_gen.pdbx_gene_src_organelle            ? 
_entity_src_gen.pdbx_gene_src_cell                 ? 
_entity_src_gen.pdbx_gene_src_cellular_location    ? 
_entity_src_gen.host_org_common_name               ? 
_entity_src_gen.pdbx_host_org_scientific_name      'Escherichia coli' 
_entity_src_gen.pdbx_host_org_ncbi_taxonomy_id     562 
_entity_src_gen.host_org_genus                     ? 
_entity_src_gen.pdbx_host_org_gene                 ? 
_entity_src_gen.pdbx_host_org_organ                ? 
_entity_src_gen.host_org_species                   ? 
_entity_src_gen.pdbx_host_org_tissue               ? 
_entity_src_gen.pdbx_host_org_tissue_fraction      ? 
_entity_src_gen.pdbx_host_org_strain               ? 
_entity_src_gen.pdbx_host_org_variant              ? 
_entity_src_gen.pdbx_host_org_cell_line            ? 
_entity_src_gen.pdbx_host_org_atcc                 ? 
_entity_src_gen.pdbx_host_org_culture_collection   ? 
_entity_src_gen.pdbx_host_org_cell                 ? 
_entity_src_gen.pdbx_host_org_organelle            ? 
_entity_src_gen.pdbx_host_org_cellular_location    ? 
_entity_src_gen.pdbx_host_org_vector_type          ? 
_entity_src_gen.pdbx_host_org_vector               ? 
_entity_src_gen.host_org_details                   ? 
_entity_src_gen.expression_system_id               ? 
_entity_src_gen.plasmid_name                       ? 
_entity_src_gen.plasmid_details                    ? 
_entity_src_gen.pdbx_description                   ? 
# 
_pdbx_entity_branch.entity_id   2 
_pdbx_entity_branch.type        oligosaccharide 
# 
loop_
_pdbx_entity_branch_descriptor.ordinal 
_pdbx_entity_branch_descriptor.entity_id 
_pdbx_entity_branch_descriptor.descriptor 
_pdbx_entity_branch_descriptor.type 
_pdbx_entity_branch_descriptor.program 
_pdbx_entity_branch_descriptor.program_version 
1 2 DGalpb1-4DGlcpNAcb1-3DGalpb1-4DGlcpb1-ROH                                                           
'Glycam Condensed Sequence' GMML       1.0   
2 2 'WURCS=2.0/3,4,3/[a2122h-1b_1-5][a2112h-1b_1-5][a2122h-1b_1-5_2*NCC/3=O]/1-2-3-2/a4-b1_b3-c1_c4-d1' WURCS PDB2Glycan 1.1.0 
3 2 '[][b-D-Glcp]{[(4+1)][b-D-Galp]{[(3+1)][b-D-GlcpNAc]{[(4+1)][b-D-Galp]{}}}}'                        LINUCS PDB-CARE   ?     
# 
loop_
_pdbx_entity_branch_link.link_id 
_pdbx_entity_branch_link.entity_id 
_pdbx_entity_branch_link.entity_branch_list_num_1 
_pdbx_entity_branch_link.comp_id_1 
_pdbx_entity_branch_link.atom_id_1 
_pdbx_entity_branch_link.leaving_atom_id_1 
_pdbx_entity_branch_link.entity_branch_list_num_2 
_pdbx_entity_branch_link.comp_id_2 
_pdbx_entity_branch_link.atom_id_2 
_pdbx_entity_branch_link.leaving_atom_id_2 
_pdbx_entity_branch_link.value_order 
_pdbx_entity_branch_link.details 
1 2 2 GAL C1 O1 1 BGC O4 HO4 sing ? 
2 2 3 NAG C1 O1 2 GAL O3 HO3 sing ? 
3 2 4 GAL C1 O1 3 NAG O4 HO4 sing ? 
# 
loop_
_chem_comp.id 
_chem_comp.type 
_chem_comp.mon_nstd_flag 
_chem_comp.name 
_chem_comp.pdbx_synonyms 
_chem_comp.formula 
_chem_comp.formula_weight 
ALA 'L-peptide linking'          y ALANINE                                  ? 'C3 H7 N O2'     89.093  
ARG 'L-peptide linking'          y ARGININE                                 ? 'C6 H15 N4 O2 1' 175.209 
ASN 'L-peptide linking'          y ASPARAGINE                               ? 'C4 H8 N2 O3'    132.118 
ASP 'L-peptide linking'          y 'ASPARTIC ACID'                          ? 'C4 H7 N O4'     133.103 
BGC 'D-saccharide, beta linking' . beta-D-glucopyranose                     'beta-D-glucose; D-glucose; glucose' 'C6 H12 O6'      
180.156 
CME 'L-peptide linking'          n 'S,S-(2-HYDROXYETHYL)THIOCYSTEINE'       ? 'C5 H11 N O3 S2' 197.276 
CYS 'L-peptide linking'          y CYSTEINE                                 ? 'C3 H7 N O2 S'   121.158 
GAL 'D-saccharide, beta linking' . beta-D-galactopyranose                   'beta-D-galactose; D-galactose; galactose' 'C6 H12 O6' 
180.156 
GLN 'L-peptide linking'          y GLUTAMINE                                ? 'C5 H10 N2 O3'   146.144 
GLU 'L-peptide linking'          y 'GLUTAMIC ACID'                          ? 'C5 H9 N O4'     147.129 
GLY 'peptide linking'            y GLYCINE                                  ? 'C2 H5 N O2'     75.067  
HIS 'L-peptide linking'          y HISTIDINE                                ? 'C6 H10 N3 O2 1' 156.162 
HOH non-polymer                  . WATER                                    ? 'H2 O'           18.015  
ILE 'L-peptide linking'          y ISOLEUCINE                               ? 'C6 H13 N O2'    131.173 
LEU 'L-peptide linking'          y LEUCINE                                  ? 'C6 H13 N O2'    131.173 
LYS 'L-peptide linking'          y LYSINE                                   ? 'C6 H15 N2 O2 1' 147.195 
MET 'L-peptide linking'          y METHIONINE                               ? 'C5 H11 N O2 S'  149.211 
NAG 'D-saccharide, beta linking' . 2-acetamido-2-deoxy-beta-D-glucopyranose 
;N-acetyl-beta-D-glucosamine; 2-acetamido-2-deoxy-beta-D-glucose; 2-acetamido-2-deoxy-D-glucose; 2-acetamido-2-deoxy-glucose; N-ACETYL-D-GLUCOSAMINE
;
'C8 H15 N O6'    221.208 
PHE 'L-peptide linking'          y PHENYLALANINE                            ? 'C9 H11 N O2'    165.189 
PRO 'L-peptide linking'          y PROLINE                                  ? 'C5 H9 N O2'     115.130 
SER 'L-peptide linking'          y SERINE                                   ? 'C3 H7 N O3'     105.093 
THR 'L-peptide linking'          y THREONINE                                ? 'C4 H9 N O3'     119.119 
TRP 'L-peptide linking'          y TRYPTOPHAN                               ? 'C11 H12 N2 O2'  204.225 
TYR 'L-peptide linking'          y TYROSINE                                 ? 'C9 H11 N O3'    181.189 
VAL 'L-peptide linking'          y VALINE                                   ? 'C5 H11 N O2'    117.146 
# 
loop_
_pdbx_chem_comp_identifier.comp_id 
_pdbx_chem_comp_identifier.type 
_pdbx_chem_comp_identifier.program 
_pdbx_chem_comp_identifier.program_version 
_pdbx_chem_comp_identifier.identifier 
BGC 'CONDENSED IUPAC CARBOHYDRATE SYMBOL' GMML     1.0 DGlcpb                         
BGC 'COMMON NAME'                         GMML     1.0 b-D-glucopyranose              
BGC 'IUPAC CARBOHYDRATE SYMBOL'           PDB-CARE 1.0 b-D-Glcp                       
BGC 'SNFG CARBOHYDRATE SYMBOL'            GMML     1.0 Glc                            
GAL 'CONDENSED IUPAC CARBOHYDRATE SYMBOL' GMML     1.0 DGalpb                         
GAL 'COMMON NAME'                         GMML     1.0 b-D-galactopyranose            
GAL 'IUPAC CARBOHYDRATE SYMBOL'           PDB-CARE 1.0 b-D-Galp                       
GAL 'SNFG CARBOHYDRATE SYMBOL'            GMML     1.0 Gal                            
NAG 'CONDENSED IUPAC CARBOHYDRATE SYMBOL' GMML     1.0 DGlcpNAcb                      
NAG 'COMMON NAME'                         GMML     1.0 N-acetyl-b-D-glucopyranosamine 
NAG 'IUPAC CARBOHYDRATE SYMBOL'           PDB-CARE 1.0 b-D-GlcpNAc                    
NAG 'SNFG CARBOHYDRATE SYMBOL'            GMML     1.0 GlcNAc                         
# 
loop_
_pdbx_poly_seq_scheme.asym_id 
_pdbx_poly_seq_scheme.entity_id 
_pdbx_poly_seq_scheme.seq_id 
_pdbx_poly_seq_scheme.mon_id 
_pdbx_poly_seq_scheme.ndb_seq_num 
_pdbx_poly_seq_scheme.pdb_seq_num 
_pdbx_poly_seq_scheme.auth_seq_num 
_pdbx_poly_seq_scheme.pdb_mon_id 
_pdbx_poly_seq_scheme.auth_mon_id 
_pdbx_poly_seq_scheme.pdb_strand_id 
_pdbx_poly_seq_scheme.pdb_ins_code 
_pdbx_poly_seq_scheme.hetero 
A 1 1   MET 1   1   ?   ?   ?   A . n 
A 1 2   MET 2   2   ?   ?   ?   A . n 
A 1 3   LEU 3   3   ?   ?   ?   A . n 
A 1 4   SER 4   4   ?   ?   ?   A . n 
A 1 5   LEU 5   5   ?   ?   ?   A . n 
A 1 6   ASN 6   6   ?   ?   ?   A . n 
A 1 7   ASN 7   7   ?   ?   ?   A . n 
A 1 8   LEU 8   8   8   LEU LEU A . n 
A 1 9   GLN 9   9   9   GLN GLN A . n 
A 1 10  ASN 10  10  10  ASN ASN A . n 
A 1 11  ILE 11  11  11  ILE ILE A . n 
A 1 12  ILE 12  12  12  ILE ILE A . n 
A 1 13  TYR 13  13  13  TYR TYR A . n 
A 1 14  ASN 14  14  14  ASN ASN A . n 
A 1 15  PRO 15  15  15  PRO PRO A . n 
A 1 16  VAL 16  16  16  VAL VAL A . n 
A 1 17  ILE 17  17  17  ILE ILE A . n 
A 1 18  PRO 18  18  18  PRO PRO A . n 
A 1 19  PHE 19  19  19  PHE PHE A . n 
A 1 20  VAL 20  20  20  VAL VAL A . n 
A 1 21  GLY 21  21  21  GLY GLY A . n 
A 1 22  THR 22  22  22  THR THR A . n 
A 1 23  ILE 23  23  23  ILE ILE A . n 
A 1 24  PRO 24  24  24  PRO PRO A . n 
A 1 25  ASP 25  25  25  ASP ASP A . n 
A 1 26  GLN 26  26  26  GLN GLN A . n 
A 1 27  LEU 27  27  27  LEU LEU A . n 
A 1 28  ASP 28  28  28  ASP ASP A . n 
A 1 29  PRO 29  29  29  PRO PRO A . n 
A 1 30  GLY 30  30  30  GLY GLY A . n 
A 1 31  THR 31  31  31  THR THR A . n 
A 1 32  LEU 32  32  32  LEU LEU A . n 
A 1 33  ILE 33  33  33  ILE ILE A . n 
A 1 34  VAL 34  34  34  VAL VAL A . n 
A 1 35  ILE 35  35  35  ILE ILE A . n 
A 1 36  ARG 36  36  36  ARG ARG A . n 
A 1 37  GLY 37  37  37  GLY GLY A . n 
A 1 38  HIS 38  38  38  HIS HIS A . n 
A 1 39  VAL 39  39  39  VAL VAL A . n 
A 1 40  PRO 40  40  40  PRO PRO A . n 
A 1 41  SER 41  41  41  SER SER A . n 
A 1 42  ASP 42  42  42  ASP ASP A . n 
A 1 43  ALA 43  43  43  ALA ALA A . n 
A 1 44  ASP 44  44  44  ASP ASP A . n 
A 1 45  ARG 45  45  45  ARG ARG A . n 
A 1 46  PHE 46  46  46  PHE PHE A . n 
A 1 47  GLN 47  47  47  GLN GLN A . n 
A 1 48  VAL 48  48  48  VAL VAL A . n 
A 1 49  ASP 49  49  49  ASP ASP A . n 
A 1 50  LEU 50  50  50  LEU LEU A . n 
A 1 51  GLN 51  51  51  GLN GLN A . n 
A 1 52  ASN 52  52  52  ASN ASN A . n 
A 1 53  GLY 53  53  53  GLY GLY A . n 
A 1 54  SER 54  54  54  SER SER A . n 
A 1 55  SER 55  55  55  SER SER A . n 
A 1 56  VAL 56  56  56  VAL VAL A . n 
A 1 57  LYS 57  57  57  LYS LYS A . n 
A 1 58  PRO 58  58  58  PRO PRO A . n 
A 1 59  ARG 59  59  59  ARG ARG A . n 
A 1 60  ALA 60  60  60  ALA ALA A . n 
A 1 61  ASP 61  61  61  ASP ASP A . n 
A 1 62  VAL 62  62  62  VAL VAL A . n 
A 1 63  ALA 63  63  63  ALA ALA A . n 
A 1 64  PHE 64  64  64  PHE PHE A . n 
A 1 65  HIS 65  65  65  HIS HIS A . n 
A 1 66  PHE 66  66  66  PHE PHE A . n 
A 1 67  ASN 67  67  67  ASN ASN A . n 
A 1 68  PRO 68  68  68  PRO PRO A . n 
A 1 69  ARG 69  69  69  ARG ARG A . n 
A 1 70  PHE 70  70  70  PHE PHE A . n 
A 1 71  LYS 71  71  71  LYS LYS A . n 
A 1 72  ARG 72  72  72  ARG ARG A . n 
A 1 73  ALA 73  73  73  ALA ALA A . n 
A 1 74  GLY 74  74  74  GLY GLY A . n 
A 1 75  CME 75  75  75  CME CME A . n 
A 1 76  ILE 76  76  76  ILE ILE A . n 
A 1 77  VAL 77  77  77  VAL VAL A . n 
A 1 78  CYS 78  78  78  CYS CYS A . n 
A 1 79  ASN 79  79  79  ASN ASN A . n 
A 1 80  THR 80  80  80  THR THR A . n 
A 1 81  LEU 81  81  81  LEU LEU A . n 
A 1 82  ILE 82  82  82  ILE ILE A . n 
A 1 83  ASN 83  83  83  ASN ASN A . n 
A 1 84  GLU 84  84  84  GLU GLU A . n 
A 1 85  LYS 85  85  85  LYS LYS A . n 
A 1 86  TRP 86  86  86  TRP TRP A . n 
A 1 87  GLY 87  87  87  GLY GLY A . n 
A 1 88  ARG 88  88  88  ARG ARG A . n 
A 1 89  GLU 89  89  89  GLU GLU A . n 
A 1 90  GLU 90  90  90  GLU GLU A . n 
A 1 91  ILE 91  91  91  ILE ILE A . n 
A 1 92  THR 92  92  92  THR THR A . n 
A 1 93  TYR 93  93  93  TYR TYR A . n 
A 1 94  ASP 94  94  94  ASP ASP A . n 
A 1 95  THR 95  95  95  THR THR A . n 
A 1 96  PRO 96  96  96  PRO PRO A . n 
A 1 97  PHE 97  97  97  PHE PHE A . n 
A 1 98  LYS 98  98  98  LYS LYS A . n 
A 1 99  ARG 99  99  99  ARG ARG A . n 
A 1 100 GLU 100 100 100 GLU GLU A . n 
A 1 101 LYS 101 101 101 LYS LYS A . n 
A 1 102 SER 102 102 102 SER SER A . n 
A 1 103 PHE 103 103 103 PHE PHE A . n 
A 1 104 GLU 104 104 104 GLU GLU A . n 
A 1 105 ILE 105 105 105 ILE ILE A . n 
A 1 106 VAL 106 106 106 VAL VAL A . n 
A 1 107 ILE 107 107 107 ILE ILE A . n 
A 1 108 MET 108 108 108 MET MET A . n 
A 1 109 VAL 109 109 109 VAL VAL A . n 
A 1 110 LEU 110 110 110 LEU LEU A . n 
A 1 111 LYS 111 111 111 LYS LYS A . n 
A 1 112 ASP 112 112 112 ASP ASP A . n 
A 1 113 LYS 113 113 113 LYS LYS A . n 
A 1 114 PHE 114 114 114 PHE PHE A . n 
A 1 115 GLN 115 115 115 GLN GLN A . n 
A 1 116 VAL 116 116 116 VAL VAL A . n 
A 1 117 ALA 117 117 117 ALA ALA A . n 
A 1 118 VAL 118 118 118 VAL VAL A . n 
A 1 119 ASN 119 119 119 ASN ASN A . n 
A 1 120 GLY 120 120 120 GLY GLY A . n 
A 1 121 LYS 121 121 121 LYS LYS A . n 
A 1 122 HIS 122 122 122 HIS HIS A . n 
A 1 123 THR 123 123 123 THR THR A . n 
A 1 124 LEU 124 124 124 LEU LEU A . n 
A 1 125 LEU 125 125 125 LEU LEU A . n 
A 1 126 TYR 126 126 126 TYR TYR A . n 
A 1 127 GLY 127 127 127 GLY GLY A . n 
A 1 128 HIS 128 128 128 HIS HIS A . n 
A 1 129 ARG 129 129 129 ARG ARG A . n 
A 1 130 ILE 130 130 130 ILE ILE A . n 
A 1 131 GLY 131 131 131 GLY GLY A . n 
A 1 132 PRO 132 132 132 PRO PRO A . n 
A 1 133 GLU 133 133 133 GLU GLU A . n 
A 1 134 LYS 134 134 134 LYS LYS A . n 
A 1 135 ILE 135 135 135 ILE ILE A . n 
A 1 136 ASP 136 136 136 ASP ASP A . n 
A 1 137 THR 137 137 137 THR THR A . n 
A 1 138 LEU 138 138 138 LEU LEU A . n 
A 1 139 GLY 139 139 139 GLY GLY A . n 
A 1 140 ILE 140 140 140 ILE ILE A . n 
A 1 141 TYR 141 141 141 TYR TYR A . n 
A 1 142 GLY 142 142 142 GLY GLY A . n 
A 1 143 LYS 143 143 143 LYS LYS A . n 
A 1 144 VAL 144 144 144 VAL VAL A . n 
A 1 145 ASN 145 145 145 ASN ASN A . n 
A 1 146 ILE 146 146 146 ILE ILE A . n 
A 1 147 HIS 147 147 147 HIS HIS A . n 
A 1 148 SER 148 148 148 SER SER A . n 
A 1 149 ILE 149 149 149 ILE ILE A . n 
A 1 150 GLY 150 150 150 GLY GLY A . n 
A 1 151 PHE 151 151 151 PHE PHE A . n 
A 1 152 SER 152 152 152 SER SER A . n 
A 1 153 PHE 153 153 153 PHE PHE A . n 
A 1 154 SER 154 154 154 SER SER A . n 
A 1 155 SER 155 155 ?   ?   ?   A . n 
# 
loop_
_pdbx_branch_scheme.asym_id 
_pdbx_branch_scheme.entity_id 
_pdbx_branch_scheme.mon_id 
_pdbx_branch_scheme.num 
_pdbx_branch_scheme.pdb_asym_id 
_pdbx_branch_scheme.pdb_mon_id 
_pdbx_branch_scheme.pdb_seq_num 
_pdbx_branch_scheme.auth_asym_id 
_pdbx_branch_scheme.auth_mon_id 
_pdbx_branch_scheme.auth_seq_num 
_pdbx_branch_scheme.hetero 
B 2 BGC 1 B BGC 1 B LAT 401 n 
B 2 GAL 2 B GAL 2 B LAT 401 n 
B 2 NAG 3 B NAG 3 B NAG 402 n 
B 2 GAL 4 B GAL 4 B GAL 403 n 
# 
loop_
_pdbx_nonpoly_scheme.asym_id 
_pdbx_nonpoly_scheme.entity_id 
_pdbx_nonpoly_scheme.mon_id 
_pdbx_nonpoly_scheme.ndb_seq_num 
_pdbx_nonpoly_scheme.pdb_seq_num 
_pdbx_nonpoly_scheme.auth_seq_num 
_pdbx_nonpoly_scheme.pdb_mon_id 
_pdbx_nonpoly_scheme.auth_mon_id 
_pdbx_nonpoly_scheme.pdb_strand_id 
_pdbx_nonpoly_scheme.pdb_ins_code 
C 3 HOH 1   501 164 HOH HOH A . 
C 3 HOH 2   502 209 HOH HOH A . 
C 3 HOH 3   503 8   HOH HOH A . 
C 3 HOH 4   504 92  HOH HOH A . 
C 3 HOH 5   505 244 HOH HOH A . 
C 3 HOH 6   506 61  HOH HOH A . 
C 3 HOH 7   507 71  HOH HOH A . 
C 3 HOH 8   508 216 HOH HOH A . 
C 3 HOH 9   509 69  HOH HOH A . 
C 3 HOH 10  510 231 HOH HOH A . 
C 3 HOH 11  511 100 HOH HOH A . 
C 3 HOH 12  512 50  HOH HOH A . 
C 3 HOH 13  513 240 HOH HOH A . 
C 3 HOH 14  514 148 HOH HOH A . 
C 3 HOH 15  515 224 HOH HOH A . 
C 3 HOH 16  516 65  HOH HOH A . 
C 3 HOH 17  517 110 HOH HOH A . 
C 3 HOH 18  518 88  HOH HOH A . 
C 3 HOH 19  519 214 HOH HOH A . 
C 3 HOH 20  520 45  HOH HOH A . 
C 3 HOH 21  521 220 HOH HOH A . 
C 3 HOH 22  522 28  HOH HOH A . 
C 3 HOH 23  523 212 HOH HOH A . 
C 3 HOH 24  524 56  HOH HOH A . 
C 3 HOH 25  525 91  HOH HOH A . 
C 3 HOH 26  526 35  HOH HOH A . 
C 3 HOH 27  527 55  HOH HOH A . 
C 3 HOH 28  528 223 HOH HOH A . 
C 3 HOH 29  529 159 HOH HOH A . 
C 3 HOH 30  530 38  HOH HOH A . 
C 3 HOH 31  531 6   HOH HOH A . 
C 3 HOH 32  532 48  HOH HOH A . 
C 3 HOH 33  533 85  HOH HOH A . 
C 3 HOH 34  534 37  HOH HOH A . 
C 3 HOH 35  535 5   HOH HOH A . 
C 3 HOH 36  536 26  HOH HOH A . 
C 3 HOH 37  537 229 HOH HOH A . 
C 3 HOH 38  538 3   HOH HOH A . 
C 3 HOH 39  539 51  HOH HOH A . 
C 3 HOH 40  540 40  HOH HOH A . 
C 3 HOH 41  541 158 HOH HOH A . 
C 3 HOH 42  542 215 HOH HOH A . 
C 3 HOH 43  543 7   HOH HOH A . 
C 3 HOH 44  544 47  HOH HOH A . 
C 3 HOH 45  545 207 HOH HOH A . 
C 3 HOH 46  546 18  HOH HOH A . 
C 3 HOH 47  547 79  HOH HOH A . 
C 3 HOH 48  548 211 HOH HOH A . 
C 3 HOH 49  549 4   HOH HOH A . 
C 3 HOH 50  550 116 HOH HOH A . 
C 3 HOH 51  551 208 HOH HOH A . 
C 3 HOH 52  552 64  HOH HOH A . 
C 3 HOH 53  553 62  HOH HOH A . 
C 3 HOH 54  554 30  HOH HOH A . 
C 3 HOH 55  555 36  HOH HOH A . 
C 3 HOH 56  556 127 HOH HOH A . 
C 3 HOH 57  557 13  HOH HOH A . 
C 3 HOH 58  558 42  HOH HOH A . 
C 3 HOH 59  559 81  HOH HOH A . 
C 3 HOH 60  560 156 HOH HOH A . 
C 3 HOH 61  561 19  HOH HOH A . 
C 3 HOH 62  562 27  HOH HOH A . 
C 3 HOH 63  563 72  HOH HOH A . 
C 3 HOH 64  564 21  HOH HOH A . 
C 3 HOH 65  565 23  HOH HOH A . 
C 3 HOH 66  566 32  HOH HOH A . 
C 3 HOH 67  567 87  HOH HOH A . 
C 3 HOH 68  568 199 HOH HOH A . 
C 3 HOH 69  569 193 HOH HOH A . 
C 3 HOH 70  570 239 HOH HOH A . 
C 3 HOH 71  571 11  HOH HOH A . 
C 3 HOH 72  572 15  HOH HOH A . 
C 3 HOH 73  573 20  HOH HOH A . 
C 3 HOH 74  574 78  HOH HOH A . 
C 3 HOH 75  575 250 HOH HOH A . 
C 3 HOH 76  576 218 HOH HOH A . 
C 3 HOH 77  577 17  HOH HOH A . 
C 3 HOH 78  578 138 HOH HOH A . 
C 3 HOH 79  579 63  HOH HOH A . 
C 3 HOH 80  580 120 HOH HOH A . 
C 3 HOH 81  581 219 HOH HOH A . 
C 3 HOH 82  582 22  HOH HOH A . 
C 3 HOH 83  583 238 HOH HOH A . 
C 3 HOH 84  584 121 HOH HOH A . 
C 3 HOH 85  585 232 HOH HOH A . 
C 3 HOH 86  586 251 HOH HOH A . 
C 3 HOH 87  587 128 HOH HOH A . 
C 3 HOH 88  588 206 HOH HOH A . 
C 3 HOH 89  589 54  HOH HOH A . 
C 3 HOH 90  590 170 HOH HOH A . 
C 3 HOH 91  591 260 HOH HOH A . 
C 3 HOH 92  592 167 HOH HOH A . 
C 3 HOH 93  593 31  HOH HOH A . 
C 3 HOH 94  594 29  HOH HOH A . 
C 3 HOH 95  595 43  HOH HOH A . 
C 3 HOH 96  596 188 HOH HOH A . 
C 3 HOH 97  597 49  HOH HOH A . 
C 3 HOH 98  598 57  HOH HOH A . 
C 3 HOH 99  599 16  HOH HOH A . 
C 3 HOH 100 600 149 HOH HOH A . 
C 3 HOH 101 601 70  HOH HOH A . 
C 3 HOH 102 602 58  HOH HOH A . 
C 3 HOH 103 603 39  HOH HOH A . 
C 3 HOH 104 604 241 HOH HOH A . 
C 3 HOH 105 605 173 HOH HOH A . 
C 3 HOH 106 606 253 HOH HOH A . 
C 3 HOH 107 607 130 HOH HOH A . 
C 3 HOH 108 608 25  HOH HOH A . 
C 3 HOH 109 609 46  HOH HOH A . 
C 3 HOH 110 610 77  HOH HOH A . 
C 3 HOH 111 611 86  HOH HOH A . 
C 3 HOH 112 612 14  HOH HOH A . 
C 3 HOH 113 613 221 HOH HOH A . 
C 3 HOH 114 614 105 HOH HOH A . 
C 3 HOH 115 615 258 HOH HOH A . 
C 3 HOH 116 616 60  HOH HOH A . 
C 3 HOH 117 617 154 HOH HOH A . 
C 3 HOH 118 618 233 HOH HOH A . 
C 3 HOH 119 619 190 HOH HOH A . 
C 3 HOH 120 620 98  HOH HOH A . 
C 3 HOH 121 621 34  HOH HOH A . 
C 3 HOH 122 622 256 HOH HOH A . 
C 3 HOH 123 623 248 HOH HOH A . 
C 3 HOH 124 624 249 HOH HOH A . 
C 3 HOH 125 625 12  HOH HOH A . 
C 3 HOH 126 626 33  HOH HOH A . 
C 3 HOH 127 627 113 HOH HOH A . 
C 3 HOH 128 628 153 HOH HOH A . 
C 3 HOH 129 629 245 HOH HOH A . 
C 3 HOH 130 630 129 HOH HOH A . 
C 3 HOH 131 631 252 HOH HOH A . 
C 3 HOH 132 632 41  HOH HOH A . 
C 3 HOH 133 633 178 HOH HOH A . 
C 3 HOH 134 634 261 HOH HOH A . 
C 3 HOH 135 635 142 HOH HOH A . 
C 3 HOH 136 636 201 HOH HOH A . 
C 3 HOH 137 637 143 HOH HOH A . 
C 3 HOH 138 638 145 HOH HOH A . 
C 3 HOH 139 639 52  HOH HOH A . 
C 3 HOH 140 640 106 HOH HOH A . 
C 3 HOH 141 641 237 HOH HOH A . 
C 3 HOH 142 642 171 HOH HOH A . 
C 3 HOH 143 643 254 HOH HOH A . 
C 3 HOH 144 644 177 HOH HOH A . 
C 3 HOH 145 645 186 HOH HOH A . 
C 3 HOH 146 646 90  HOH HOH A . 
C 3 HOH 147 647 257 HOH HOH A . 
C 3 HOH 148 648 189 HOH HOH A . 
C 3 HOH 149 649 66  HOH HOH A . 
C 3 HOH 150 650 112 HOH HOH A . 
C 3 HOH 151 651 181 HOH HOH A . 
C 3 HOH 152 652 44  HOH HOH A . 
C 3 HOH 153 653 137 HOH HOH A . 
C 3 HOH 154 654 236 HOH HOH A . 
C 3 HOH 155 655 255 HOH HOH A . 
C 3 HOH 156 656 235 HOH HOH A . 
C 3 HOH 157 657 247 HOH HOH A . 
C 3 HOH 158 658 187 HOH HOH A . 
C 3 HOH 159 659 246 HOH HOH A . 
C 3 HOH 160 660 179 HOH HOH A . 
C 3 HOH 161 661 68  HOH HOH A . 
C 3 HOH 162 662 210 HOH HOH A . 
C 3 HOH 163 663 123 HOH HOH A . 
C 3 HOH 164 664 180 HOH HOH A . 
C 3 HOH 165 665 242 HOH HOH A . 
C 3 HOH 166 666 166 HOH HOH A . 
C 3 HOH 167 667 75  HOH HOH A . 
C 3 HOH 168 668 102 HOH HOH A . 
C 3 HOH 169 669 228 HOH HOH A . 
C 3 HOH 170 670 182 HOH HOH A . 
C 3 HOH 171 671 222 HOH HOH A . 
C 3 HOH 172 672 126 HOH HOH A . 
C 3 HOH 173 673 203 HOH HOH A . 
C 3 HOH 174 674 183 HOH HOH A . 
C 3 HOH 175 675 234 HOH HOH A . 
C 3 HOH 176 676 134 HOH HOH A . 
C 3 HOH 177 677 76  HOH HOH A . 
# 
loop_
_software.citation_id 
_software.classification 
_software.compiler_name 
_software.compiler_version 
_software.contact_author 
_software.contact_author_email 
_software.date 
_software.description 
_software.dependencies 
_software.hardware 
_software.language 
_software.location 
_software.mods 
_software.name 
_software.os 
_software.os_version 
_software.type 
_software.version 
_software.pdbx_ordinal 
? refinement       ? ? ? ? ? ? ? ? ? ? ? REFMAC  ? ? ? 5.8.0135 1 
? 'data reduction' ? ? ? ? ? ? ? ? ? ? ? iMOSFLM ? ? ? .        2 
? 'data scaling'   ? ? ? ? ? ? ? ? ? ? ? Aimless ? ? ? .        3 
? phasing          ? ? ? ? ? ? ? ? ? ? ? PHASER  ? ? ? .        4 
# 
_cell.entry_id           5T7I 
_cell.length_a           47.170 
_cell.length_b           50.140 
_cell.length_c           69.860 
_cell.angle_alpha        90.00 
_cell.angle_beta         90.00 
_cell.angle_gamma        90.00 
_cell.Z_PDB              4 
_cell.pdbx_unique_axis   ? 
# 
_symmetry.entry_id                         5T7I 
_symmetry.space_group_name_H-M             'P 21 21 21' 
_symmetry.pdbx_full_space_group_name_H-M   ? 
_symmetry.cell_setting                     ? 
_symmetry.Int_Tables_number                19 
# 
_exptl.absorpt_coefficient_mu     ? 
_exptl.absorpt_correction_T_max   ? 
_exptl.absorpt_correction_T_min   ? 
_exptl.absorpt_correction_type    ? 
_exptl.absorpt_process_details    ? 
_exptl.entry_id                   5T7I 
_exptl.crystals_number            1 
_exptl.details                    ? 
_exptl.method                     'X-RAY DIFFRACTION' 
_exptl.method_details             ? 
# 
_exptl_crystal.colour                      ? 
_exptl_crystal.density_diffrn              ? 
_exptl_crystal.density_Matthews            2.35 
_exptl_crystal.density_method              ? 
_exptl_crystal.density_percent_sol         47.63 
_exptl_crystal.description                 ? 
_exptl_crystal.F_000                       ? 
_exptl_crystal.id                          1 
_exptl_crystal.preparation                 ? 
_exptl_crystal.size_max                    ? 
_exptl_crystal.size_mid                    ? 
_exptl_crystal.size_min                    ? 
_exptl_crystal.size_rad                    ? 
_exptl_crystal.colour_lustre               ? 
_exptl_crystal.colour_modifier             ? 
_exptl_crystal.colour_primary              ? 
_exptl_crystal.density_meas                ? 
_exptl_crystal.density_meas_esd            ? 
_exptl_crystal.density_meas_gt             ? 
_exptl_crystal.density_meas_lt             ? 
_exptl_crystal.density_meas_temp           ? 
_exptl_crystal.density_meas_temp_esd       ? 
_exptl_crystal.density_meas_temp_gt        ? 
_exptl_crystal.density_meas_temp_lt        ? 
_exptl_crystal.pdbx_crystal_image_url      ? 
_exptl_crystal.pdbx_crystal_image_format   ? 
_exptl_crystal.pdbx_mosaicity              ? 
_exptl_crystal.pdbx_mosaicity_esd          ? 
# 
_exptl_crystal_grow.apparatus       ? 
_exptl_crystal_grow.atmosphere      ? 
_exptl_crystal_grow.crystal_id      1 
_exptl_crystal_grow.details         ? 
_exptl_crystal_grow.method          'VAPOR DIFFUSION, HANGING DROP' 
_exptl_crystal_grow.method_ref      ? 
_exptl_crystal_grow.pH              ? 
_exptl_crystal_grow.pressure        ? 
_exptl_crystal_grow.pressure_esd    ? 
_exptl_crystal_grow.seeding         ? 
_exptl_crystal_grow.seeding_ref     ? 
_exptl_crystal_grow.temp            293 
_exptl_crystal_grow.temp_details    ? 
_exptl_crystal_grow.temp_esd        ? 
_exptl_crystal_grow.time            ? 
_exptl_crystal_grow.pdbx_details    
'10 mM sodium phosphate, 137 mM sodium chloride, 2.7 mM potassium chloride, 1.8 mM potassium phosphate' 
_exptl_crystal_grow.pdbx_pH_range   ? 
# 
_diffrn.ambient_environment    ? 
_diffrn.ambient_temp           100 
_diffrn.ambient_temp_details   ? 
_diffrn.ambient_temp_esd       ? 
_diffrn.crystal_id             1 
_diffrn.crystal_support        ? 
_diffrn.crystal_treatment      ? 
_diffrn.details                ? 
_diffrn.id                     1 
_diffrn.ambient_pressure       ? 
_diffrn.ambient_pressure_esd   ? 
_diffrn.ambient_pressure_gt    ? 
_diffrn.ambient_pressure_lt    ? 
_diffrn.ambient_temp_gt        ? 
_diffrn.ambient_temp_lt        ? 
# 
_diffrn_detector.details                      ? 
_diffrn_detector.detector                     CCD 
_diffrn_detector.diffrn_id                    1 
_diffrn_detector.type                         'ADSC QUANTUM 210r' 
_diffrn_detector.area_resol_mean              ? 
_diffrn_detector.dtime                        ? 
_diffrn_detector.pdbx_frames_total            ? 
_diffrn_detector.pdbx_collection_time_total   ? 
_diffrn_detector.pdbx_collection_date         2015-10-15 
# 
_diffrn_radiation.collimation                      ? 
_diffrn_radiation.diffrn_id                        1 
_diffrn_radiation.filter_edge                      ? 
_diffrn_radiation.inhomogeneity                    ? 
_diffrn_radiation.monochromator                    ? 
_diffrn_radiation.polarisn_norm                    ? 
_diffrn_radiation.polarisn_ratio                   ? 
_diffrn_radiation.probe                            ? 
_diffrn_radiation.type                             ? 
_diffrn_radiation.xray_symbol                      ? 
_diffrn_radiation.wavelength_id                    1 
_diffrn_radiation.pdbx_monochromatic_or_laue_m_l   M 
_diffrn_radiation.pdbx_wavelength_list             ? 
_diffrn_radiation.pdbx_wavelength                  ? 
_diffrn_radiation.pdbx_diffrn_protocol             'SINGLE WAVELENGTH' 
_diffrn_radiation.pdbx_analyzer                    ? 
_diffrn_radiation.pdbx_scattering_type             x-ray 
# 
_diffrn_radiation_wavelength.id           1 
_diffrn_radiation_wavelength.wavelength   0.9537 
_diffrn_radiation_wavelength.wt           1.0 
# 
_diffrn_source.current                     ? 
_diffrn_source.details                     ? 
_diffrn_source.diffrn_id                   1 
_diffrn_source.power                       ? 
_diffrn_source.size                        ? 
_diffrn_source.source                      SYNCHROTRON 
_diffrn_source.target                      ? 
_diffrn_source.type                        'AUSTRALIAN SYNCHROTRON BEAMLINE MX1' 
_diffrn_source.voltage                     ? 
_diffrn_source.take-off_angle              ? 
_diffrn_source.pdbx_wavelength_list        0.9537 
_diffrn_source.pdbx_wavelength             ? 
_diffrn_source.pdbx_synchrotron_beamline   MX1 
_diffrn_source.pdbx_synchrotron_site       'Australian Synchrotron' 
# 
_reflns.B_iso_Wilson_estimate            ? 
_reflns.entry_id                         5T7I 
_reflns.data_reduction_details           ? 
_reflns.data_reduction_method            ? 
_reflns.d_resolution_high                2.00 
_reflns.d_resolution_low                 40.73 
_reflns.details                          ? 
_reflns.limit_h_max                      ? 
_reflns.limit_h_min                      ? 
_reflns.limit_k_max                      ? 
_reflns.limit_k_min                      ? 
_reflns.limit_l_max                      ? 
_reflns.limit_l_min                      ? 
_reflns.number_all                       ? 
_reflns.number_obs                       11695 
_reflns.observed_criterion               ? 
_reflns.observed_criterion_F_max         ? 
_reflns.observed_criterion_F_min         ? 
_reflns.observed_criterion_I_max         ? 
_reflns.observed_criterion_I_min         ? 
_reflns.observed_criterion_sigma_F       ? 
_reflns.observed_criterion_sigma_I       ? 
_reflns.percent_possible_obs             99.6 
_reflns.R_free_details                   ? 
_reflns.Rmerge_F_all                     ? 
_reflns.Rmerge_F_obs                     ? 
_reflns.Friedel_coverage                 ? 
_reflns.number_gt                        ? 
_reflns.threshold_expression             ? 
_reflns.pdbx_redundancy                  8.2 
_reflns.pdbx_Rmerge_I_obs                0.057 
_reflns.pdbx_Rmerge_I_all                ? 
_reflns.pdbx_Rsym_value                  ? 
_reflns.pdbx_netI_over_av_sigmaI         ? 
_reflns.pdbx_netI_over_sigmaI            26.0 
_reflns.pdbx_res_netI_over_av_sigmaI_2   ? 
_reflns.pdbx_res_netI_over_sigmaI_2      ? 
_reflns.pdbx_chi_squared                 ? 
_reflns.pdbx_scaling_rejects             ? 
_reflns.pdbx_d_res_high_opt              ? 
_reflns.pdbx_d_res_low_opt               ? 
_reflns.pdbx_d_res_opt_method            ? 
_reflns.phase_calculation_details        ? 
_reflns.pdbx_Rrim_I_all                  ? 
_reflns.pdbx_Rpim_I_all                  ? 
_reflns.pdbx_d_opt                       ? 
_reflns.pdbx_number_measured_all         ? 
_reflns.pdbx_diffrn_id                   1 
_reflns.pdbx_ordinal                     1 
_reflns.pdbx_CC_half                     ? 
_reflns.pdbx_R_split                     ? 
# 
_reflns_shell.d_res_high                  . 
_reflns_shell.d_res_low                   ? 
_reflns_shell.meanI_over_sigI_all         ? 
_reflns_shell.meanI_over_sigI_obs         ? 
_reflns_shell.number_measured_all         ? 
_reflns_shell.number_measured_obs         ? 
_reflns_shell.number_possible             ? 
_reflns_shell.number_unique_all           ? 
_reflns_shell.number_unique_obs           ? 
_reflns_shell.percent_possible_all        ? 
_reflns_shell.percent_possible_obs        ? 
_reflns_shell.Rmerge_F_all                ? 
_reflns_shell.Rmerge_F_obs                ? 
_reflns_shell.Rmerge_I_all                ? 
_reflns_shell.Rmerge_I_obs                ? 
_reflns_shell.meanI_over_sigI_gt          ? 
_reflns_shell.meanI_over_uI_all           ? 
_reflns_shell.meanI_over_uI_gt            ? 
_reflns_shell.number_measured_gt          ? 
_reflns_shell.number_unique_gt            ? 
_reflns_shell.percent_possible_gt         ? 
_reflns_shell.Rmerge_F_gt                 ? 
_reflns_shell.Rmerge_I_gt                 ? 
_reflns_shell.pdbx_redundancy             ? 
_reflns_shell.pdbx_Rsym_value             ? 
_reflns_shell.pdbx_chi_squared            ? 
_reflns_shell.pdbx_netI_over_sigmaI_all   ? 
_reflns_shell.pdbx_netI_over_sigmaI_obs   ? 
_reflns_shell.pdbx_Rrim_I_all             ? 
_reflns_shell.pdbx_Rpim_I_all             ? 
_reflns_shell.pdbx_rejects                ? 
_reflns_shell.pdbx_ordinal                1 
_reflns_shell.pdbx_diffrn_id              1 
_reflns_shell.pdbx_CC_half                ? 
_reflns_shell.pdbx_R_split                ? 
# 
_refine.pdbx_refine_id                           'X-RAY DIFFRACTION' 
_refine.entry_id                                 5T7I 
_refine.pdbx_diffrn_id                           1 
_refine.pdbx_TLS_residual_ADP_flag               ? 
_refine.ls_number_reflns_obs                     11003 
_refine.ls_number_reflns_all                     ? 
_refine.pdbx_ls_sigma_I                          ? 
_refine.pdbx_ls_sigma_F                          ? 
_refine.pdbx_data_cutoff_high_absF               ? 
_refine.pdbx_data_cutoff_low_absF                ? 
_refine.pdbx_data_cutoff_high_rms_absF           ? 
_refine.ls_d_res_low                             40.73 
_refine.ls_d_res_high                            2.00 
_refine.ls_percent_reflns_obs                    99.13 
_refine.ls_R_factor_obs                          0.19068 
_refine.ls_R_factor_all                          ? 
_refine.ls_R_factor_R_work                       0.18920 
_refine.ls_R_factor_R_free                       0.21679 
_refine.ls_R_factor_R_free_error                 ? 
_refine.ls_R_factor_R_free_error_details         ? 
_refine.ls_percent_reflns_R_free                 5.0 
_refine.ls_number_reflns_R_free                  579 
_refine.ls_number_parameters                     ? 
_refine.ls_number_restraints                     ? 
_refine.occupancy_min                            ? 
_refine.occupancy_max                            ? 
_refine.correlation_coeff_Fo_to_Fc               0.927 
_refine.correlation_coeff_Fo_to_Fc_free          0.913 
_refine.B_iso_mean                               16.114 
_refine.aniso_B[1][1]                            0.03 
_refine.aniso_B[2][2]                            -0.03 
_refine.aniso_B[3][3]                            -0.00 
_refine.aniso_B[1][2]                            0.00 
_refine.aniso_B[1][3]                            -0.00 
_refine.aniso_B[2][3]                            0.00 
_refine.solvent_model_details                    MASK 
_refine.solvent_model_param_ksol                 ? 
_refine.solvent_model_param_bsol                 ? 
_refine.pdbx_solvent_vdw_probe_radii             1.30 
_refine.pdbx_solvent_ion_probe_radii             0.70 
_refine.pdbx_solvent_shrinkage_radii             0.70 
_refine.pdbx_ls_cross_valid_method               THROUGHOUT 
_refine.details                                  'HYDROGENS HAVE BEEN ADDED IN THE RIDING POSITIONS' 
_refine.pdbx_starting_model                      3AP5 
_refine.pdbx_method_to_determine_struct          'MOLECULAR REPLACEMENT' 
_refine.pdbx_isotropic_thermal_model             ? 
_refine.pdbx_stereochemistry_target_values       'MAXIMUM LIKELIHOOD' 
_refine.pdbx_stereochem_target_val_spec_case     ? 
_refine.pdbx_R_Free_selection_details            RANDOM 
_refine.pdbx_overall_ESU_R                       0.197 
_refine.pdbx_overall_ESU_R_Free                  0.158 
_refine.overall_SU_ML                            0.116 
_refine.pdbx_overall_phase_error                 ? 
_refine.overall_SU_B                             4.386 
_refine.overall_SU_R_Cruickshank_DPI             ? 
_refine.pdbx_overall_SU_R_free_Cruickshank_DPI   ? 
_refine.pdbx_overall_SU_R_Blow_DPI               ? 
_refine.pdbx_overall_SU_R_free_Blow_DPI          ? 
# 
_refine_hist.pdbx_refine_id                   'X-RAY DIFFRACTION' 
_refine_hist.cycle_id                         1 
_refine_hist.pdbx_number_atoms_protein        1178 
_refine_hist.pdbx_number_atoms_nucleic_acid   0 
_refine_hist.pdbx_number_atoms_ligand         48 
_refine_hist.number_atoms_solvent             177 
_refine_hist.number_atoms_total               1403 
_refine_hist.d_res_high                       2.00 
_refine_hist.d_res_low                        40.73 
# 
loop_
_refine_ls_restr.type 
_refine_ls_restr.dev_ideal 
_refine_ls_restr.dev_ideal_target 
_refine_ls_restr.weight 
_refine_ls_restr.number 
_refine_ls_restr.pdbx_refine_id 
_refine_ls_restr.pdbx_restraint_function 
r_bond_refined_d             0.009  0.019  ? 1258 'X-RAY DIFFRACTION' ? 
r_bond_other_d               0.002  0.020  ? 1209 'X-RAY DIFFRACTION' ? 
r_angle_refined_deg          1.393  1.995  ? 1704 'X-RAY DIFFRACTION' ? 
r_angle_other_deg            0.846  3.000  ? 2790 'X-RAY DIFFRACTION' ? 
r_dihedral_angle_1_deg       6.875  5.000  ? 146  'X-RAY DIFFRACTION' ? 
r_dihedral_angle_2_deg       31.253 23.571 ? 56   'X-RAY DIFFRACTION' ? 
r_dihedral_angle_3_deg       12.262 15.000 ? 204  'X-RAY DIFFRACTION' ? 
r_dihedral_angle_4_deg       18.006 15.000 ? 8    'X-RAY DIFFRACTION' ? 
r_chiral_restr               0.080  0.200  ? 199  'X-RAY DIFFRACTION' ? 
r_gen_planes_refined         0.005  0.021  ? 1352 'X-RAY DIFFRACTION' ? 
r_gen_planes_other           0.001  0.020  ? 288  'X-RAY DIFFRACTION' ? 
r_nbd_refined                ?      ?      ? ?    'X-RAY DIFFRACTION' ? 
r_nbd_other                  ?      ?      ? ?    'X-RAY DIFFRACTION' ? 
r_nbtor_refined              ?      ?      ? ?    'X-RAY DIFFRACTION' ? 
r_nbtor_other                ?      ?      ? ?    'X-RAY DIFFRACTION' ? 
r_xyhbond_nbd_refined        ?      ?      ? ?    'X-RAY DIFFRACTION' ? 
r_xyhbond_nbd_other          ?      ?      ? ?    'X-RAY DIFFRACTION' ? 
r_metal_ion_refined          ?      ?      ? ?    'X-RAY DIFFRACTION' ? 
r_metal_ion_other            ?      ?      ? ?    'X-RAY DIFFRACTION' ? 
r_symmetry_vdw_refined       ?      ?      ? ?    'X-RAY DIFFRACTION' ? 
r_symmetry_vdw_other         ?      ?      ? ?    'X-RAY DIFFRACTION' ? 
r_symmetry_hbond_refined     ?      ?      ? ?    'X-RAY DIFFRACTION' ? 
r_symmetry_hbond_other       ?      ?      ? ?    'X-RAY DIFFRACTION' ? 
r_symmetry_metal_ion_refined ?      ?      ? ?    'X-RAY DIFFRACTION' ? 
r_symmetry_metal_ion_other   ?      ?      ? ?    'X-RAY DIFFRACTION' ? 
r_mcbond_it                  2.421  1.212  ? 587  'X-RAY DIFFRACTION' ? 
r_mcbond_other               2.369  1.204  ? 586  'X-RAY DIFFRACTION' ? 
r_mcangle_it                 3.407  1.796  ? 732  'X-RAY DIFFRACTION' ? 
r_mcangle_other              3.444  1.803  ? 733  'X-RAY DIFFRACTION' ? 
r_scbond_it                  4.380  1.685  ? 671  'X-RAY DIFFRACTION' ? 
r_scbond_other               4.378  1.685  ? 671  'X-RAY DIFFRACTION' ? 
r_scangle_it                 ?      ?      ? ?    'X-RAY DIFFRACTION' ? 
r_scangle_other              6.488  2.321  ? 973  'X-RAY DIFFRACTION' ? 
r_long_range_B_refined       7.915  11.386 ? 1395 'X-RAY DIFFRACTION' ? 
r_long_range_B_other         7.913  11.390 ? 1396 'X-RAY DIFFRACTION' ? 
r_rigid_bond_restr           ?      ?      ? ?    'X-RAY DIFFRACTION' ? 
r_sphericity_free            ?      ?      ? ?    'X-RAY DIFFRACTION' ? 
r_sphericity_bonded          ?      ?      ? ?    'X-RAY DIFFRACTION' ? 
# 
_refine_ls_shell.pdbx_refine_id                   'X-RAY DIFFRACTION' 
_refine_ls_shell.pdbx_total_number_of_bins_used   20 
_refine_ls_shell.d_res_high                       2.000 
_refine_ls_shell.d_res_low                        2.052 
_refine_ls_shell.number_reflns_R_work             799 
_refine_ls_shell.R_factor_R_work                  0.141 
_refine_ls_shell.percent_reflns_obs               100.00 
_refine_ls_shell.R_factor_R_free                  0.277 
_refine_ls_shell.R_factor_R_free_error            ? 
_refine_ls_shell.percent_reflns_R_free            ? 
_refine_ls_shell.number_reflns_R_free             45 
_refine_ls_shell.number_reflns_all                ? 
_refine_ls_shell.R_factor_all                     ? 
# 
_struct.entry_id                     5T7I 
_struct.title                        'Crystal structure of galectin-8N in complex with LNnT' 
_struct.pdbx_model_details           ? 
_struct.pdbx_formula_weight          ? 
_struct.pdbx_formula_weight_method   ? 
_struct.pdbx_model_type_details      ? 
_struct.pdbx_CASP_flag               N 
# 
_struct_keywords.entry_id        5T7I 
_struct_keywords.text            'carbohydrate-binding protein, galectin-8 lectin, SUGAR BINDING PROTEIN' 
_struct_keywords.pdbx_keywords   'SUGAR BINDING PROTEIN' 
# 
loop_
_struct_asym.id 
_struct_asym.pdbx_blank_PDB_chainid_flag 
_struct_asym.pdbx_modified 
_struct_asym.entity_id 
_struct_asym.details 
A N N 1 ? 
B N N 2 ? 
C N N 3 ? 
# 
_struct_ref.id                         1 
_struct_ref.db_name                    UNP 
_struct_ref.db_code                    LEG8_HUMAN 
_struct_ref.pdbx_db_accession          O00214 
_struct_ref.pdbx_db_isoform            ? 
_struct_ref.entity_id                  1 
_struct_ref.pdbx_seq_one_letter_code   
;MMLSLNNLQNIIYNPVIPFVGTIPDQLDPGTLIVIRGHVPSDADRFQVDLQNGSSMKPRADVAFHFNPRFKRAGCIVCNT
LINEKWGREEITYDTPFKREKSFEIVIMVLKDKFQVAVNGKHTLLYGHRIGPEKIDTLGIYGKVNIHSIGFSFSS
;
_struct_ref.pdbx_align_begin           1 
# 
_struct_ref_seq.align_id                      1 
_struct_ref_seq.ref_id                        1 
_struct_ref_seq.pdbx_PDB_id_code              5T7I 
_struct_ref_seq.pdbx_strand_id                A 
_struct_ref_seq.seq_align_beg                 1 
_struct_ref_seq.pdbx_seq_align_beg_ins_code   ? 
_struct_ref_seq.seq_align_end                 155 
_struct_ref_seq.pdbx_seq_align_end_ins_code   ? 
_struct_ref_seq.pdbx_db_accession             O00214 
_struct_ref_seq.db_align_beg                  1 
_struct_ref_seq.pdbx_db_align_beg_ins_code    ? 
_struct_ref_seq.db_align_end                  155 
_struct_ref_seq.pdbx_db_align_end_ins_code    ? 
_struct_ref_seq.pdbx_auth_seq_align_beg       1 
_struct_ref_seq.pdbx_auth_seq_align_end       155 
# 
_struct_ref_seq_dif.align_id                     1 
_struct_ref_seq_dif.pdbx_pdb_id_code             5T7I 
_struct_ref_seq_dif.mon_id                       VAL 
_struct_ref_seq_dif.pdbx_pdb_strand_id           A 
_struct_ref_seq_dif.seq_num                      56 
_struct_ref_seq_dif.pdbx_pdb_ins_code            ? 
_struct_ref_seq_dif.pdbx_seq_db_name             UNP 
_struct_ref_seq_dif.pdbx_seq_db_accession_code   O00214 
_struct_ref_seq_dif.db_mon_id                    MET 
_struct_ref_seq_dif.pdbx_seq_db_seq_num          56 
_struct_ref_seq_dif.details                      'engineered mutation' 
_struct_ref_seq_dif.pdbx_auth_seq_num            56 
_struct_ref_seq_dif.pdbx_ordinal                 1 
# 
_pdbx_struct_assembly.id                   1 
_pdbx_struct_assembly.details              author_and_software_defined_assembly 
_pdbx_struct_assembly.method_details       PISA 
_pdbx_struct_assembly.oligomeric_details   monomeric 
_pdbx_struct_assembly.oligomeric_count     1 
# 
_pdbx_struct_assembly_gen.assembly_id       1 
_pdbx_struct_assembly_gen.oper_expression   1 
_pdbx_struct_assembly_gen.asym_id_list      A,B,C 
# 
_pdbx_struct_oper_list.id                   1 
_pdbx_struct_oper_list.type                 'identity operation' 
_pdbx_struct_oper_list.name                 1_555 
_pdbx_struct_oper_list.symmetry_operation   x,y,z 
_pdbx_struct_oper_list.matrix[1][1]         1.0000000000 
_pdbx_struct_oper_list.matrix[1][2]         0.0000000000 
_pdbx_struct_oper_list.matrix[1][3]         0.0000000000 
_pdbx_struct_oper_list.vector[1]            0.0000000000 
_pdbx_struct_oper_list.matrix[2][1]         0.0000000000 
_pdbx_struct_oper_list.matrix[2][2]         1.0000000000 
_pdbx_struct_oper_list.matrix[2][3]         0.0000000000 
_pdbx_struct_oper_list.vector[2]            0.0000000000 
_pdbx_struct_oper_list.matrix[3][1]         0.0000000000 
_pdbx_struct_oper_list.matrix[3][2]         0.0000000000 
_pdbx_struct_oper_list.matrix[3][3]         1.0000000000 
_pdbx_struct_oper_list.vector[3]            0.0000000000 
# 
_struct_conf.conf_type_id            HELX_P 
_struct_conf.id                      HELX_P1 
_struct_conf.pdbx_PDB_helix_id       AA1 
_struct_conf.beg_label_comp_id       GLY 
_struct_conf.beg_label_asym_id       A 
_struct_conf.beg_label_seq_id        131 
_struct_conf.pdbx_beg_PDB_ins_code   ? 
_struct_conf.end_label_comp_id       ILE 
_struct_conf.end_label_asym_id       A 
_struct_conf.end_label_seq_id        135 
_struct_conf.pdbx_end_PDB_ins_code   ? 
_struct_conf.beg_auth_comp_id        GLY 
_struct_conf.beg_auth_asym_id        A 
_struct_conf.beg_auth_seq_id         131 
_struct_conf.end_auth_comp_id        ILE 
_struct_conf.end_auth_asym_id        A 
_struct_conf.end_auth_seq_id         135 
_struct_conf.pdbx_PDB_helix_class    5 
_struct_conf.details                 ? 
_struct_conf.pdbx_PDB_helix_length   5 
# 
_struct_conf_type.id          HELX_P 
_struct_conf_type.criteria    ? 
_struct_conf_type.reference   ? 
# 
loop_
_struct_conn.id 
_struct_conn.conn_type_id 
_struct_conn.pdbx_leaving_atom_flag 
_struct_conn.pdbx_PDB_id 
_struct_conn.ptnr1_label_asym_id 
_struct_conn.ptnr1_label_comp_id 
_struct_conn.ptnr1_label_seq_id 
_struct_conn.ptnr1_label_atom_id 
_struct_conn.pdbx_ptnr1_label_alt_id 
_struct_conn.pdbx_ptnr1_PDB_ins_code 
_struct_conn.pdbx_ptnr1_standard_comp_id 
_struct_conn.ptnr1_symmetry 
_struct_conn.ptnr2_label_asym_id 
_struct_conn.ptnr2_label_comp_id 
_struct_conn.ptnr2_label_seq_id 
_struct_conn.ptnr2_label_atom_id 
_struct_conn.pdbx_ptnr2_label_alt_id 
_struct_conn.pdbx_ptnr2_PDB_ins_code 
_struct_conn.ptnr1_auth_asym_id 
_struct_conn.ptnr1_auth_comp_id 
_struct_conn.ptnr1_auth_seq_id 
_struct_conn.ptnr2_auth_asym_id 
_struct_conn.ptnr2_auth_comp_id 
_struct_conn.ptnr2_auth_seq_id 
_struct_conn.ptnr2_symmetry 
_struct_conn.pdbx_ptnr3_label_atom_id 
_struct_conn.pdbx_ptnr3_label_seq_id 
_struct_conn.pdbx_ptnr3_label_comp_id 
_struct_conn.pdbx_ptnr3_label_asym_id 
_struct_conn.pdbx_ptnr3_label_alt_id 
_struct_conn.pdbx_ptnr3_PDB_ins_code 
_struct_conn.details 
_struct_conn.pdbx_dist_value 
_struct_conn.pdbx_value_order 
_struct_conn.pdbx_role 
covale1 covale both ? A GLY 74 C  ? ? ? 1_555 A CME 75 N  ? ? A GLY 74 A CME 75 1_555 ? ? ? ? ? ? ? 1.324 ?    ? 
covale2 covale both ? A CME 75 C  ? ? ? 1_555 A ILE 76 N  ? ? A CME 75 A ILE 76 1_555 ? ? ? ? ? ? ? 1.321 ?    ? 
covale3 covale both ? B BGC .  O4 ? ? ? 1_555 B GAL .  C1 ? ? B BGC 1  B GAL 2  1_555 ? ? ? ? ? ? ? 1.432 sing ? 
covale4 covale both ? B GAL .  O3 ? ? ? 1_555 B NAG .  C1 ? ? B GAL 2  B NAG 3  1_555 ? ? ? ? ? ? ? 1.331 sing ? 
covale5 covale both ? B NAG .  O4 ? ? ? 1_555 B GAL .  C1 ? ? B NAG 3  B GAL 4  1_555 ? ? ? ? ? ? ? 1.421 sing ? 
# 
_struct_conn_type.id          covale 
_struct_conn_type.criteria    ? 
_struct_conn_type.reference   ? 
# 
_pdbx_modification_feature.ordinal                            1 
_pdbx_modification_feature.label_comp_id                      CME 
_pdbx_modification_feature.label_asym_id                      A 
_pdbx_modification_feature.label_seq_id                       75 
_pdbx_modification_feature.label_alt_id                       ? 
_pdbx_modification_feature.modified_residue_label_comp_id     . 
_pdbx_modification_feature.modified_residue_label_asym_id     . 
_pdbx_modification_feature.modified_residue_label_seq_id      . 
_pdbx_modification_feature.modified_residue_label_alt_id      . 
_pdbx_modification_feature.auth_comp_id                       CME 
_pdbx_modification_feature.auth_asym_id                       A 
_pdbx_modification_feature.auth_seq_id                        75 
_pdbx_modification_feature.PDB_ins_code                       ? 
_pdbx_modification_feature.symmetry                           1_555 
_pdbx_modification_feature.modified_residue_auth_comp_id      . 
_pdbx_modification_feature.modified_residue_auth_asym_id      . 
_pdbx_modification_feature.modified_residue_auth_seq_id       . 
_pdbx_modification_feature.modified_residue_PDB_ins_code      . 
_pdbx_modification_feature.modified_residue_symmetry          . 
_pdbx_modification_feature.comp_id_linking_atom               . 
_pdbx_modification_feature.modified_residue_id_linking_atom   . 
_pdbx_modification_feature.modified_residue_id                CYS 
_pdbx_modification_feature.ref_pcm_id                         1 
_pdbx_modification_feature.ref_comp_id                        CME 
_pdbx_modification_feature.type                               Beta-mercaptoethanol 
_pdbx_modification_feature.category                           'Named protein modification' 
# 
loop_
_struct_mon_prot_cis.pdbx_id 
_struct_mon_prot_cis.label_comp_id 
_struct_mon_prot_cis.label_seq_id 
_struct_mon_prot_cis.label_asym_id 
_struct_mon_prot_cis.label_alt_id 
_struct_mon_prot_cis.pdbx_PDB_ins_code 
_struct_mon_prot_cis.auth_comp_id 
_struct_mon_prot_cis.auth_seq_id 
_struct_mon_prot_cis.auth_asym_id 
_struct_mon_prot_cis.pdbx_label_comp_id_2 
_struct_mon_prot_cis.pdbx_label_seq_id_2 
_struct_mon_prot_cis.pdbx_label_asym_id_2 
_struct_mon_prot_cis.pdbx_PDB_ins_code_2 
_struct_mon_prot_cis.pdbx_auth_comp_id_2 
_struct_mon_prot_cis.pdbx_auth_seq_id_2 
_struct_mon_prot_cis.pdbx_auth_asym_id_2 
_struct_mon_prot_cis.pdbx_PDB_model_num 
_struct_mon_prot_cis.pdbx_omega_angle 
1 ILE 17 A . ? ILE 17 A PRO 18 A ? PRO 18 A 1 12.45 
2 LYS 57 A . ? LYS 57 A PRO 58 A ? PRO 58 A 1 -0.66 
# 
loop_
_struct_sheet.id 
_struct_sheet.type 
_struct_sheet.number_strands 
_struct_sheet.details 
AA1 ? 6 ? 
AA2 ? 6 ? 
AA3 ? 6 ? 
# 
loop_
_struct_sheet_order.sheet_id 
_struct_sheet_order.range_id_1 
_struct_sheet_order.range_id_2 
_struct_sheet_order.offset 
_struct_sheet_order.sense 
AA1 1 2 ? anti-parallel 
AA1 2 3 ? anti-parallel 
AA1 3 4 ? anti-parallel 
AA1 4 5 ? anti-parallel 
AA1 5 6 ? anti-parallel 
AA2 1 2 ? anti-parallel 
AA2 2 3 ? anti-parallel 
AA2 3 4 ? anti-parallel 
AA2 4 5 ? anti-parallel 
AA2 5 6 ? anti-parallel 
AA3 1 2 ? anti-parallel 
AA3 2 3 ? anti-parallel 
AA3 3 4 ? anti-parallel 
AA3 4 5 ? anti-parallel 
AA3 5 6 ? anti-parallel 
# 
loop_
_struct_sheet_range.sheet_id 
_struct_sheet_range.id 
_struct_sheet_range.beg_label_comp_id 
_struct_sheet_range.beg_label_asym_id 
_struct_sheet_range.beg_label_seq_id 
_struct_sheet_range.pdbx_beg_PDB_ins_code 
_struct_sheet_range.end_label_comp_id 
_struct_sheet_range.end_label_asym_id 
_struct_sheet_range.end_label_seq_id 
_struct_sheet_range.pdbx_end_PDB_ins_code 
_struct_sheet_range.beg_auth_comp_id 
_struct_sheet_range.beg_auth_asym_id 
_struct_sheet_range.beg_auth_seq_id 
_struct_sheet_range.end_auth_comp_id 
_struct_sheet_range.end_auth_asym_id 
_struct_sheet_range.end_auth_seq_id 
AA1 1 GLN A 9   ? TYR A 13  ? GLN A 9   TYR A 13  
AA1 2 ASN A 145 ? SER A 152 ? ASN A 145 SER A 152 
AA1 3 LEU A 32  ? HIS A 38  ? LEU A 32  HIS A 38  
AA1 4 SER A 102 ? VAL A 109 ? SER A 102 VAL A 109 
AA1 5 LYS A 113 ? VAL A 118 ? LYS A 113 VAL A 118 
AA1 6 LYS A 121 ? GLY A 127 ? LYS A 121 GLY A 127 
AA2 1 PHE A 19  ? THR A 22  ? PHE A 19  THR A 22  
AA2 2 THR A 137 ? GLY A 142 ? THR A 137 GLY A 142 
AA2 3 PHE A 46  ? ASN A 52  ? PHE A 46  ASN A 52  
AA2 4 ASP A 61  ? ARG A 69  ? ASP A 61  ARG A 69  
AA2 5 CME A 75  ? ILE A 82  ? CME A 75  ILE A 82  
AA2 6 LYS A 85  ? TRP A 86  ? LYS A 85  TRP A 86  
AA3 1 PHE A 19  ? THR A 22  ? PHE A 19  THR A 22  
AA3 2 THR A 137 ? GLY A 142 ? THR A 137 GLY A 142 
AA3 3 PHE A 46  ? ASN A 52  ? PHE A 46  ASN A 52  
AA3 4 ASP A 61  ? ARG A 69  ? ASP A 61  ARG A 69  
AA3 5 CME A 75  ? ILE A 82  ? CME A 75  ILE A 82  
AA3 6 GLU A 90  ? THR A 92  ? GLU A 90  THR A 92  
# 
loop_
_pdbx_struct_sheet_hbond.sheet_id 
_pdbx_struct_sheet_hbond.range_id_1 
_pdbx_struct_sheet_hbond.range_id_2 
_pdbx_struct_sheet_hbond.range_1_label_atom_id 
_pdbx_struct_sheet_hbond.range_1_label_comp_id 
_pdbx_struct_sheet_hbond.range_1_label_asym_id 
_pdbx_struct_sheet_hbond.range_1_label_seq_id 
_pdbx_struct_sheet_hbond.range_1_PDB_ins_code 
_pdbx_struct_sheet_hbond.range_1_auth_atom_id 
_pdbx_struct_sheet_hbond.range_1_auth_comp_id 
_pdbx_struct_sheet_hbond.range_1_auth_asym_id 
_pdbx_struct_sheet_hbond.range_1_auth_seq_id 
_pdbx_struct_sheet_hbond.range_2_label_atom_id 
_pdbx_struct_sheet_hbond.range_2_label_comp_id 
_pdbx_struct_sheet_hbond.range_2_label_asym_id 
_pdbx_struct_sheet_hbond.range_2_label_seq_id 
_pdbx_struct_sheet_hbond.range_2_PDB_ins_code 
_pdbx_struct_sheet_hbond.range_2_auth_atom_id 
_pdbx_struct_sheet_hbond.range_2_auth_comp_id 
_pdbx_struct_sheet_hbond.range_2_auth_asym_id 
_pdbx_struct_sheet_hbond.range_2_auth_seq_id 
AA1 1 2 N GLN A 9   ? N GLN A 9   O PHE A 151 ? O PHE A 151 
AA1 2 3 O GLY A 150 ? O GLY A 150 N VAL A 34  ? N VAL A 34  
AA1 3 4 N ILE A 35  ? N ILE A 35  O ILE A 105 ? O ILE A 105 
AA1 4 5 N MET A 108 ? N MET A 108 O GLN A 115 ? O GLN A 115 
AA1 5 6 N PHE A 114 ? N PHE A 114 O TYR A 126 ? O TYR A 126 
AA2 1 2 N GLY A 21  ? N GLY A 21  O LEU A 138 ? O LEU A 138 
AA2 2 3 O THR A 137 ? O THR A 137 N GLN A 51  ? N GLN A 51  
AA2 3 4 N VAL A 48  ? N VAL A 48  O PHE A 66  ? O PHE A 66  
AA2 4 5 N ARG A 69  ? N ARG A 69  O CME A 75  ? O CME A 75  
AA2 5 6 N ILE A 82  ? N ILE A 82  O LYS A 85  ? O LYS A 85  
AA3 1 2 N GLY A 21  ? N GLY A 21  O LEU A 138 ? O LEU A 138 
AA3 2 3 O THR A 137 ? O THR A 137 N GLN A 51  ? N GLN A 51  
AA3 3 4 N VAL A 48  ? N VAL A 48  O PHE A 66  ? O PHE A 66  
AA3 4 5 N ARG A 69  ? N ARG A 69  O CME A 75  ? O CME A 75  
AA3 5 6 N ILE A 76  ? N ILE A 76  O THR A 92  ? O THR A 92  
# 
_pdbx_entry_details.entry_id                   5T7I 
_pdbx_entry_details.compound_details           ? 
_pdbx_entry_details.source_details             ? 
_pdbx_entry_details.nonpolymer_details         ? 
_pdbx_entry_details.sequence_details           ? 
_pdbx_entry_details.has_ligand_of_interest     ? 
_pdbx_entry_details.has_protein_modification   Y 
# 
_pdbx_validate_torsion.id              1 
_pdbx_validate_torsion.PDB_model_num   1 
_pdbx_validate_torsion.auth_comp_id    ARG 
_pdbx_validate_torsion.auth_asym_id    A 
_pdbx_validate_torsion.auth_seq_id     72 
_pdbx_validate_torsion.PDB_ins_code    ? 
_pdbx_validate_torsion.label_alt_id    ? 
_pdbx_validate_torsion.phi             46.92 
_pdbx_validate_torsion.psi             -122.96 
# 
_pdbx_struct_mod_residue.id               1 
_pdbx_struct_mod_residue.label_asym_id    A 
_pdbx_struct_mod_residue.label_comp_id    CME 
_pdbx_struct_mod_residue.label_seq_id     75 
_pdbx_struct_mod_residue.auth_asym_id     A 
_pdbx_struct_mod_residue.auth_comp_id     CME 
_pdbx_struct_mod_residue.auth_seq_id      75 
_pdbx_struct_mod_residue.PDB_ins_code     ? 
_pdbx_struct_mod_residue.parent_comp_id   CYS 
_pdbx_struct_mod_residue.details          'modified residue' 
# 
loop_
_pdbx_unobs_or_zero_occ_residues.id 
_pdbx_unobs_or_zero_occ_residues.PDB_model_num 
_pdbx_unobs_or_zero_occ_residues.polymer_flag 
_pdbx_unobs_or_zero_occ_residues.occupancy_flag 
_pdbx_unobs_or_zero_occ_residues.auth_asym_id 
_pdbx_unobs_or_zero_occ_residues.auth_comp_id 
_pdbx_unobs_or_zero_occ_residues.auth_seq_id 
_pdbx_unobs_or_zero_occ_residues.PDB_ins_code 
_pdbx_unobs_or_zero_occ_residues.label_asym_id 
_pdbx_unobs_or_zero_occ_residues.label_comp_id 
_pdbx_unobs_or_zero_occ_residues.label_seq_id 
1 1 Y 1 A MET 1   ? A MET 1   
2 1 Y 1 A MET 2   ? A MET 2   
3 1 Y 1 A LEU 3   ? A LEU 3   
4 1 Y 1 A SER 4   ? A SER 4   
5 1 Y 1 A LEU 5   ? A LEU 5   
6 1 Y 1 A ASN 6   ? A ASN 6   
7 1 Y 1 A ASN 7   ? A ASN 7   
8 1 Y 1 A SER 155 ? A SER 155 
# 
loop_
_chem_comp_atom.comp_id 
_chem_comp_atom.atom_id 
_chem_comp_atom.type_symbol 
_chem_comp_atom.pdbx_aromatic_flag 
_chem_comp_atom.pdbx_stereo_config 
_chem_comp_atom.pdbx_ordinal 
ALA N    N N N 1   
ALA CA   C N S 2   
ALA C    C N N 3   
ALA O    O N N 4   
ALA CB   C N N 5   
ALA OXT  O N N 6   
ALA H    H N N 7   
ALA H2   H N N 8   
ALA HA   H N N 9   
ALA HB1  H N N 10  
ALA HB2  H N N 11  
ALA HB3  H N N 12  
ALA HXT  H N N 13  
ARG N    N N N 14  
ARG CA   C N S 15  
ARG C    C N N 16  
ARG O    O N N 17  
ARG CB   C N N 18  
ARG CG   C N N 19  
ARG CD   C N N 20  
ARG NE   N N N 21  
ARG CZ   C N N 22  
ARG NH1  N N N 23  
ARG NH2  N N N 24  
ARG OXT  O N N 25  
ARG H    H N N 26  
ARG H2   H N N 27  
ARG HA   H N N 28  
ARG HB2  H N N 29  
ARG HB3  H N N 30  
ARG HG2  H N N 31  
ARG HG3  H N N 32  
ARG HD2  H N N 33  
ARG HD3  H N N 34  
ARG HE   H N N 35  
ARG HH11 H N N 36  
ARG HH12 H N N 37  
ARG HH21 H N N 38  
ARG HH22 H N N 39  
ARG HXT  H N N 40  
ASN N    N N N 41  
ASN CA   C N S 42  
ASN C    C N N 43  
ASN O    O N N 44  
ASN CB   C N N 45  
ASN CG   C N N 46  
ASN OD1  O N N 47  
ASN ND2  N N N 48  
ASN OXT  O N N 49  
ASN H    H N N 50  
ASN H2   H N N 51  
ASN HA   H N N 52  
ASN HB2  H N N 53  
ASN HB3  H N N 54  
ASN HD21 H N N 55  
ASN HD22 H N N 56  
ASN HXT  H N N 57  
ASP N    N N N 58  
ASP CA   C N S 59  
ASP C    C N N 60  
ASP O    O N N 61  
ASP CB   C N N 62  
ASP CG   C N N 63  
ASP OD1  O N N 64  
ASP OD2  O N N 65  
ASP OXT  O N N 66  
ASP H    H N N 67  
ASP H2   H N N 68  
ASP HA   H N N 69  
ASP HB2  H N N 70  
ASP HB3  H N N 71  
ASP HD2  H N N 72  
ASP HXT  H N N 73  
BGC C2   C N R 74  
BGC C3   C N S 75  
BGC C4   C N S 76  
BGC C5   C N R 77  
BGC C6   C N N 78  
BGC C1   C N R 79  
BGC O1   O N N 80  
BGC O2   O N N 81  
BGC O3   O N N 82  
BGC O4   O N N 83  
BGC O5   O N N 84  
BGC O6   O N N 85  
BGC H2   H N N 86  
BGC H3   H N N 87  
BGC H4   H N N 88  
BGC H5   H N N 89  
BGC H61  H N N 90  
BGC H62  H N N 91  
BGC H1   H N N 92  
BGC HO1  H N N 93  
BGC HO2  H N N 94  
BGC HO3  H N N 95  
BGC HO4  H N N 96  
BGC HO6  H N N 97  
CME N    N N N 98  
CME CA   C N R 99  
CME CB   C N N 100 
CME SG   S N N 101 
CME SD   S N N 102 
CME CE   C N N 103 
CME CZ   C N N 104 
CME OH   O N N 105 
CME C    C N N 106 
CME O    O N N 107 
CME OXT  O N N 108 
CME H    H N N 109 
CME H2   H N N 110 
CME HA   H N N 111 
CME HB2  H N N 112 
CME HB3  H N N 113 
CME HE2  H N N 114 
CME HE3  H N N 115 
CME HZ2  H N N 116 
CME HZ3  H N N 117 
CME HH   H N N 118 
CME HXT  H N N 119 
CYS N    N N N 120 
CYS CA   C N R 121 
CYS C    C N N 122 
CYS O    O N N 123 
CYS CB   C N N 124 
CYS SG   S N N 125 
CYS OXT  O N N 126 
CYS H    H N N 127 
CYS H2   H N N 128 
CYS HA   H N N 129 
CYS HB2  H N N 130 
CYS HB3  H N N 131 
CYS HG   H N N 132 
CYS HXT  H N N 133 
GAL C1   C N R 134 
GAL C2   C N R 135 
GAL C3   C N S 136 
GAL C4   C N R 137 
GAL C5   C N R 138 
GAL C6   C N N 139 
GAL O1   O N N 140 
GAL O2   O N N 141 
GAL O3   O N N 142 
GAL O4   O N N 143 
GAL O5   O N N 144 
GAL O6   O N N 145 
GAL H1   H N N 146 
GAL H2   H N N 147 
GAL H3   H N N 148 
GAL H4   H N N 149 
GAL H5   H N N 150 
GAL H61  H N N 151 
GAL H62  H N N 152 
GAL HO1  H N N 153 
GAL HO2  H N N 154 
GAL HO3  H N N 155 
GAL HO4  H N N 156 
GAL HO6  H N N 157 
GLN N    N N N 158 
GLN CA   C N S 159 
GLN C    C N N 160 
GLN O    O N N 161 
GLN CB   C N N 162 
GLN CG   C N N 163 
GLN CD   C N N 164 
GLN OE1  O N N 165 
GLN NE2  N N N 166 
GLN OXT  O N N 167 
GLN H    H N N 168 
GLN H2   H N N 169 
GLN HA   H N N 170 
GLN HB2  H N N 171 
GLN HB3  H N N 172 
GLN HG2  H N N 173 
GLN HG3  H N N 174 
GLN HE21 H N N 175 
GLN HE22 H N N 176 
GLN HXT  H N N 177 
GLU N    N N N 178 
GLU CA   C N S 179 
GLU C    C N N 180 
GLU O    O N N 181 
GLU CB   C N N 182 
GLU CG   C N N 183 
GLU CD   C N N 184 
GLU OE1  O N N 185 
GLU OE2  O N N 186 
GLU OXT  O N N 187 
GLU H    H N N 188 
GLU H2   H N N 189 
GLU HA   H N N 190 
GLU HB2  H N N 191 
GLU HB3  H N N 192 
GLU HG2  H N N 193 
GLU HG3  H N N 194 
GLU HE2  H N N 195 
GLU HXT  H N N 196 
GLY N    N N N 197 
GLY CA   C N N 198 
GLY C    C N N 199 
GLY O    O N N 200 
GLY OXT  O N N 201 
GLY H    H N N 202 
GLY H2   H N N 203 
GLY HA2  H N N 204 
GLY HA3  H N N 205 
GLY HXT  H N N 206 
HIS N    N N N 207 
HIS CA   C N S 208 
HIS C    C N N 209 
HIS O    O N N 210 
HIS CB   C N N 211 
HIS CG   C Y N 212 
HIS ND1  N Y N 213 
HIS CD2  C Y N 214 
HIS CE1  C Y N 215 
HIS NE2  N Y N 216 
HIS OXT  O N N 217 
HIS H    H N N 218 
HIS H2   H N N 219 
HIS HA   H N N 220 
HIS HB2  H N N 221 
HIS HB3  H N N 222 
HIS HD1  H N N 223 
HIS HD2  H N N 224 
HIS HE1  H N N 225 
HIS HE2  H N N 226 
HIS HXT  H N N 227 
HOH O    O N N 228 
HOH H1   H N N 229 
HOH H2   H N N 230 
ILE N    N N N 231 
ILE CA   C N S 232 
ILE C    C N N 233 
ILE O    O N N 234 
ILE CB   C N S 235 
ILE CG1  C N N 236 
ILE CG2  C N N 237 
ILE CD1  C N N 238 
ILE OXT  O N N 239 
ILE H    H N N 240 
ILE H2   H N N 241 
ILE HA   H N N 242 
ILE HB   H N N 243 
ILE HG12 H N N 244 
ILE HG13 H N N 245 
ILE HG21 H N N 246 
ILE HG22 H N N 247 
ILE HG23 H N N 248 
ILE HD11 H N N 249 
ILE HD12 H N N 250 
ILE HD13 H N N 251 
ILE HXT  H N N 252 
LEU N    N N N 253 
LEU CA   C N S 254 
LEU C    C N N 255 
LEU O    O N N 256 
LEU CB   C N N 257 
LEU CG   C N N 258 
LEU CD1  C N N 259 
LEU CD2  C N N 260 
LEU OXT  O N N 261 
LEU H    H N N 262 
LEU H2   H N N 263 
LEU HA   H N N 264 
LEU HB2  H N N 265 
LEU HB3  H N N 266 
LEU HG   H N N 267 
LEU HD11 H N N 268 
LEU HD12 H N N 269 
LEU HD13 H N N 270 
LEU HD21 H N N 271 
LEU HD22 H N N 272 
LEU HD23 H N N 273 
LEU HXT  H N N 274 
LYS N    N N N 275 
LYS CA   C N S 276 
LYS C    C N N 277 
LYS O    O N N 278 
LYS CB   C N N 279 
LYS CG   C N N 280 
LYS CD   C N N 281 
LYS CE   C N N 282 
LYS NZ   N N N 283 
LYS OXT  O N N 284 
LYS H    H N N 285 
LYS H2   H N N 286 
LYS HA   H N N 287 
LYS HB2  H N N 288 
LYS HB3  H N N 289 
LYS HG2  H N N 290 
LYS HG3  H N N 291 
LYS HD2  H N N 292 
LYS HD3  H N N 293 
LYS HE2  H N N 294 
LYS HE3  H N N 295 
LYS HZ1  H N N 296 
LYS HZ2  H N N 297 
LYS HZ3  H N N 298 
LYS HXT  H N N 299 
MET N    N N N 300 
MET CA   C N S 301 
MET C    C N N 302 
MET O    O N N 303 
MET CB   C N N 304 
MET CG   C N N 305 
MET SD   S N N 306 
MET CE   C N N 307 
MET OXT  O N N 308 
MET H    H N N 309 
MET H2   H N N 310 
MET HA   H N N 311 
MET HB2  H N N 312 
MET HB3  H N N 313 
MET HG2  H N N 314 
MET HG3  H N N 315 
MET HE1  H N N 316 
MET HE2  H N N 317 
MET HE3  H N N 318 
MET HXT  H N N 319 
NAG C1   C N R 320 
NAG C2   C N R 321 
NAG C3   C N R 322 
NAG C4   C N S 323 
NAG C5   C N R 324 
NAG C6   C N N 325 
NAG C7   C N N 326 
NAG C8   C N N 327 
NAG N2   N N N 328 
NAG O1   O N N 329 
NAG O3   O N N 330 
NAG O4   O N N 331 
NAG O5   O N N 332 
NAG O6   O N N 333 
NAG O7   O N N 334 
NAG H1   H N N 335 
NAG H2   H N N 336 
NAG H3   H N N 337 
NAG H4   H N N 338 
NAG H5   H N N 339 
NAG H61  H N N 340 
NAG H62  H N N 341 
NAG H81  H N N 342 
NAG H82  H N N 343 
NAG H83  H N N 344 
NAG HN2  H N N 345 
NAG HO1  H N N 346 
NAG HO3  H N N 347 
NAG HO4  H N N 348 
NAG HO6  H N N 349 
PHE N    N N N 350 
PHE CA   C N S 351 
PHE C    C N N 352 
PHE O    O N N 353 
PHE CB   C N N 354 
PHE CG   C Y N 355 
PHE CD1  C Y N 356 
PHE CD2  C Y N 357 
PHE CE1  C Y N 358 
PHE CE2  C Y N 359 
PHE CZ   C Y N 360 
PHE OXT  O N N 361 
PHE H    H N N 362 
PHE H2   H N N 363 
PHE HA   H N N 364 
PHE HB2  H N N 365 
PHE HB3  H N N 366 
PHE HD1  H N N 367 
PHE HD2  H N N 368 
PHE HE1  H N N 369 
PHE HE2  H N N 370 
PHE HZ   H N N 371 
PHE HXT  H N N 372 
PRO N    N N N 373 
PRO CA   C N S 374 
PRO C    C N N 375 
PRO O    O N N 376 
PRO CB   C N N 377 
PRO CG   C N N 378 
PRO CD   C N N 379 
PRO OXT  O N N 380 
PRO H    H N N 381 
PRO HA   H N N 382 
PRO HB2  H N N 383 
PRO HB3  H N N 384 
PRO HG2  H N N 385 
PRO HG3  H N N 386 
PRO HD2  H N N 387 
PRO HD3  H N N 388 
PRO HXT  H N N 389 
SER N    N N N 390 
SER CA   C N S 391 
SER C    C N N 392 
SER O    O N N 393 
SER CB   C N N 394 
SER OG   O N N 395 
SER OXT  O N N 396 
SER H    H N N 397 
SER H2   H N N 398 
SER HA   H N N 399 
SER HB2  H N N 400 
SER HB3  H N N 401 
SER HG   H N N 402 
SER HXT  H N N 403 
THR N    N N N 404 
THR CA   C N S 405 
THR C    C N N 406 
THR O    O N N 407 
THR CB   C N R 408 
THR OG1  O N N 409 
THR CG2  C N N 410 
THR OXT  O N N 411 
THR H    H N N 412 
THR H2   H N N 413 
THR HA   H N N 414 
THR HB   H N N 415 
THR HG1  H N N 416 
THR HG21 H N N 417 
THR HG22 H N N 418 
THR HG23 H N N 419 
THR HXT  H N N 420 
TRP N    N N N 421 
TRP CA   C N S 422 
TRP C    C N N 423 
TRP O    O N N 424 
TRP CB   C N N 425 
TRP CG   C Y N 426 
TRP CD1  C Y N 427 
TRP CD2  C Y N 428 
TRP NE1  N Y N 429 
TRP CE2  C Y N 430 
TRP CE3  C Y N 431 
TRP CZ2  C Y N 432 
TRP CZ3  C Y N 433 
TRP CH2  C Y N 434 
TRP OXT  O N N 435 
TRP H    H N N 436 
TRP H2   H N N 437 
TRP HA   H N N 438 
TRP HB2  H N N 439 
TRP HB3  H N N 440 
TRP HD1  H N N 441 
TRP HE1  H N N 442 
TRP HE3  H N N 443 
TRP HZ2  H N N 444 
TRP HZ3  H N N 445 
TRP HH2  H N N 446 
TRP HXT  H N N 447 
TYR N    N N N 448 
TYR CA   C N S 449 
TYR C    C N N 450 
TYR O    O N N 451 
TYR CB   C N N 452 
TYR CG   C Y N 453 
TYR CD1  C Y N 454 
TYR CD2  C Y N 455 
TYR CE1  C Y N 456 
TYR CE2  C Y N 457 
TYR CZ   C Y N 458 
TYR OH   O N N 459 
TYR OXT  O N N 460 
TYR H    H N N 461 
TYR H2   H N N 462 
TYR HA   H N N 463 
TYR HB2  H N N 464 
TYR HB3  H N N 465 
TYR HD1  H N N 466 
TYR HD2  H N N 467 
TYR HE1  H N N 468 
TYR HE2  H N N 469 
TYR HH   H N N 470 
TYR HXT  H N N 471 
VAL N    N N N 472 
VAL CA   C N S 473 
VAL C    C N N 474 
VAL O    O N N 475 
VAL CB   C N N 476 
VAL CG1  C N N 477 
VAL CG2  C N N 478 
VAL OXT  O N N 479 
VAL H    H N N 480 
VAL H2   H N N 481 
VAL HA   H N N 482 
VAL HB   H N N 483 
VAL HG11 H N N 484 
VAL HG12 H N N 485 
VAL HG13 H N N 486 
VAL HG21 H N N 487 
VAL HG22 H N N 488 
VAL HG23 H N N 489 
VAL HXT  H N N 490 
# 
loop_
_chem_comp_bond.comp_id 
_chem_comp_bond.atom_id_1 
_chem_comp_bond.atom_id_2 
_chem_comp_bond.value_order 
_chem_comp_bond.pdbx_aromatic_flag 
_chem_comp_bond.pdbx_stereo_config 
_chem_comp_bond.pdbx_ordinal 
ALA N   CA   sing N N 1   
ALA N   H    sing N N 2   
ALA N   H2   sing N N 3   
ALA CA  C    sing N N 4   
ALA CA  CB   sing N N 5   
ALA CA  HA   sing N N 6   
ALA C   O    doub N N 7   
ALA C   OXT  sing N N 8   
ALA CB  HB1  sing N N 9   
ALA CB  HB2  sing N N 10  
ALA CB  HB3  sing N N 11  
ALA OXT HXT  sing N N 12  
ARG N   CA   sing N N 13  
ARG N   H    sing N N 14  
ARG N   H2   sing N N 15  
ARG CA  C    sing N N 16  
ARG CA  CB   sing N N 17  
ARG CA  HA   sing N N 18  
ARG C   O    doub N N 19  
ARG C   OXT  sing N N 20  
ARG CB  CG   sing N N 21  
ARG CB  HB2  sing N N 22  
ARG CB  HB3  sing N N 23  
ARG CG  CD   sing N N 24  
ARG CG  HG2  sing N N 25  
ARG CG  HG3  sing N N 26  
ARG CD  NE   sing N N 27  
ARG CD  HD2  sing N N 28  
ARG CD  HD3  sing N N 29  
ARG NE  CZ   sing N N 30  
ARG NE  HE   sing N N 31  
ARG CZ  NH1  sing N N 32  
ARG CZ  NH2  doub N N 33  
ARG NH1 HH11 sing N N 34  
ARG NH1 HH12 sing N N 35  
ARG NH2 HH21 sing N N 36  
ARG NH2 HH22 sing N N 37  
ARG OXT HXT  sing N N 38  
ASN N   CA   sing N N 39  
ASN N   H    sing N N 40  
ASN N   H2   sing N N 41  
ASN CA  C    sing N N 42  
ASN CA  CB   sing N N 43  
ASN CA  HA   sing N N 44  
ASN C   O    doub N N 45  
ASN C   OXT  sing N N 46  
ASN CB  CG   sing N N 47  
ASN CB  HB2  sing N N 48  
ASN CB  HB3  sing N N 49  
ASN CG  OD1  doub N N 50  
ASN CG  ND2  sing N N 51  
ASN ND2 HD21 sing N N 52  
ASN ND2 HD22 sing N N 53  
ASN OXT HXT  sing N N 54  
ASP N   CA   sing N N 55  
ASP N   H    sing N N 56  
ASP N   H2   sing N N 57  
ASP CA  C    sing N N 58  
ASP CA  CB   sing N N 59  
ASP CA  HA   sing N N 60  
ASP C   O    doub N N 61  
ASP C   OXT  sing N N 62  
ASP CB  CG   sing N N 63  
ASP CB  HB2  sing N N 64  
ASP CB  HB3  sing N N 65  
ASP CG  OD1  doub N N 66  
ASP CG  OD2  sing N N 67  
ASP OD2 HD2  sing N N 68  
ASP OXT HXT  sing N N 69  
BGC C2  C3   sing N N 70  
BGC C2  C1   sing N N 71  
BGC C2  O2   sing N N 72  
BGC C2  H2   sing N N 73  
BGC C3  C4   sing N N 74  
BGC C3  O3   sing N N 75  
BGC C3  H3   sing N N 76  
BGC C4  C5   sing N N 77  
BGC C4  O4   sing N N 78  
BGC C4  H4   sing N N 79  
BGC C5  C6   sing N N 80  
BGC C5  O5   sing N N 81  
BGC C5  H5   sing N N 82  
BGC C6  O6   sing N N 83  
BGC C6  H61  sing N N 84  
BGC C6  H62  sing N N 85  
BGC C1  O1   sing N N 86  
BGC C1  O5   sing N N 87  
BGC C1  H1   sing N N 88  
BGC O1  HO1  sing N N 89  
BGC O2  HO2  sing N N 90  
BGC O3  HO3  sing N N 91  
BGC O4  HO4  sing N N 92  
BGC O6  HO6  sing N N 93  
CME N   CA   sing N N 94  
CME N   H    sing N N 95  
CME N   H2   sing N N 96  
CME CA  CB   sing N N 97  
CME CA  C    sing N N 98  
CME CA  HA   sing N N 99  
CME CB  SG   sing N N 100 
CME CB  HB2  sing N N 101 
CME CB  HB3  sing N N 102 
CME SG  SD   sing N N 103 
CME SD  CE   sing N N 104 
CME CE  CZ   sing N N 105 
CME CE  HE2  sing N N 106 
CME CE  HE3  sing N N 107 
CME CZ  OH   sing N N 108 
CME CZ  HZ2  sing N N 109 
CME CZ  HZ3  sing N N 110 
CME OH  HH   sing N N 111 
CME C   O    doub N N 112 
CME C   OXT  sing N N 113 
CME OXT HXT  sing N N 114 
CYS N   CA   sing N N 115 
CYS N   H    sing N N 116 
CYS N   H2   sing N N 117 
CYS CA  C    sing N N 118 
CYS CA  CB   sing N N 119 
CYS CA  HA   sing N N 120 
CYS C   O    doub N N 121 
CYS C   OXT  sing N N 122 
CYS CB  SG   sing N N 123 
CYS CB  HB2  sing N N 124 
CYS CB  HB3  sing N N 125 
CYS SG  HG   sing N N 126 
CYS OXT HXT  sing N N 127 
GAL C1  C2   sing N N 128 
GAL C1  O1   sing N N 129 
GAL C1  O5   sing N N 130 
GAL C1  H1   sing N N 131 
GAL C2  C3   sing N N 132 
GAL C2  O2   sing N N 133 
GAL C2  H2   sing N N 134 
GAL C3  C4   sing N N 135 
GAL C3  O3   sing N N 136 
GAL C3  H3   sing N N 137 
GAL C4  C5   sing N N 138 
GAL C4  O4   sing N N 139 
GAL C4  H4   sing N N 140 
GAL C5  C6   sing N N 141 
GAL C5  O5   sing N N 142 
GAL C5  H5   sing N N 143 
GAL C6  O6   sing N N 144 
GAL C6  H61  sing N N 145 
GAL C6  H62  sing N N 146 
GAL O1  HO1  sing N N 147 
GAL O2  HO2  sing N N 148 
GAL O3  HO3  sing N N 149 
GAL O4  HO4  sing N N 150 
GAL O6  HO6  sing N N 151 
GLN N   CA   sing N N 152 
GLN N   H    sing N N 153 
GLN N   H2   sing N N 154 
GLN CA  C    sing N N 155 
GLN CA  CB   sing N N 156 
GLN CA  HA   sing N N 157 
GLN C   O    doub N N 158 
GLN C   OXT  sing N N 159 
GLN CB  CG   sing N N 160 
GLN CB  HB2  sing N N 161 
GLN CB  HB3  sing N N 162 
GLN CG  CD   sing N N 163 
GLN CG  HG2  sing N N 164 
GLN CG  HG3  sing N N 165 
GLN CD  OE1  doub N N 166 
GLN CD  NE2  sing N N 167 
GLN NE2 HE21 sing N N 168 
GLN NE2 HE22 sing N N 169 
GLN OXT HXT  sing N N 170 
GLU N   CA   sing N N 171 
GLU N   H    sing N N 172 
GLU N   H2   sing N N 173 
GLU CA  C    sing N N 174 
GLU CA  CB   sing N N 175 
GLU CA  HA   sing N N 176 
GLU C   O    doub N N 177 
GLU C   OXT  sing N N 178 
GLU CB  CG   sing N N 179 
GLU CB  HB2  sing N N 180 
GLU CB  HB3  sing N N 181 
GLU CG  CD   sing N N 182 
GLU CG  HG2  sing N N 183 
GLU CG  HG3  sing N N 184 
GLU CD  OE1  doub N N 185 
GLU CD  OE2  sing N N 186 
GLU OE2 HE2  sing N N 187 
GLU OXT HXT  sing N N 188 
GLY N   CA   sing N N 189 
GLY N   H    sing N N 190 
GLY N   H2   sing N N 191 
GLY CA  C    sing N N 192 
GLY CA  HA2  sing N N 193 
GLY CA  HA3  sing N N 194 
GLY C   O    doub N N 195 
GLY C   OXT  sing N N 196 
GLY OXT HXT  sing N N 197 
HIS N   CA   sing N N 198 
HIS N   H    sing N N 199 
HIS N   H2   sing N N 200 
HIS CA  C    sing N N 201 
HIS CA  CB   sing N N 202 
HIS CA  HA   sing N N 203 
HIS C   O    doub N N 204 
HIS C   OXT  sing N N 205 
HIS CB  CG   sing N N 206 
HIS CB  HB2  sing N N 207 
HIS CB  HB3  sing N N 208 
HIS CG  ND1  sing Y N 209 
HIS CG  CD2  doub Y N 210 
HIS ND1 CE1  doub Y N 211 
HIS ND1 HD1  sing N N 212 
HIS CD2 NE2  sing Y N 213 
HIS CD2 HD2  sing N N 214 
HIS CE1 NE2  sing Y N 215 
HIS CE1 HE1  sing N N 216 
HIS NE2 HE2  sing N N 217 
HIS OXT HXT  sing N N 218 
HOH O   H1   sing N N 219 
HOH O   H2   sing N N 220 
ILE N   CA   sing N N 221 
ILE N   H    sing N N 222 
ILE N   H2   sing N N 223 
ILE CA  C    sing N N 224 
ILE CA  CB   sing N N 225 
ILE CA  HA   sing N N 226 
ILE C   O    doub N N 227 
ILE C   OXT  sing N N 228 
ILE CB  CG1  sing N N 229 
ILE CB  CG2  sing N N 230 
ILE CB  HB   sing N N 231 
ILE CG1 CD1  sing N N 232 
ILE CG1 HG12 sing N N 233 
ILE CG1 HG13 sing N N 234 
ILE CG2 HG21 sing N N 235 
ILE CG2 HG22 sing N N 236 
ILE CG2 HG23 sing N N 237 
ILE CD1 HD11 sing N N 238 
ILE CD1 HD12 sing N N 239 
ILE CD1 HD13 sing N N 240 
ILE OXT HXT  sing N N 241 
LEU N   CA   sing N N 242 
LEU N   H    sing N N 243 
LEU N   H2   sing N N 244 
LEU CA  C    sing N N 245 
LEU CA  CB   sing N N 246 
LEU CA  HA   sing N N 247 
LEU C   O    doub N N 248 
LEU C   OXT  sing N N 249 
LEU CB  CG   sing N N 250 
LEU CB  HB2  sing N N 251 
LEU CB  HB3  sing N N 252 
LEU CG  CD1  sing N N 253 
LEU CG  CD2  sing N N 254 
LEU CG  HG   sing N N 255 
LEU CD1 HD11 sing N N 256 
LEU CD1 HD12 sing N N 257 
LEU CD1 HD13 sing N N 258 
LEU CD2 HD21 sing N N 259 
LEU CD2 HD22 sing N N 260 
LEU CD2 HD23 sing N N 261 
LEU OXT HXT  sing N N 262 
LYS N   CA   sing N N 263 
LYS N   H    sing N N 264 
LYS N   H2   sing N N 265 
LYS CA  C    sing N N 266 
LYS CA  CB   sing N N 267 
LYS CA  HA   sing N N 268 
LYS C   O    doub N N 269 
LYS C   OXT  sing N N 270 
LYS CB  CG   sing N N 271 
LYS CB  HB2  sing N N 272 
LYS CB  HB3  sing N N 273 
LYS CG  CD   sing N N 274 
LYS CG  HG2  sing N N 275 
LYS CG  HG3  sing N N 276 
LYS CD  CE   sing N N 277 
LYS CD  HD2  sing N N 278 
LYS CD  HD3  sing N N 279 
LYS CE  NZ   sing N N 280 
LYS CE  HE2  sing N N 281 
LYS CE  HE3  sing N N 282 
LYS NZ  HZ1  sing N N 283 
LYS NZ  HZ2  sing N N 284 
LYS NZ  HZ3  sing N N 285 
LYS OXT HXT  sing N N 286 
MET N   CA   sing N N 287 
MET N   H    sing N N 288 
MET N   H2   sing N N 289 
MET CA  C    sing N N 290 
MET CA  CB   sing N N 291 
MET CA  HA   sing N N 292 
MET C   O    doub N N 293 
MET C   OXT  sing N N 294 
MET CB  CG   sing N N 295 
MET CB  HB2  sing N N 296 
MET CB  HB3  sing N N 297 
MET CG  SD   sing N N 298 
MET CG  HG2  sing N N 299 
MET CG  HG3  sing N N 300 
MET SD  CE   sing N N 301 
MET CE  HE1  sing N N 302 
MET CE  HE2  sing N N 303 
MET CE  HE3  sing N N 304 
MET OXT HXT  sing N N 305 
NAG C1  C2   sing N N 306 
NAG C1  O1   sing N N 307 
NAG C1  O5   sing N N 308 
NAG C1  H1   sing N N 309 
NAG C2  C3   sing N N 310 
NAG C2  N2   sing N N 311 
NAG C2  H2   sing N N 312 
NAG C3  C4   sing N N 313 
NAG C3  O3   sing N N 314 
NAG C3  H3   sing N N 315 
NAG C4  C5   sing N N 316 
NAG C4  O4   sing N N 317 
NAG C4  H4   sing N N 318 
NAG C5  C6   sing N N 319 
NAG C5  O5   sing N N 320 
NAG C5  H5   sing N N 321 
NAG C6  O6   sing N N 322 
NAG C6  H61  sing N N 323 
NAG C6  H62  sing N N 324 
NAG C7  C8   sing N N 325 
NAG C7  N2   sing N N 326 
NAG C7  O7   doub N N 327 
NAG C8  H81  sing N N 328 
NAG C8  H82  sing N N 329 
NAG C8  H83  sing N N 330 
NAG N2  HN2  sing N N 331 
NAG O1  HO1  sing N N 332 
NAG O3  HO3  sing N N 333 
NAG O4  HO4  sing N N 334 
NAG O6  HO6  sing N N 335 
PHE N   CA   sing N N 336 
PHE N   H    sing N N 337 
PHE N   H2   sing N N 338 
PHE CA  C    sing N N 339 
PHE CA  CB   sing N N 340 
PHE CA  HA   sing N N 341 
PHE C   O    doub N N 342 
PHE C   OXT  sing N N 343 
PHE CB  CG   sing N N 344 
PHE CB  HB2  sing N N 345 
PHE CB  HB3  sing N N 346 
PHE CG  CD1  doub Y N 347 
PHE CG  CD2  sing Y N 348 
PHE CD1 CE1  sing Y N 349 
PHE CD1 HD1  sing N N 350 
PHE CD2 CE2  doub Y N 351 
PHE CD2 HD2  sing N N 352 
PHE CE1 CZ   doub Y N 353 
PHE CE1 HE1  sing N N 354 
PHE CE2 CZ   sing Y N 355 
PHE CE2 HE2  sing N N 356 
PHE CZ  HZ   sing N N 357 
PHE OXT HXT  sing N N 358 
PRO N   CA   sing N N 359 
PRO N   CD   sing N N 360 
PRO N   H    sing N N 361 
PRO CA  C    sing N N 362 
PRO CA  CB   sing N N 363 
PRO CA  HA   sing N N 364 
PRO C   O    doub N N 365 
PRO C   OXT  sing N N 366 
PRO CB  CG   sing N N 367 
PRO CB  HB2  sing N N 368 
PRO CB  HB3  sing N N 369 
PRO CG  CD   sing N N 370 
PRO CG  HG2  sing N N 371 
PRO CG  HG3  sing N N 372 
PRO CD  HD2  sing N N 373 
PRO CD  HD3  sing N N 374 
PRO OXT HXT  sing N N 375 
SER N   CA   sing N N 376 
SER N   H    sing N N 377 
SER N   H2   sing N N 378 
SER CA  C    sing N N 379 
SER CA  CB   sing N N 380 
SER CA  HA   sing N N 381 
SER C   O    doub N N 382 
SER C   OXT  sing N N 383 
SER CB  OG   sing N N 384 
SER CB  HB2  sing N N 385 
SER CB  HB3  sing N N 386 
SER OG  HG   sing N N 387 
SER OXT HXT  sing N N 388 
THR N   CA   sing N N 389 
THR N   H    sing N N 390 
THR N   H2   sing N N 391 
THR CA  C    sing N N 392 
THR CA  CB   sing N N 393 
THR CA  HA   sing N N 394 
THR C   O    doub N N 395 
THR C   OXT  sing N N 396 
THR CB  OG1  sing N N 397 
THR CB  CG2  sing N N 398 
THR CB  HB   sing N N 399 
THR OG1 HG1  sing N N 400 
THR CG2 HG21 sing N N 401 
THR CG2 HG22 sing N N 402 
THR CG2 HG23 sing N N 403 
THR OXT HXT  sing N N 404 
TRP N   CA   sing N N 405 
TRP N   H    sing N N 406 
TRP N   H2   sing N N 407 
TRP CA  C    sing N N 408 
TRP CA  CB   sing N N 409 
TRP CA  HA   sing N N 410 
TRP C   O    doub N N 411 
TRP C   OXT  sing N N 412 
TRP CB  CG   sing N N 413 
TRP CB  HB2  sing N N 414 
TRP CB  HB3  sing N N 415 
TRP CG  CD1  doub Y N 416 
TRP CG  CD2  sing Y N 417 
TRP CD1 NE1  sing Y N 418 
TRP CD1 HD1  sing N N 419 
TRP CD2 CE2  doub Y N 420 
TRP CD2 CE3  sing Y N 421 
TRP NE1 CE2  sing Y N 422 
TRP NE1 HE1  sing N N 423 
TRP CE2 CZ2  sing Y N 424 
TRP CE3 CZ3  doub Y N 425 
TRP CE3 HE3  sing N N 426 
TRP CZ2 CH2  doub Y N 427 
TRP CZ2 HZ2  sing N N 428 
TRP CZ3 CH2  sing Y N 429 
TRP CZ3 HZ3  sing N N 430 
TRP CH2 HH2  sing N N 431 
TRP OXT HXT  sing N N 432 
TYR N   CA   sing N N 433 
TYR N   H    sing N N 434 
TYR N   H2   sing N N 435 
TYR CA  C    sing N N 436 
TYR CA  CB   sing N N 437 
TYR CA  HA   sing N N 438 
TYR C   O    doub N N 439 
TYR C   OXT  sing N N 440 
TYR CB  CG   sing N N 441 
TYR CB  HB2  sing N N 442 
TYR CB  HB3  sing N N 443 
TYR CG  CD1  doub Y N 444 
TYR CG  CD2  sing Y N 445 
TYR CD1 CE1  sing Y N 446 
TYR CD1 HD1  sing N N 447 
TYR CD2 CE2  doub Y N 448 
TYR CD2 HD2  sing N N 449 
TYR CE1 CZ   doub Y N 450 
TYR CE1 HE1  sing N N 451 
TYR CE2 CZ   sing Y N 452 
TYR CE2 HE2  sing N N 453 
TYR CZ  OH   sing N N 454 
TYR OH  HH   sing N N 455 
TYR OXT HXT  sing N N 456 
VAL N   CA   sing N N 457 
VAL N   H    sing N N 458 
VAL N   H2   sing N N 459 
VAL CA  C    sing N N 460 
VAL CA  CB   sing N N 461 
VAL CA  HA   sing N N 462 
VAL C   O    doub N N 463 
VAL C   OXT  sing N N 464 
VAL CB  CG1  sing N N 465 
VAL CB  CG2  sing N N 466 
VAL CB  HB   sing N N 467 
VAL CG1 HG11 sing N N 468 
VAL CG1 HG12 sing N N 469 
VAL CG1 HG13 sing N N 470 
VAL CG2 HG21 sing N N 471 
VAL CG2 HG22 sing N N 472 
VAL CG2 HG23 sing N N 473 
VAL OXT HXT  sing N N 474 
# 
_pdbx_audit_support.funding_organization   'Cancer Council Queensland' 
_pdbx_audit_support.country                Australia 
_pdbx_audit_support.grant_number           1080845 
_pdbx_audit_support.ordinal                1 
# 
loop_
_pdbx_entity_branch_list.entity_id 
_pdbx_entity_branch_list.comp_id 
_pdbx_entity_branch_list.num 
_pdbx_entity_branch_list.hetero 
2 BGC 1 n 
2 GAL 2 n 
2 NAG 3 n 
2 GAL 4 n 
# 
_pdbx_initial_refinement_model.id               1 
_pdbx_initial_refinement_model.entity_id_list   ? 
_pdbx_initial_refinement_model.type             'experimental model' 
_pdbx_initial_refinement_model.source_name      PDB 
_pdbx_initial_refinement_model.accession_code   3AP5 
_pdbx_initial_refinement_model.details          ? 
# 
_atom_sites.entry_id                    5T7I 
_atom_sites.fract_transf_matrix[1][1]   0.01200177 
_atom_sites.fract_transf_matrix[1][2]   0.01632306 
_atom_sites.fract_transf_matrix[1][3]   0.00624141 
_atom_sites.fract_transf_matrix[2][1]   0.00015479 
_atom_sites.fract_transf_matrix[2][2]   -0.00722197 
_atom_sites.fract_transf_matrix[2][3]   0.01858984 
_atom_sites.fract_transf_matrix[3][1]   0.01179882 
_atom_sites.fract_transf_matrix[3][2]   -0.00752055 
_atom_sites.fract_transf_matrix[3][3]   -0.00301991 
_atom_sites.fract_transf_vector[1]      -0.492694 
_atom_sites.fract_transf_vector[2]      -0.030197 
_atom_sites.fract_transf_vector[3]      -0.093778 
# 
loop_
_atom_type.symbol 
C 
N 
O 
S 
# 
loop_
_atom_site.group_PDB 
_atom_site.id 
_atom_site.type_symbol 
_atom_site.label_atom_id 
_atom_site.label_alt_id 
_atom_site.label_comp_id 
_atom_site.label_asym_id 
_atom_site.label_entity_id 
_atom_site.label_seq_id 
_atom_site.pdbx_PDB_ins_code 
_atom_site.Cartn_x 
_atom_site.Cartn_y 
_atom_site.Cartn_z 
_atom_site.occupancy 
_atom_site.B_iso_or_equiv 
_atom_site.pdbx_formal_charge 
_atom_site.auth_seq_id 
_atom_site.auth_comp_id 
_atom_site.auth_asym_id 
_atom_site.auth_atom_id 
_atom_site.pdbx_PDB_model_num 
ATOM   1    N N   . LEU A 1 8   ? -17.755 4.390   2.277   1.00 22.81  ? 8   LEU A N   1 
ATOM   2    C CA  . LEU A 1 8   ? -16.758 3.277   2.137   1.00 15.85  ? 8   LEU A CA  1 
ATOM   3    C C   . LEU A 1 8   ? -17.344 1.912   2.457   1.00 15.00  ? 8   LEU A C   1 
ATOM   4    O O   . LEU A 1 8   ? -18.225 1.795   3.297   1.00 15.84  ? 8   LEU A O   1 
ATOM   5    C CB  . LEU A 1 8   ? -15.539 3.495   3.030   1.00 18.73  ? 8   LEU A CB  1 
ATOM   6    C CG  . LEU A 1 8   ? -14.579 4.622   2.668   1.00 17.73  ? 8   LEU A CG  1 
ATOM   7    C CD1 . LEU A 1 8   ? -13.427 4.592   3.648   1.00 18.94  ? 8   LEU A CD1 1 
ATOM   8    C CD2 . LEU A 1 8   ? -14.074 4.480   1.237   1.00 22.01  ? 8   LEU A CD2 1 
ATOM   9    N N   . GLN A 1 9   ? -16.804 0.886   1.800   1.00 12.10  ? 9   GLN A N   1 
ATOM   10   C CA  . GLN A 1 9   ? -17.354 -0.469  1.821   1.00 12.32  ? 9   GLN A CA  1 
ATOM   11   C C   . GLN A 1 9   ? -16.343 -1.399  2.447   1.00 10.76  ? 9   GLN A C   1 
ATOM   12   O O   . GLN A 1 9   ? -15.152 -1.102  2.450   1.00 11.09  ? 9   GLN A O   1 
ATOM   13   C CB  . GLN A 1 9   ? -17.640 -0.961  0.396   1.00 18.17  ? 9   GLN A CB  1 
ATOM   14   C CG  . GLN A 1 9   ? -18.259 0.042   -0.550  1.00 20.21  ? 9   GLN A CG  1 
ATOM   15   C CD  . GLN A 1 9   ? -18.393 -0.489  -1.971  1.00 22.08  ? 9   GLN A CD  1 
ATOM   16   O OE1 . GLN A 1 9   ? -17.801 0.056   -2.907  1.00 26.20  ? 9   GLN A OE1 1 
ATOM   17   N NE2 . GLN A 1 9   ? -19.192 -1.528  -2.144  1.00 22.29  ? 9   GLN A NE2 1 
ATOM   18   N N   . ASN A 1 10  ? -16.830 -2.520  2.976   1.00 11.17  ? 10  ASN A N   1 
ATOM   19   C CA  . ASN A 1 10  ? -16.003 -3.644  3.455   1.00 12.41  ? 10  ASN A CA  1 
ATOM   20   C C   . ASN A 1 10  ? -14.924 -3.210  4.441   1.00 11.11  ? 10  ASN A C   1 
ATOM   21   O O   . ASN A 1 10  ? -13.783 -3.612  4.338   1.00 10.55  ? 10  ASN A O   1 
ATOM   22   C CB  . ASN A 1 10  ? -15.400 -4.404  2.272   1.00 12.54  ? 10  ASN A CB  1 
ATOM   23   C CG  . ASN A 1 10  ? -16.469 -4.944  1.337   1.00 16.30  ? 10  ASN A CG  1 
ATOM   24   O OD1 . ASN A 1 10  ? -17.097 -5.963  1.629   1.00 22.93  ? 10  ASN A OD1 1 
ATOM   25   N ND2 . ASN A 1 10  ? -16.678 -4.275  0.218   1.00 14.73  ? 10  ASN A ND2 1 
ATOM   26   N N   . ILE A 1 11  ? -15.333 -2.429  5.435   1.00 10.22  ? 11  ILE A N   1 
ATOM   27   C CA  . ILE A 1 11  ? -14.407 -1.821  6.377   1.00 9.06   ? 11  ILE A CA  1 
ATOM   28   C C   . ILE A 1 11  ? -13.857 -2.830  7.391   1.00 9.04   ? 11  ILE A C   1 
ATOM   29   O O   . ILE A 1 11  ? -14.593 -3.664  7.927   1.00 11.92  ? 11  ILE A O   1 
ATOM   30   C CB  . ILE A 1 11  ? -15.056 -0.608  7.097   1.00 9.00   ? 11  ILE A CB  1 
ATOM   31   C CG1 . ILE A 1 11  ? -15.514 0.455   6.078   1.00 7.34   ? 11  ILE A CG1 1 
ATOM   32   C CG2 . ILE A 1 11  ? -14.088 0.040   8.085   1.00 8.81   ? 11  ILE A CG2 1 
ATOM   33   C CD1 . ILE A 1 11  ? -16.674 1.326   6.554   1.00 6.49   ? 11  ILE A CD1 1 
ATOM   34   N N   . ILE A 1 12  ? -12.557 -2.730  7.653   1.00 8.03   ? 12  ILE A N   1 
ATOM   35   C CA  . ILE A 1 12  ? -11.872 -3.470  8.715   1.00 7.98   ? 12  ILE A CA  1 
ATOM   36   C C   . ILE A 1 12  ? -11.350 -2.431  9.708   1.00 8.61   ? 12  ILE A C   1 
ATOM   37   O O   . ILE A 1 12  ? -10.616 -1.508  9.321   1.00 7.37   ? 12  ILE A O   1 
ATOM   38   C CB  . ILE A 1 12  ? -10.657 -4.249  8.183   1.00 10.50  ? 12  ILE A CB  1 
ATOM   39   C CG1 . ILE A 1 12  ? -11.052 -5.220  7.056   1.00 11.37  ? 12  ILE A CG1 1 
ATOM   40   C CG2 . ILE A 1 12  ? -9.913  -4.962  9.309   1.00 9.84   ? 12  ILE A CG2 1 
ATOM   41   C CD1 . ILE A 1 12  ? -12.138 -6.208  7.442   1.00 15.25  ? 12  ILE A CD1 1 
ATOM   42   N N   . TYR A 1 13  ? -11.713 -2.611  10.974  1.00 7.82   ? 13  TYR A N   1 
ATOM   43   C CA  . TYR A 1 13  ? -11.309 -1.726  12.063  1.00 8.21   ? 13  TYR A CA  1 
ATOM   44   C C   . TYR A 1 13  ? -10.223 -2.363  12.909  1.00 8.16   ? 13  TYR A C   1 
ATOM   45   O O   . TYR A 1 13  ? -10.323 -3.525  13.263  1.00 6.75   ? 13  TYR A O   1 
ATOM   46   C CB  . TYR A 1 13  ? -12.511 -1.435  12.949  1.00 9.13   ? 13  TYR A CB  1 
ATOM   47   C CG  . TYR A 1 13  ? -13.593 -0.671  12.259  1.00 11.09  ? 13  TYR A CG  1 
ATOM   48   C CD1 . TYR A 1 13  ? -13.441 0.687   11.974  1.00 10.10  ? 13  TYR A CD1 1 
ATOM   49   C CD2 . TYR A 1 13  ? -14.800 -1.298  11.891  1.00 11.41  ? 13  TYR A CD2 1 
ATOM   50   C CE1 . TYR A 1 13  ? -14.443 1.396   11.321  1.00 12.07  ? 13  TYR A CE1 1 
ATOM   51   C CE2 . TYR A 1 13  ? -15.803 -0.586  11.262  1.00 12.32  ? 13  TYR A CE2 1 
ATOM   52   C CZ  . TYR A 1 13  ? -15.617 0.760   10.975  1.00 14.28  ? 13  TYR A CZ  1 
ATOM   53   O OH  . TYR A 1 13  ? -16.613 1.480   10.349  1.00 12.56  ? 13  TYR A OH  1 
ATOM   54   N N   . ASN A 1 14  ? -9.185  -1.592  13.241  1.00 8.70   ? 14  ASN A N   1 
ATOM   55   C CA  . ASN A 1 14  ? -8.146  -1.998  14.202  1.00 7.44   ? 14  ASN A CA  1 
ATOM   56   C C   . ASN A 1 14  ? -7.545  -3.386  13.915  1.00 7.66   ? 14  ASN A C   1 
ATOM   57   O O   . ASN A 1 14  ? -7.489  -4.234  14.794  1.00 7.49   ? 14  ASN A O   1 
ATOM   58   C CB  . ASN A 1 14  ? -8.721  -1.927  15.628  1.00 8.65   ? 14  ASN A CB  1 
ATOM   59   C CG  . ASN A 1 14  ? -7.673  -2.118  16.717  1.00 9.32   ? 14  ASN A CG  1 
ATOM   60   O OD1 . ASN A 1 14  ? -6.509  -1.775  16.539  1.00 9.98   ? 14  ASN A OD1 1 
ATOM   61   N ND2 . ASN A 1 14  ? -8.088  -2.697  17.851  1.00 9.98   ? 14  ASN A ND2 1 
ATOM   62   N N   . PRO A 1 15  ? -7.105  -3.625  12.676  1.00 9.79   ? 15  PRO A N   1 
ATOM   63   C CA  . PRO A 1 15  ? -6.511  -4.926  12.365  1.00 11.51  ? 15  PRO A CA  1 
ATOM   64   C C   . PRO A 1 15  ? -5.156  -5.104  13.047  1.00 12.39  ? 15  PRO A C   1 
ATOM   65   O O   . PRO A 1 15  ? -4.464  -4.112  13.315  1.00 18.22  ? 15  PRO A O   1 
ATOM   66   C CB  . PRO A 1 15  ? -6.339  -4.856  10.857  1.00 9.95   ? 15  PRO A CB  1 
ATOM   67   C CG  . PRO A 1 15  ? -6.082  -3.400  10.606  1.00 10.51  ? 15  PRO A CG  1 
ATOM   68   C CD  . PRO A 1 15  ? -7.059  -2.719  11.509  1.00 9.44   ? 15  PRO A CD  1 
ATOM   69   N N   . VAL A 1 16  ? -4.803  -6.343  13.354  1.00 12.83  ? 16  VAL A N   1 
ATOM   70   C CA  . VAL A 1 16  ? -3.477  -6.657  13.873  1.00 14.19  ? 16  VAL A CA  1 
ATOM   71   C C   . VAL A 1 16  ? -2.473  -6.605  12.720  1.00 12.18  ? 16  VAL A C   1 
ATOM   72   O O   . VAL A 1 16  ? -2.748  -7.077  11.639  1.00 11.12  ? 16  VAL A O   1 
ATOM   73   C CB  . VAL A 1 16  ? -3.445  -8.041  14.571  1.00 18.94  ? 16  VAL A CB  1 
ATOM   74   C CG1 . VAL A 1 16  ? -2.032  -8.407  15.016  1.00 16.81  ? 16  VAL A CG1 1 
ATOM   75   C CG2 . VAL A 1 16  ? -4.403  -8.040  15.767  1.00 23.52  ? 16  VAL A CG2 1 
ATOM   76   N N   . ILE A 1 17  ? -1.309  -6.008  12.966  1.00 11.70  ? 17  ILE A N   1 
ATOM   77   C CA  . ILE A 1 17  ? -0.204  -5.979  12.005  1.00 14.80  ? 17  ILE A CA  1 
ATOM   78   C C   . ILE A 1 17  ? 0.813   -7.037  12.462  1.00 13.12  ? 17  ILE A C   1 
ATOM   79   O O   . ILE A 1 17  ? 1.253   -6.968  13.607  1.00 15.34  ? 17  ILE A O   1 
ATOM   80   C CB  . ILE A 1 17  ? 0.417   -4.560  11.955  1.00 12.09  ? 17  ILE A CB  1 
ATOM   81   C CG1 . ILE A 1 17  ? -0.664  -3.518  11.603  1.00 10.65  ? 17  ILE A CG1 1 
ATOM   82   C CG2 . ILE A 1 17  ? 1.562   -4.494  10.964  1.00 12.82  ? 17  ILE A CG2 1 
ATOM   83   C CD1 . ILE A 1 17  ? -1.567  -3.885  10.434  1.00 9.77   ? 17  ILE A CD1 1 
ATOM   84   N N   . PRO A 1 18  ? 1.214   -7.998  11.610  1.00 14.49  ? 18  PRO A N   1 
ATOM   85   C CA  . PRO A 1 18  ? 0.972   -8.014  10.164  1.00 13.22  ? 18  PRO A CA  1 
ATOM   86   C C   . PRO A 1 18  ? -0.447  -8.415  9.763   1.00 13.48  ? 18  PRO A C   1 
ATOM   87   O O   . PRO A 1 18  ? -1.027  -9.346  10.321  1.00 12.38  ? 18  PRO A O   1 
ATOM   88   C CB  . PRO A 1 18  ? 2.016   -9.033  9.640   1.00 18.13  ? 18  PRO A CB  1 
ATOM   89   C CG  . PRO A 1 18  ? 2.288   -9.932  10.801  1.00 18.75  ? 18  PRO A CG  1 
ATOM   90   C CD  . PRO A 1 18  ? 2.169   -9.048  12.022  1.00 14.79  ? 18  PRO A CD  1 
ATOM   91   N N   . PHE A 1 19  ? -1.010  -7.665  8.820   1.00 12.14  ? 19  PHE A N   1 
ATOM   92   C CA  . PHE A 1 19  ? -2.353  -7.890  8.322   1.00 12.72  ? 19  PHE A CA  1 
ATOM   93   C C   . PHE A 1 19  ? -2.244  -8.492  6.930   1.00 16.76  ? 19  PHE A C   1 
ATOM   94   O O   . PHE A 1 19  ? -1.473  -8.000  6.111   1.00 12.98  ? 19  PHE A O   1 
ATOM   95   C CB  . PHE A 1 19  ? -3.131  -6.562  8.263   1.00 12.70  ? 19  PHE A CB  1 
ATOM   96   C CG  . PHE A 1 19  ? -4.459  -6.671  7.566   1.00 10.85  ? 19  PHE A CG  1 
ATOM   97   C CD1 . PHE A 1 19  ? -5.550  -7.236  8.212   1.00 8.74   ? 19  PHE A CD1 1 
ATOM   98   C CD2 . PHE A 1 19  ? -4.607  -6.249  6.242   1.00 10.02  ? 19  PHE A CD2 1 
ATOM   99   C CE1 . PHE A 1 19  ? -6.763  -7.359  7.570   1.00 8.55   ? 19  PHE A CE1 1 
ATOM   100  C CE2 . PHE A 1 19  ? -5.821  -6.371  5.595   1.00 8.62   ? 19  PHE A CE2 1 
ATOM   101  C CZ  . PHE A 1 19  ? -6.905  -6.922  6.267   1.00 8.72   ? 19  PHE A CZ  1 
ATOM   102  N N   . VAL A 1 20  ? -3.022  -9.542  6.662   1.00 15.17  ? 20  VAL A N   1 
ATOM   103  C CA  . VAL A 1 20  ? -3.116  -10.136 5.330   1.00 14.03  ? 20  VAL A CA  1 
ATOM   104  C C   . VAL A 1 20  ? -4.584  -10.419 5.053   1.00 12.82  ? 20  VAL A C   1 
ATOM   105  O O   . VAL A 1 20  ? -5.183  -11.274 5.720   1.00 18.08  ? 20  VAL A O   1 
ATOM   106  C CB  . VAL A 1 20  ? -2.304  -11.445 5.221   1.00 19.02  ? 20  VAL A CB  1 
ATOM   107  C CG1 . VAL A 1 20  ? -2.410  -12.014 3.808   1.00 20.50  ? 20  VAL A CG1 1 
ATOM   108  C CG2 . VAL A 1 20  ? -0.843  -11.207 5.615   1.00 19.95  ? 20  VAL A CG2 1 
ATOM   109  N N   . GLY A 1 21  ? -5.172  -9.705  4.091   1.00 11.90  ? 21  GLY A N   1 
ATOM   110  C CA  . GLY A 1 21  ? -6.634  -9.745  3.890   1.00 12.52  ? 21  GLY A CA  1 
ATOM   111  C C   . GLY A 1 21  ? -7.058  -9.851  2.456   1.00 12.78  ? 21  GLY A C   1 
ATOM   112  O O   . GLY A 1 21  ? -6.413  -9.277  1.567   1.00 8.41   ? 21  GLY A O   1 
ATOM   113  N N   . THR A 1 22  ? -8.143  -10.599 2.219   1.00 12.42  ? 22  THR A N   1 
ATOM   114  C CA  . THR A 1 22  ? -8.696  -10.743 0.883   1.00 13.66  ? 22  THR A CA  1 
ATOM   115  C C   . THR A 1 22  ? -9.449  -9.475  0.522   1.00 14.88  ? 22  THR A C   1 
ATOM   116  O O   . THR A 1 22  ? -10.282 -8.983  1.303   1.00 17.91  ? 22  THR A O   1 
ATOM   117  C CB  . THR A 1 22  ? -9.632  -11.968 0.781   1.00 18.98  ? 22  THR A CB  1 
ATOM   118  O OG1 . THR A 1 22  ? -8.936  -13.129 1.243   1.00 19.36  ? 22  THR A OG1 1 
ATOM   119  C CG2 . THR A 1 22  ? -10.081 -12.208 -0.662  1.00 23.01  ? 22  THR A CG2 1 
ATOM   120  N N   . ILE A 1 23  ? -9.136  -8.929  -0.648  1.00 9.39   ? 23  ILE A N   1 
ATOM   121  C CA  . ILE A 1 23  ? -9.826  -7.759  -1.173  1.00 11.42  ? 23  ILE A CA  1 
ATOM   122  C C   . ILE A 1 23  ? -11.119 -8.290  -1.804  1.00 15.34  ? 23  ILE A C   1 
ATOM   123  O O   . ILE A 1 23  ? -11.050 -9.089  -2.729  1.00 13.01  ? 23  ILE A O   1 
ATOM   124  C CB  . ILE A 1 23  ? -8.953  -7.018  -2.196  1.00 12.77  ? 23  ILE A CB  1 
ATOM   125  C CG1 . ILE A 1 23  ? -7.656  -6.533  -1.523  1.00 12.81  ? 23  ILE A CG1 1 
ATOM   126  C CG2 . ILE A 1 23  ? -9.704  -5.839  -2.810  1.00 14.59  ? 23  ILE A CG2 1 
ATOM   127  C CD1 . ILE A 1 23  ? -6.695  -5.820  -2.457  1.00 10.41  ? 23  ILE A CD1 1 
ATOM   128  N N   . PRO A 1 24  ? -12.296 -7.861  -1.293  1.00 14.86  ? 24  PRO A N   1 
ATOM   129  C CA  . PRO A 1 24  ? -13.556 -8.548  -1.650  1.00 14.93  ? 24  PRO A CA  1 
ATOM   130  C C   . PRO A 1 24  ? -14.163 -8.234  -3.043  1.00 15.40  ? 24  PRO A C   1 
ATOM   131  O O   . PRO A 1 24  ? -15.189 -8.822  -3.420  1.00 13.58  ? 24  PRO A O   1 
ATOM   132  C CB  . PRO A 1 24  ? -14.504 -8.131  -0.517  1.00 14.27  ? 24  PRO A CB  1 
ATOM   133  C CG  . PRO A 1 24  ? -14.022 -6.773  -0.115  1.00 13.05  ? 24  PRO A CG  1 
ATOM   134  C CD  . PRO A 1 24  ? -12.526 -6.759  -0.333  1.00 14.18  ? 24  PRO A CD  1 
ATOM   135  N N   . ASP A 1 25  ? -13.546 -7.345  -3.811  1.00 13.90  ? 25  ASP A N   1 
ATOM   136  C CA  . ASP A 1 25  ? -13.966 -7.143  -5.184  1.00 13.29  ? 25  ASP A CA  1 
ATOM   137  C C   . ASP A 1 25  ? -12.773 -6.743  -6.034  1.00 15.28  ? 25  ASP A C   1 
ATOM   138  O O   . ASP A 1 25  ? -11.653 -6.621  -5.534  1.00 8.92   ? 25  ASP A O   1 
ATOM   139  C CB  . ASP A 1 25  ? -15.099 -6.102  -5.227  1.00 12.93  ? 25  ASP A CB  1 
ATOM   140  C CG  . ASP A 1 25  ? -16.062 -6.309  -6.389  1.00 17.42  ? 25  ASP A CG  1 
ATOM   141  O OD1 . ASP A 1 25  ? -15.698 -7.002  -7.370  1.00 17.63  ? 25  ASP A OD1 1 
ATOM   142  O OD2 . ASP A 1 25  ? -17.168 -5.735  -6.338  1.00 19.60  ? 25  ASP A OD2 1 
ATOM   143  N N   . GLN A 1 26  ? -13.017 -6.586  -7.328  1.00 16.38  ? 26  GLN A N   1 
ATOM   144  C CA  . GLN A 1 26  ? -11.976 -6.261  -8.283  1.00 18.84  ? 26  GLN A CA  1 
ATOM   145  C C   . GLN A 1 26  ? -11.539 -4.806  -8.186  1.00 14.90  ? 26  GLN A C   1 
ATOM   146  O O   . GLN A 1 26  ? -12.327 -3.913  -7.872  1.00 18.20  ? 26  GLN A O   1 
ATOM   147  C CB  . GLN A 1 26  ? -12.449 -6.564  -9.703  1.00 21.98  ? 26  GLN A CB  1 
ATOM   148  C CG  . GLN A 1 26  ? -12.569 -8.047  -9.965  1.00 26.45  ? 26  GLN A CG  1 
ATOM   149  C CD  . GLN A 1 26  ? -11.214 -8.726  -10.150 1.00 39.23  ? 26  GLN A CD  1 
ATOM   150  O OE1 . GLN A 1 26  ? -10.360 -8.256  -10.919 1.00 40.62  ? 26  GLN A OE1 1 
ATOM   151  N NE2 . GLN A 1 26  ? -11.011 -9.840  -9.448  1.00 40.14  ? 26  GLN A NE2 1 
ATOM   152  N N   . LEU A 1 27  ? -10.266 -4.593  -8.463  1.00 12.35  ? 27  LEU A N   1 
ATOM   153  C CA  . LEU A 1 27  ? -9.681  -3.272  -8.525  1.00 12.82  ? 27  LEU A CA  1 
ATOM   154  C C   . LEU A 1 27  ? -9.782  -2.700  -9.944  1.00 12.67  ? 27  LEU A C   1 
ATOM   155  O O   . LEU A 1 27  ? -8.776  -2.561  -10.655 1.00 14.71  ? 27  LEU A O   1 
ATOM   156  C CB  . LEU A 1 27  ? -8.230  -3.335  -8.063  1.00 13.92  ? 27  LEU A CB  1 
ATOM   157  C CG  . LEU A 1 27  ? -8.000  -3.737  -6.612  1.00 15.61  ? 27  LEU A CG  1 
ATOM   158  C CD1 . LEU A 1 27  ? -6.510  -3.690  -6.339  1.00 17.23  ? 27  LEU A CD1 1 
ATOM   159  C CD2 . LEU A 1 27  ? -8.733  -2.809  -5.650  1.00 15.89  ? 27  LEU A CD2 1 
ATOM   160  N N   . ASP A 1 28  ? -11.008 -2.364  -10.338 1.00 15.71  ? 28  ASP A N   1 
ATOM   161  C CA  . ASP A 1 28  ? -11.280 -1.771  -11.647 1.00 14.75  ? 28  ASP A CA  1 
ATOM   162  C C   . ASP A 1 28  ? -10.920 -0.290  -11.557 1.00 11.05  ? 28  ASP A C   1 
ATOM   163  O O   . ASP A 1 28  ? -10.867 0.249   -10.463 1.00 11.10  ? 28  ASP A O   1 
ATOM   164  C CB  . ASP A 1 28  ? -12.757 -1.934  -12.043 1.00 14.04  ? 28  ASP A CB  1 
ATOM   165  C CG  . ASP A 1 28  ? -13.208 -3.392  -12.118 1.00 21.54  ? 28  ASP A CG  1 
ATOM   166  O OD1 . ASP A 1 28  ? -12.448 -4.268  -12.598 1.00 26.11  ? 28  ASP A OD1 1 
ATOM   167  O OD2 . ASP A 1 28  ? -14.351 -3.667  -11.698 1.00 38.79  ? 28  ASP A OD2 1 
ATOM   168  N N   . PRO A 1 29  ? -10.673 0.370   -12.702 1.00 12.96  ? 29  PRO A N   1 
ATOM   169  C CA  . PRO A 1 29  ? -10.332 1.790   -12.696 1.00 13.48  ? 29  PRO A CA  1 
ATOM   170  C C   . PRO A 1 29  ? -11.345 2.663   -11.936 1.00 14.79  ? 29  PRO A C   1 
ATOM   171  O O   . PRO A 1 29  ? -12.538 2.523   -12.130 1.00 13.75  ? 29  PRO A O   1 
ATOM   172  C CB  . PRO A 1 29  ? -10.290 2.146   -14.190 1.00 15.68  ? 29  PRO A CB  1 
ATOM   173  C CG  . PRO A 1 29  ? -9.901  0.867   -14.862 1.00 14.54  ? 29  PRO A CG  1 
ATOM   174  C CD  . PRO A 1 29  ? -10.554 -0.214  -14.059 1.00 16.94  ? 29  PRO A CD  1 
ATOM   175  N N   . GLY A 1 30  ? -10.842 3.532   -11.064 1.00 16.33  ? 30  GLY A N   1 
ATOM   176  C CA  . GLY A 1 30  ? -11.658 4.327   -10.157 1.00 15.57  ? 30  GLY A CA  1 
ATOM   177  C C   . GLY A 1 30  ? -11.772 3.788   -8.741  1.00 12.42  ? 30  GLY A C   1 
ATOM   178  O O   . GLY A 1 30  ? -12.152 4.517   -7.826  1.00 13.26  ? 30  GLY A O   1 
ATOM   179  N N   . THR A 1 31  ? -11.421 2.526   -8.545  1.00 11.08  ? 31  THR A N   1 
ATOM   180  C CA  . THR A 1 31  ? -11.478 1.904   -7.217  1.00 10.57  ? 31  THR A CA  1 
ATOM   181  C C   . THR A 1 31  ? -10.509 2.593   -6.250  1.00 8.86   ? 31  THR A C   1 
ATOM   182  O O   . THR A 1 31  ? -9.354  2.899   -6.619  1.00 7.33   ? 31  THR A O   1 
ATOM   183  C CB  . THR A 1 31  ? -11.208 0.383   -7.335  1.00 9.46   ? 31  THR A CB  1 
ATOM   184  O OG1 . THR A 1 31  ? -12.306 -0.202  -8.048  1.00 9.86   ? 31  THR A OG1 1 
ATOM   185  C CG2 . THR A 1 31  ? -11.083 -0.312  -5.972  1.00 8.85   ? 31  THR A CG2 1 
ATOM   186  N N   . LEU A 1 32  ? -11.005 2.874   -5.041  1.00 8.44   ? 32  LEU A N   1 
ATOM   187  C CA  . LEU A 1 32  ? -10.205 3.449   -3.956  1.00 8.20   ? 32  LEU A CA  1 
ATOM   188  C C   . LEU A 1 32  ? -9.957  2.410   -2.837  1.00 8.10   ? 32  LEU A C   1 
ATOM   189  O O   . LEU A 1 32  ? -10.833 1.621   -2.525  1.00 8.83   ? 32  LEU A O   1 
ATOM   190  C CB  . LEU A 1 32  ? -10.902 4.677   -3.373  1.00 9.46   ? 32  LEU A CB  1 
ATOM   191  C CG  . LEU A 1 32  ? -11.370 5.765   -4.363  1.00 8.00   ? 32  LEU A CG  1 
ATOM   192  C CD1 . LEU A 1 32  ? -12.144 6.834   -3.620  1.00 7.96   ? 32  LEU A CD1 1 
ATOM   193  C CD2 . LEU A 1 32  ? -10.185 6.377   -5.114  1.00 8.90   ? 32  LEU A CD2 1 
ATOM   194  N N   . ILE A 1 33  ? -8.746  2.416   -2.285  1.00 7.60   ? 33  ILE A N   1 
ATOM   195  C CA  . ILE A 1 33  ? -8.382  1.708   -1.067  1.00 7.20   ? 33  ILE A CA  1 
ATOM   196  C C   . ILE A 1 33  ? -7.951  2.804   -0.108  1.00 8.36   ? 33  ILE A C   1 
ATOM   197  O O   . ILE A 1 33  ? -7.040  3.559   -0.433  1.00 8.71   ? 33  ILE A O   1 
ATOM   198  C CB  . ILE A 1 33  ? -7.221  0.725   -1.320  1.00 7.01   ? 33  ILE A CB  1 
ATOM   199  C CG1 . ILE A 1 33  ? -7.629  -0.331  -2.360  1.00 7.27   ? 33  ILE A CG1 1 
ATOM   200  C CG2 . ILE A 1 33  ? -6.735  0.089   -0.025  1.00 8.19   ? 33  ILE A CG2 1 
ATOM   201  C CD1 . ILE A 1 33  ? -6.458  -1.132  -2.935  1.00 8.55   ? 33  ILE A CD1 1 
ATOM   202  N N   . VAL A 1 34  ? -8.615  2.891   1.049   1.00 6.87   ? 34  VAL A N   1 
ATOM   203  C CA  . VAL A 1 34  ? -8.446  3.975   2.028   1.00 7.31   ? 34  VAL A CA  1 
ATOM   204  C C   . VAL A 1 34  ? -7.949  3.352   3.336   1.00 6.99   ? 34  VAL A C   1 
ATOM   205  O O   . VAL A 1 34  ? -8.642  2.539   3.940   1.00 7.46   ? 34  VAL A O   1 
ATOM   206  C CB  . VAL A 1 34  ? -9.784  4.745   2.238   1.00 7.13   ? 34  VAL A CB  1 
ATOM   207  C CG1 . VAL A 1 34  ? -9.643  5.871   3.271   1.00 8.01   ? 34  VAL A CG1 1 
ATOM   208  C CG2 . VAL A 1 34  ? -10.240 5.337   0.904   1.00 8.38   ? 34  VAL A CG2 1 
ATOM   209  N N   . ILE A 1 35  ? -6.740  3.725   3.740   1.00 6.16   ? 35  ILE A N   1 
ATOM   210  C CA  . ILE A 1 35  ? -6.086  3.203   4.912   1.00 6.73   ? 35  ILE A CA  1 
ATOM   211  C C   . ILE A 1 35  ? -5.720  4.355   5.852   1.00 9.39   ? 35  ILE A C   1 
ATOM   212  O O   . ILE A 1 35  ? -4.922  5.236   5.492   1.00 8.43   ? 35  ILE A O   1 
ATOM   213  C CB  . ILE A 1 35  ? -4.793  2.469   4.527   1.00 7.01   ? 35  ILE A CB  1 
ATOM   214  C CG1 . ILE A 1 35  ? -5.101  1.291   3.585   1.00 6.68   ? 35  ILE A CG1 1 
ATOM   215  C CG2 . ILE A 1 35  ? -4.051  1.983   5.771   1.00 6.30   ? 35  ILE A CG2 1 
ATOM   216  C CD1 . ILE A 1 35  ? -3.892  0.830   2.814   1.00 7.06   ? 35  ILE A CD1 1 
ATOM   217  N N   . ARG A 1 36  ? -6.294  4.332   7.052   1.00 8.77   ? 36  ARG A N   1 
ATOM   218  C CA  . ARG A 1 36  ? -5.999  5.330   8.089   1.00 9.46   ? 36  ARG A CA  1 
ATOM   219  C C   . ARG A 1 36  ? -5.205  4.695   9.221   1.00 7.68   ? 36  ARG A C   1 
ATOM   220  O O   . ARG A 1 36  ? -5.475  3.569   9.629   1.00 7.20   ? 36  ARG A O   1 
ATOM   221  C CB  . ARG A 1 36  ? -7.287  5.966   8.606   1.00 10.95  ? 36  ARG A CB  1 
ATOM   222  C CG  . ARG A 1 36  ? -8.096  6.625   7.500   1.00 13.63  ? 36  ARG A CG  1 
ATOM   223  C CD  . ARG A 1 36  ? -9.453  7.121   7.969   1.00 16.00  ? 36  ARG A CD  1 
ATOM   224  N NE  . ARG A 1 36  ? -10.127 7.895   6.910   1.00 34.31  ? 36  ARG A NE  1 
ATOM   225  C CZ  . ARG A 1 36  ? -11.232 7.544   6.230   1.00 33.85  ? 36  ARG A CZ  1 
ATOM   226  N NH1 . ARG A 1 36  ? -11.878 6.395   6.456   1.00 35.91  ? 36  ARG A NH1 1 
ATOM   227  N NH2 . ARG A 1 36  ? -11.719 8.378   5.306   1.00 31.75  ? 36  ARG A NH2 1 
ATOM   228  N N   . GLY A 1 37  ? -4.195  5.403   9.706   1.00 7.52   ? 37  GLY A N   1 
ATOM   229  C CA  . GLY A 1 37  ? -3.335  4.865   10.743  1.00 7.99   ? 37  GLY A CA  1 
ATOM   230  C C   . GLY A 1 37  ? -2.396  5.867   11.362  1.00 7.67   ? 37  GLY A C   1 
ATOM   231  O O   . GLY A 1 37  ? -2.573  7.062   11.211  1.00 7.72   ? 37  GLY A O   1 
ATOM   232  N N   . HIS A 1 38  ? -1.386  5.362   12.062  1.00 9.30   ? 38  HIS A N   1 
ATOM   233  C CA  . HIS A 1 38  ? -0.480  6.192   12.854  1.00 10.28  ? 38  HIS A CA  1 
ATOM   234  C C   . HIS A 1 38  ? 0.888   5.562   12.766  1.00 9.89   ? 38  HIS A C   1 
ATOM   235  O O   . HIS A 1 38  ? 0.997   4.339   12.714  1.00 7.29   ? 38  HIS A O   1 
ATOM   236  C CB  . HIS A 1 38  ? -0.969  6.252   14.308  1.00 16.08  ? 38  HIS A CB  1 
ATOM   237  C CG  . HIS A 1 38  ? -0.198  7.194   15.180  1.00 22.32  ? 38  HIS A CG  1 
ATOM   238  N ND1 . HIS A 1 38  ? -0.603  8.493   15.420  1.00 27.59  ? 38  HIS A ND1 1 
ATOM   239  C CD2 . HIS A 1 38  ? 0.943   7.019   15.893  1.00 26.29  ? 38  HIS A CD2 1 
ATOM   240  C CE1 . HIS A 1 38  ? 0.260   9.079   16.232  1.00 23.99  ? 38  HIS A CE1 1 
ATOM   241  N NE2 . HIS A 1 38  ? 1.206   8.204   16.537  1.00 24.93  ? 38  HIS A NE2 1 
ATOM   242  N N   . VAL A 1 39  ? 1.926   6.393   12.730  1.00 9.61   ? 39  VAL A N   1 
ATOM   243  C CA  . VAL A 1 39  ? 3.293   5.917   12.653  1.00 9.31   ? 39  VAL A CA  1 
ATOM   244  C C   . VAL A 1 39  ? 3.905   5.985   14.064  1.00 9.83   ? 39  VAL A C   1 
ATOM   245  O O   . VAL A 1 39  ? 3.954   7.051   14.647  1.00 9.55   ? 39  VAL A O   1 
ATOM   246  C CB  . VAL A 1 39  ? 4.148   6.724   11.655  1.00 10.62  ? 39  VAL A CB  1 
ATOM   247  C CG1 . VAL A 1 39  ? 5.545   6.121   11.534  1.00 9.97   ? 39  VAL A CG1 1 
ATOM   248  C CG2 . VAL A 1 39  ? 3.477   6.754   10.274  1.00 11.82  ? 39  VAL A CG2 1 
ATOM   249  N N   . PRO A 1 40  ? 4.385   4.846   14.602  1.00 10.23  ? 40  PRO A N   1 
ATOM   250  C CA  . PRO A 1 40  ? 4.984   4.858   15.939  1.00 12.49  ? 40  PRO A CA  1 
ATOM   251  C C   . PRO A 1 40  ? 6.332   5.555   15.959  1.00 13.54  ? 40  PRO A C   1 
ATOM   252  O O   . PRO A 1 40  ? 6.951   5.759   14.905  1.00 15.08  ? 40  PRO A O   1 
ATOM   253  C CB  . PRO A 1 40  ? 5.104   3.375   16.301  1.00 12.74  ? 40  PRO A CB  1 
ATOM   254  C CG  . PRO A 1 40  ? 5.037   2.635   15.012  1.00 12.68  ? 40  PRO A CG  1 
ATOM   255  C CD  . PRO A 1 40  ? 4.330   3.493   14.019  1.00 11.96  ? 40  PRO A CD  1 
ATOM   256  N N   . SER A 1 41  ? 6.768   5.925   17.160  1.00 14.00  ? 41  SER A N   1 
ATOM   257  C CA  . SER A 1 41  ? 7.962   6.742   17.344  1.00 16.68  ? 41  SER A CA  1 
ATOM   258  C C   . SER A 1 41  ? 9.257   6.027   16.926  1.00 15.35  ? 41  SER A C   1 
ATOM   259  O O   . SER A 1 41  ? 10.242  6.673   16.596  1.00 22.58  ? 41  SER A O   1 
ATOM   260  C CB  . SER A 1 41  ? 8.064   7.181   18.808  1.00 15.20  ? 41  SER A CB  1 
ATOM   261  O OG  . SER A 1 41  ? 8.154   6.048   19.634  1.00 18.66  ? 41  SER A OG  1 
ATOM   262  N N   . ASP A 1 42  ? 9.250   4.701   16.938  1.00 21.78  ? 42  ASP A N   1 
ATOM   263  C CA  . ASP A 1 42  ? 10.446  3.920   16.576  1.00 26.23  ? 42  ASP A CA  1 
ATOM   264  C C   . ASP A 1 42  ? 10.427  3.376   15.147  1.00 22.88  ? 42  ASP A C   1 
ATOM   265  O O   . ASP A 1 42  ? 11.276  2.563   14.796  1.00 18.41  ? 42  ASP A O   1 
ATOM   266  C CB  . ASP A 1 42  ? 10.662  2.772   17.583  1.00 21.09  ? 42  ASP A CB  1 
ATOM   267  C CG  . ASP A 1 42  ? 9.608   1.665   17.478  1.00 20.83  ? 42  ASP A CG  1 
ATOM   268  O OD1 . ASP A 1 42  ? 8.486   1.920   16.975  1.00 23.68  ? 42  ASP A OD1 1 
ATOM   269  O OD2 . ASP A 1 42  ? 9.904   0.528   17.914  1.00 24.14  ? 42  ASP A OD2 1 
ATOM   270  N N   . ALA A 1 43  ? 9.468   3.804   14.325  1.00 15.69  ? 43  ALA A N   1 
ATOM   271  C CA  . ALA A 1 43  ? 9.336   3.242   12.981  1.00 14.75  ? 43  ALA A CA  1 
ATOM   272  C C   . ALA A 1 43  ? 10.558  3.546   12.126  1.00 11.75  ? 43  ALA A C   1 
ATOM   273  O O   . ALA A 1 43  ? 11.026  4.685   12.059  1.00 12.13  ? 43  ALA A O   1 
ATOM   274  C CB  . ALA A 1 43  ? 8.075   3.736   12.286  1.00 16.96  ? 43  ALA A CB  1 
ATOM   275  N N   . ASP A 1 44  ? 11.086  2.500   11.508  1.00 13.02  ? 44  ASP A N   1 
ATOM   276  C CA  . ASP A 1 44  ? 12.068  2.633   10.441  1.00 16.06  ? 44  ASP A CA  1 
ATOM   277  C C   . ASP A 1 44  ? 11.416  2.474   9.072   1.00 13.22  ? 44  ASP A C   1 
ATOM   278  O O   . ASP A 1 44  ? 11.837  3.118   8.119   1.00 11.84  ? 44  ASP A O   1 
ATOM   279  C CB  . ASP A 1 44  ? 13.214  1.640   10.652  1.00 23.67  ? 44  ASP A CB  1 
ATOM   280  C CG  . ASP A 1 44  ? 14.027  1.946   11.915  1.00 33.18  ? 44  ASP A CG  1 
ATOM   281  O OD1 . ASP A 1 44  ? 14.148  3.142   12.287  1.00 29.56  ? 44  ASP A OD1 1 
ATOM   282  O OD2 . ASP A 1 44  ? 14.550  0.990   12.535  1.00 38.24  ? 44  ASP A OD2 1 
ATOM   283  N N   . ARG A 1 45  ? 10.393  1.620   8.973   1.00 12.86  ? 45  ARG A N   1 
ATOM   284  C CA  . ARG A 1 45  ? 9.637   1.486   7.726   1.00 12.26  ? 45  ARG A CA  1 
ATOM   285  C C   . ARG A 1 45  ? 8.328   0.721   7.919   1.00 9.58   ? 45  ARG A C   1 
ATOM   286  O O   . ARG A 1 45  ? 8.157   0.001   8.890   1.00 10.99  ? 45  ARG A O   1 
ATOM   287  C CB  . ARG A 1 45  ? 10.492  0.795   6.669   1.00 12.78  ? 45  ARG A CB  1 
ATOM   288  C CG  . ARG A 1 45  ? 11.367  -0.333  7.213   1.00 16.71  ? 45  ARG A CG  1 
ATOM   289  C CD  . ARG A 1 45  ? 11.998  -1.115  6.075   1.00 19.47  ? 45  ARG A CD  1 
ATOM   290  N NE  . ARG A 1 45  ? 11.006  -1.936  5.369   1.00 25.29  ? 45  ARG A NE  1 
ATOM   291  C CZ  . ARG A 1 45  ? 11.115  -2.384  4.115   1.00 18.72  ? 45  ARG A CZ  1 
ATOM   292  N NH1 . ARG A 1 45  ? 12.176  -2.109  3.360   1.00 24.87  ? 45  ARG A NH1 1 
ATOM   293  N NH2 . ARG A 1 45  ? 10.146  -3.126  3.609   1.00 21.28  ? 45  ARG A NH2 1 
ATOM   294  N N   . PHE A 1 46  ? 7.407   0.902   6.986   1.00 8.78   ? 46  PHE A N   1 
ATOM   295  C CA  . PHE A 1 46  ? 6.251   0.003   6.883   1.00 8.28   ? 46  PHE A CA  1 
ATOM   296  C C   . PHE A 1 46  ? 5.880   -0.148  5.429   1.00 9.36   ? 46  PHE A C   1 
ATOM   297  O O   . PHE A 1 46  ? 6.442   0.549   4.579   1.00 8.97   ? 46  PHE A O   1 
ATOM   298  C CB  . PHE A 1 46  ? 5.088   0.470   7.784   1.00 7.60   ? 46  PHE A CB  1 
ATOM   299  C CG  . PHE A 1 46  ? 4.349   1.666   7.283   1.00 6.86   ? 46  PHE A CG  1 
ATOM   300  C CD1 . PHE A 1 46  ? 3.254   1.518   6.431   1.00 6.29   ? 46  PHE A CD1 1 
ATOM   301  C CD2 . PHE A 1 46  ? 4.705   2.938   7.689   1.00 5.62   ? 46  PHE A CD2 1 
ATOM   302  C CE1 . PHE A 1 46  ? 2.548   2.622   5.978   1.00 6.66   ? 46  PHE A CE1 1 
ATOM   303  C CE2 . PHE A 1 46  ? 3.988   4.045   7.262   1.00 6.10   ? 46  PHE A CE2 1 
ATOM   304  C CZ  . PHE A 1 46  ? 2.908   3.896   6.397   1.00 6.17   ? 46  PHE A CZ  1 
ATOM   305  N N   . GLN A 1 47  ? 5.002   -1.099  5.109   1.00 8.44   ? 47  GLN A N   1 
ATOM   306  C CA  . GLN A 1 47  ? 4.614   -1.240  3.720   1.00 10.47  ? 47  GLN A CA  1 
ATOM   307  C C   . GLN A 1 47  ? 3.215   -1.755  3.551   1.00 9.41   ? 47  GLN A C   1 
ATOM   308  O O   . GLN A 1 47  ? 2.717   -2.524  4.376   1.00 9.25   ? 47  GLN A O   1 
ATOM   309  C CB  . GLN A 1 47  ? 5.594   -2.125  2.939   1.00 11.12  ? 47  GLN A CB  1 
ATOM   310  C CG  . GLN A 1 47  ? 5.731   -3.548  3.449   1.00 12.79  ? 47  GLN A CG  1 
ATOM   311  C CD  . GLN A 1 47  ? 6.915   -3.775  4.355   1.00 14.32  ? 47  GLN A CD  1 
ATOM   312  O OE1 . GLN A 1 47  ? 7.374   -2.875  5.054   1.00 22.59  ? 47  GLN A OE1 1 
ATOM   313  N NE2 . GLN A 1 47  ? 7.414   -5.013  4.359   1.00 25.24  ? 47  GLN A NE2 1 
ATOM   314  N N   . VAL A 1 48  ? 2.593   -1.268  2.480   1.00 8.50   ? 48  VAL A N   1 
ATOM   315  C CA  . VAL A 1 48  ? 1.326   -1.733  1.993   1.00 7.48   ? 48  VAL A CA  1 
ATOM   316  C C   . VAL A 1 48  ? 1.623   -2.463  0.700   1.00 8.69   ? 48  VAL A C   1 
ATOM   317  O O   . VAL A 1 48  ? 2.212   -1.874  -0.210  1.00 9.09   ? 48  VAL A O   1 
ATOM   318  C CB  . VAL A 1 48  ? 0.388   -0.543  1.710   1.00 7.76   ? 48  VAL A CB  1 
ATOM   319  C CG1 . VAL A 1 48  ? -0.913  -0.993  1.082   1.00 7.21   ? 48  VAL A CG1 1 
ATOM   320  C CG2 . VAL A 1 48  ? 0.154   0.226   3.008   1.00 8.90   ? 48  VAL A CG2 1 
ATOM   321  N N   . ASP A 1 49  ? 1.195   -3.734  0.628   1.00 9.38   ? 49  ASP A N   1 
ATOM   322  C CA  . ASP A 1 49  ? 1.436   -4.613  -0.520  1.00 8.69   ? 49  ASP A CA  1 
ATOM   323  C C   . ASP A 1 49  ? 0.116   -5.040  -1.140  1.00 9.04   ? 49  ASP A C   1 
ATOM   324  O O   . ASP A 1 49  ? -0.730  -5.557  -0.441  1.00 8.11   ? 49  ASP A O   1 
ATOM   325  C CB  . ASP A 1 49  ? 2.203   -5.878  -0.091  1.00 10.56  ? 49  ASP A CB  1 
ATOM   326  C CG  . ASP A 1 49  ? 3.657   -5.600  0.266   1.00 9.91   ? 49  ASP A CG  1 
ATOM   327  O OD1 . ASP A 1 49  ? 4.130   -4.482  0.008   1.00 8.58   ? 49  ASP A OD1 1 
ATOM   328  O OD2 . ASP A 1 49  ? 4.340   -6.506  0.792   1.00 9.61   ? 49  ASP A OD2 1 
ATOM   329  N N   . LEU A 1 50  ? -0.054  -4.780  -2.434  1.00 7.95   ? 50  LEU A N   1 
ATOM   330  C CA  . LEU A 1 50  ? -1.199  -5.252  -3.191  1.00 9.44   ? 50  LEU A CA  1 
ATOM   331  C C   . LEU A 1 50  ? -0.730  -6.519  -3.898  1.00 9.39   ? 50  LEU A C   1 
ATOM   332  O O   . LEU A 1 50  ? 0.136   -6.473  -4.795  1.00 6.89   ? 50  LEU A O   1 
ATOM   333  C CB  . LEU A 1 50  ? -1.690  -4.190  -4.168  1.00 9.10   ? 50  LEU A CB  1 
ATOM   334  C CG  . LEU A 1 50  ? -2.102  -2.830  -3.559  1.00 11.89  ? 50  LEU A CG  1 
ATOM   335  C CD1 . LEU A 1 50  ? -2.627  -1.892  -4.634  1.00 11.05  ? 50  LEU A CD1 1 
ATOM   336  C CD2 . LEU A 1 50  ? -3.132  -2.980  -2.444  1.00 12.13  ? 50  LEU A CD2 1 
ATOM   337  N N   . GLN A 1 51  ? -1.250  -7.660  -3.432  1.00 8.35   ? 51  GLN A N   1 
ATOM   338  C CA  . GLN A 1 51  ? -0.668  -8.971  -3.762  1.00 7.87   ? 51  GLN A CA  1 
ATOM   339  C C   . GLN A 1 51  ? -1.584  -9.812  -4.658  1.00 9.45   ? 51  GLN A C   1 
ATOM   340  O O   . GLN A 1 51  ? -2.815  -9.695  -4.607  1.00 10.48  ? 51  GLN A O   1 
ATOM   341  C CB  . GLN A 1 51  ? -0.365  -9.770  -2.480  1.00 8.87   ? 51  GLN A CB  1 
ATOM   342  C CG  . GLN A 1 51  ? 0.526   -9.070  -1.470  1.00 9.80   ? 51  GLN A CG  1 
ATOM   343  C CD  . GLN A 1 51  ? 0.757   -9.852  -0.183  1.00 10.98  ? 51  GLN A CD  1 
ATOM   344  O OE1 . GLN A 1 51  ? 1.348   -9.321  0.760   1.00 11.90  ? 51  GLN A OE1 1 
ATOM   345  N NE2 . GLN A 1 51  ? 0.290   -11.106 -0.125  1.00 10.56  ? 51  GLN A NE2 1 
ATOM   346  N N   . ASN A 1 52  ? -0.964  -10.671 -5.467  1.00 12.65  ? 52  ASN A N   1 
ATOM   347  C CA  . ASN A 1 52  ? -1.653  -11.779 -6.130  1.00 12.50  ? 52  ASN A CA  1 
ATOM   348  C C   . ASN A 1 52  ? -1.560  -12.990 -5.200  1.00 12.81  ? 52  ASN A C   1 
ATOM   349  O O   . ASN A 1 52  ? -0.590  -13.747 -5.231  1.00 12.95  ? 52  ASN A O   1 
ATOM   350  C CB  . ASN A 1 52  ? -1.026  -12.049 -7.498  1.00 16.63  ? 52  ASN A CB  1 
ATOM   351  C CG  . ASN A 1 52  ? -1.703  -13.196 -8.249  1.00 23.26  ? 52  ASN A CG  1 
ATOM   352  O OD1 . ASN A 1 52  ? -2.672  -13.786 -7.777  1.00 30.80  ? 52  ASN A OD1 1 
ATOM   353  N ND2 . ASN A 1 52  ? -1.185  -13.513 -9.430  1.00 21.07  ? 52  ASN A ND2 1 
ATOM   354  N N   . GLY A 1 53  ? -2.575  -13.139 -4.352  1.00 11.43  ? 53  GLY A N   1 
ATOM   355  C CA  . GLY A 1 53  ? -2.632  -14.182 -3.332  1.00 11.09  ? 53  GLY A CA  1 
ATOM   356  C C   . GLY A 1 53  ? -1.816  -13.945 -2.076  1.00 12.74  ? 53  GLY A C   1 
ATOM   357  O O   . GLY A 1 53  ? -1.163  -12.894 -1.897  1.00 10.39  ? 53  GLY A O   1 
ATOM   358  N N   . SER A 1 54  ? -1.860  -14.941 -1.195  1.00 12.81  ? 54  SER A N   1 
ATOM   359  C CA  . SER A 1 54  ? -1.212  -14.873 0.107   1.00 14.24  ? 54  SER A CA  1 
ATOM   360  C C   . SER A 1 54  ? -0.170  -15.970 0.340   1.00 14.41  ? 54  SER A C   1 
ATOM   361  O O   . SER A 1 54  ? 0.224   -16.210 1.472   1.00 15.53  ? 54  SER A O   1 
ATOM   362  C CB  . SER A 1 54  ? -2.276  -14.898 1.208   1.00 13.80  ? 54  SER A CB  1 
ATOM   363  O OG  . SER A 1 54  ? -3.119  -16.027 1.074   1.00 17.00  ? 54  SER A OG  1 
ATOM   364  N N   . SER A 1 55  ? 0.305   -16.611 -0.723  1.00 15.90  ? 55  SER A N   1 
ATOM   365  C CA  . SER A 1 55  ? 1.396   -17.574 -0.609  1.00 15.74  ? 55  SER A CA  1 
ATOM   366  C C   . SER A 1 55  ? 2.646   -16.905 -0.031  1.00 17.27  ? 55  SER A C   1 
ATOM   367  O O   . SER A 1 55  ? 2.917   -15.719 -0.292  1.00 15.02  ? 55  SER A O   1 
ATOM   368  C CB  . SER A 1 55  ? 1.702   -18.203 -1.986  1.00 21.10  ? 55  SER A CB  1 
ATOM   369  O OG  . SER A 1 55  ? 2.785   -19.106 -1.927  1.00 23.23  ? 55  SER A OG  1 
ATOM   370  N N   . VAL A 1 56  ? 3.368   -17.664 0.789   1.00 15.77  ? 56  VAL A N   1 
ATOM   371  C CA  . VAL A 1 56  ? 4.658   -17.249 1.379   1.00 17.55  ? 56  VAL A CA  1 
ATOM   372  C C   . VAL A 1 56  ? 5.862   -18.042 0.857   1.00 21.66  ? 56  VAL A C   1 
ATOM   373  O O   . VAL A 1 56  ? 7.015   -17.644 1.099   1.00 28.94  ? 56  VAL A O   1 
ATOM   374  C CB  . VAL A 1 56  ? 4.647   -17.289 2.932   1.00 21.67  ? 56  VAL A CB  1 
ATOM   375  C CG1 . VAL A 1 56  ? 3.659   -16.271 3.484   1.00 22.47  ? 56  VAL A CG1 1 
ATOM   376  C CG2 . VAL A 1 56  ? 4.350   -18.692 3.482   1.00 20.70  ? 56  VAL A CG2 1 
ATOM   377  N N   . LYS A 1 57  ? 5.610   -19.151 0.153   1.00 21.26  ? 57  LYS A N   1 
ATOM   378  C CA  . LYS A 1 57  ? 6.674   -19.940 -0.466  1.00 24.68  ? 57  LYS A CA  1 
ATOM   379  C C   . LYS A 1 57  ? 6.074   -20.659 -1.705  1.00 25.35  ? 57  LYS A C   1 
ATOM   380  O O   . LYS A 1 57  ? 5.433   -21.689 -1.542  1.00 26.26  ? 57  LYS A O   1 
ATOM   381  C CB  . LYS A 1 57  ? 7.253   -20.930 0.566   1.00 33.43  ? 57  LYS A CB  1 
ATOM   382  C CG  . LYS A 1 57  ? 8.642   -21.484 0.247   1.00 39.02  ? 57  LYS A CG  1 
ATOM   383  C CD  . LYS A 1 57  ? 9.231   -22.252 1.434   1.00 46.98  ? 57  LYS A CD  1 
ATOM   384  C CE  . LYS A 1 57  ? 10.759  -22.290 1.402   1.00 55.21  ? 57  LYS A CE  1 
ATOM   385  N NZ  . LYS A 1 57  ? 11.399  -22.910 2.599   1.00 54.12  ? 57  LYS A NZ  1 
ATOM   386  N N   . PRO A 1 58  ? 6.227   -20.122 -2.927  1.00 16.42  ? 58  PRO A N   1 
ATOM   387  C CA  . PRO A 1 58  ? 6.928   -18.854 -3.228  1.00 18.64  ? 58  PRO A CA  1 
ATOM   388  C C   . PRO A 1 58  ? 6.193   -17.636 -2.703  1.00 13.39  ? 58  PRO A C   1 
ATOM   389  O O   . PRO A 1 58  ? 4.976   -17.665 -2.649  1.00 13.13  ? 58  PRO A O   1 
ATOM   390  C CB  . PRO A 1 58  ? 6.928   -18.816 -4.750  1.00 15.80  ? 58  PRO A CB  1 
ATOM   391  C CG  . PRO A 1 58  ? 5.706   -19.563 -5.145  1.00 17.54  ? 58  PRO A CG  1 
ATOM   392  C CD  . PRO A 1 58  ? 5.439   -20.597 -4.074  1.00 15.64  ? 58  PRO A CD  1 
ATOM   393  N N   . ARG A 1 59  ? 6.934   -16.598 -2.308  1.00 18.23  ? 59  ARG A N   1 
ATOM   394  C CA  . ARG A 1 59  ? 6.334   -15.320 -1.873  1.00 17.63  ? 59  ARG A CA  1 
ATOM   395  C C   . ARG A 1 59  ? 5.377   -14.817 -2.936  1.00 14.63  ? 59  ARG A C   1 
ATOM   396  O O   . ARG A 1 59  ? 5.766   -14.695 -4.112  1.00 15.49  ? 59  ARG A O   1 
ATOM   397  C CB  . ARG A 1 59  ? 7.391   -14.238 -1.633  1.00 19.40  ? 59  ARG A CB  1 
ATOM   398  C CG  . ARG A 1 59  ? 8.306   -14.474 -0.446  1.00 25.67  ? 59  ARG A CG  1 
ATOM   399  C CD  . ARG A 1 59  ? 7.579   -14.274 0.869   1.00 26.32  ? 59  ARG A CD  1 
ATOM   400  N NE  . ARG A 1 59  ? 8.442   -14.581 2.008   1.00 26.51  ? 59  ARG A NE  1 
ATOM   401  C CZ  . ARG A 1 59  ? 8.024   -14.743 3.263   1.00 27.87  ? 59  ARG A CZ  1 
ATOM   402  N NH1 . ARG A 1 59  ? 6.739   -14.610 3.587   1.00 25.90  ? 59  ARG A NH1 1 
ATOM   403  N NH2 . ARG A 1 59  ? 8.911   -15.035 4.210   1.00 26.37  ? 59  ARG A NH2 1 
ATOM   404  N N   . ALA A 1 60  ? 4.139   -14.529 -2.536  1.00 11.38  ? 60  ALA A N   1 
ATOM   405  C CA  . ALA A 1 60  ? 3.142   -13.961 -3.469  1.00 11.20  ? 60  ALA A CA  1 
ATOM   406  C C   . ALA A 1 60  ? 3.707   -12.771 -4.264  1.00 8.62   ? 60  ALA A C   1 
ATOM   407  O O   . ALA A 1 60  ? 4.450   -11.936 -3.726  1.00 8.48   ? 60  ALA A O   1 
ATOM   408  C CB  . ALA A 1 60  ? 1.881   -13.542 -2.723  1.00 11.32  ? 60  ALA A CB  1 
ATOM   409  N N   . ASP A 1 61  ? 3.405   -12.726 -5.553  1.00 9.66   ? 61  ASP A N   1 
ATOM   410  C CA  . ASP A 1 61  ? 3.792   -11.592 -6.381  1.00 11.18  ? 61  ASP A CA  1 
ATOM   411  C C   . ASP A 1 61  ? 3.128   -10.334 -5.790  1.00 13.07  ? 61  ASP A C   1 
ATOM   412  O O   . ASP A 1 61  ? 1.961   -10.372 -5.378  1.00 9.15   ? 61  ASP A O   1 
ATOM   413  C CB  . ASP A 1 61  ? 3.332   -11.747 -7.820  1.00 12.99  ? 61  ASP A CB  1 
ATOM   414  C CG  . ASP A 1 61  ? 4.083   -12.830 -8.598  1.00 14.02  ? 61  ASP A CG  1 
ATOM   415  O OD1 . ASP A 1 61  ? 5.109   -13.368 -8.140  1.00 16.40  ? 61  ASP A OD1 1 
ATOM   416  O OD2 . ASP A 1 61  ? 3.606   -13.121 -9.704  1.00 11.97  ? 61  ASP A OD2 1 
ATOM   417  N N   . VAL A 1 62  ? 3.884   -9.243  -5.746  1.00 12.72  ? 62  VAL A N   1 
ATOM   418  C CA  . VAL A 1 62  ? 3.397   -7.983  -5.215  1.00 8.55   ? 62  VAL A CA  1 
ATOM   419  C C   . VAL A 1 62  ? 3.333   -6.987  -6.377  1.00 9.35   ? 62  VAL A C   1 
ATOM   420  O O   . VAL A 1 62  ? 4.365   -6.466  -6.835  1.00 7.48   ? 62  VAL A O   1 
ATOM   421  C CB  . VAL A 1 62  ? 4.289   -7.443  -4.080  1.00 9.46   ? 62  VAL A CB  1 
ATOM   422  C CG1 . VAL A 1 62  ? 3.726   -6.115  -3.567  1.00 8.63   ? 62  VAL A CG1 1 
ATOM   423  C CG2 . VAL A 1 62  ? 4.437   -8.468  -2.949  1.00 9.64   ? 62  VAL A CG2 1 
ATOM   424  N N   . ALA A 1 63  ? 2.115   -6.715  -6.834  1.00 6.34   ? 63  ALA A N   1 
ATOM   425  C CA  . ALA A 1 63  ? 1.914   -5.799  -7.922  1.00 7.21   ? 63  ALA A CA  1 
ATOM   426  C C   . ALA A 1 63  ? 2.378   -4.393  -7.569  1.00 6.25   ? 63  ALA A C   1 
ATOM   427  O O   . ALA A 1 63  ? 2.994   -3.716  -8.402  1.00 7.41   ? 63  ALA A O   1 
ATOM   428  C CB  . ALA A 1 63  ? 0.459   -5.805  -8.340  1.00 7.48   ? 63  ALA A CB  1 
ATOM   429  N N   . PHE A 1 64  ? 2.119   -3.979  -6.323  1.00 7.59   ? 64  PHE A N   1 
ATOM   430  C CA  . PHE A 1 64  ? 2.424   -2.621  -5.847  1.00 6.44   ? 64  PHE A CA  1 
ATOM   431  C C   . PHE A 1 64  ? 2.870   -2.690  -4.388  1.00 7.11   ? 64  PHE A C   1 
ATOM   432  O O   . PHE A 1 64  ? 2.080   -3.015  -3.483  1.00 7.07   ? 64  PHE A O   1 
ATOM   433  C CB  . PHE A 1 64  ? 1.184   -1.721  -6.041  1.00 6.96   ? 64  PHE A CB  1 
ATOM   434  C CG  . PHE A 1 64  ? 1.391   -0.245  -5.691  1.00 6.07   ? 64  PHE A CG  1 
ATOM   435  C CD1 . PHE A 1 64  ? 2.557   0.422   -6.020  1.00 5.79   ? 64  PHE A CD1 1 
ATOM   436  C CD2 . PHE A 1 64  ? 0.378   0.473   -5.060  1.00 6.23   ? 64  PHE A CD2 1 
ATOM   437  C CE1 . PHE A 1 64  ? 2.720   1.766   -5.707  1.00 4.58   ? 64  PHE A CE1 1 
ATOM   438  C CE2 . PHE A 1 64  ? 0.527   1.821   -4.735  1.00 5.66   ? 64  PHE A CE2 1 
ATOM   439  C CZ  . PHE A 1 64  ? 1.697   2.469   -5.072  1.00 5.06   ? 64  PHE A CZ  1 
ATOM   440  N N   . HIS A 1 65  ? 4.156   -2.443  -4.184  1.00 6.80   ? 65  HIS A N   1 
ATOM   441  C CA  . HIS A 1 65  ? 4.786   -2.361  -2.868  1.00 6.69   ? 65  HIS A CA  1 
ATOM   442  C C   . HIS A 1 65  ? 4.978   -0.868  -2.594  1.00 6.62   ? 65  HIS A C   1 
ATOM   443  O O   . HIS A 1 65  ? 5.741   -0.199  -3.293  1.00 6.80   ? 65  HIS A O   1 
ATOM   444  C CB  . HIS A 1 65  ? 6.090   -3.154  -2.909  1.00 6.64   ? 65  HIS A CB  1 
ATOM   445  C CG  . HIS A 1 65  ? 6.960   -3.037  -1.694  1.00 7.46   ? 65  HIS A CG  1 
ATOM   446  N ND1 . HIS A 1 65  ? 6.698   -3.693  -0.512  1.00 7.80   ? 65  HIS A ND1 1 
ATOM   447  C CD2 . HIS A 1 65  ? 8.152   -2.415  -1.518  1.00 7.50   ? 65  HIS A CD2 1 
ATOM   448  C CE1 . HIS A 1 65  ? 7.662   -3.442  0.359   1.00 6.14   ? 65  HIS A CE1 1 
ATOM   449  N NE2 . HIS A 1 65  ? 8.571   -2.692  -0.237  1.00 6.92   ? 65  HIS A NE2 1 
ATOM   450  N N   . PHE A 1 66  ? 4.247   -0.356  -1.599  1.00 6.69   ? 66  PHE A N   1 
ATOM   451  C CA  . PHE A 1 66  ? 4.249   1.063   -1.225  1.00 6.35   ? 66  PHE A CA  1 
ATOM   452  C C   . PHE A 1 66  ? 4.877   1.138   0.144   1.00 5.82   ? 66  PHE A C   1 
ATOM   453  O O   . PHE A 1 66  ? 4.264   0.728   1.138   1.00 6.45   ? 66  PHE A O   1 
ATOM   454  C CB  . PHE A 1 66  ? 2.802   1.587   -1.221  1.00 6.62   ? 66  PHE A CB  1 
ATOM   455  C CG  . PHE A 1 66  ? 2.667   3.015   -0.760  1.00 7.21   ? 66  PHE A CG  1 
ATOM   456  C CD1 . PHE A 1 66  ? 2.788   4.062   -1.651  1.00 6.85   ? 66  PHE A CD1 1 
ATOM   457  C CD2 . PHE A 1 66  ? 2.394   3.304   0.568   1.00 8.45   ? 66  PHE A CD2 1 
ATOM   458  C CE1 . PHE A 1 66  ? 2.646   5.373   -1.233  1.00 6.80   ? 66  PHE A CE1 1 
ATOM   459  C CE2 . PHE A 1 66  ? 2.239   4.611   0.993   1.00 7.80   ? 66  PHE A CE2 1 
ATOM   460  C CZ  . PHE A 1 66  ? 2.388   5.648   0.095   1.00 8.36   ? 66  PHE A CZ  1 
ATOM   461  N N   . ASN A 1 67  ? 6.101   1.660   0.209   1.00 7.14   ? 67  ASN A N   1 
ATOM   462  C CA  . ASN A 1 67  ? 7.010   1.402   1.342   1.00 7.40   ? 67  ASN A CA  1 
ATOM   463  C C   . ASN A 1 67  ? 7.616   2.692   1.909   1.00 7.87   ? 67  ASN A C   1 
ATOM   464  O O   . ASN A 1 67  ? 8.740   3.067   1.549   1.00 7.47   ? 67  ASN A O   1 
ATOM   465  C CB  . ASN A 1 67  ? 8.092   0.414   0.864   1.00 7.91   ? 67  ASN A CB  1 
ATOM   466  C CG  . ASN A 1 67  ? 9.197   0.121   1.886   1.00 7.62   ? 67  ASN A CG  1 
ATOM   467  O OD1 . ASN A 1 67  ? 10.344  -0.068  1.491   1.00 8.77   ? 67  ASN A OD1 1 
ATOM   468  N ND2 . ASN A 1 67  ? 8.876   0.102   3.165   1.00 6.90   ? 67  ASN A ND2 1 
ATOM   469  N N   . PRO A 1 68  ? 6.872   3.376   2.805   1.00 7.64   ? 68  PRO A N   1 
ATOM   470  C CA  . PRO A 1 68  ? 7.469   4.530   3.493   1.00 7.73   ? 68  PRO A CA  1 
ATOM   471  C C   . PRO A 1 68  ? 8.655   4.130   4.388   1.00 8.56   ? 68  PRO A C   1 
ATOM   472  O O   . PRO A 1 68  ? 8.547   3.180   5.163   1.00 7.76   ? 68  PRO A O   1 
ATOM   473  C CB  . PRO A 1 68  ? 6.313   5.071   4.328   1.00 8.58   ? 68  PRO A CB  1 
ATOM   474  C CG  . PRO A 1 68  ? 5.085   4.667   3.573   1.00 7.81   ? 68  PRO A CG  1 
ATOM   475  C CD  . PRO A 1 68  ? 5.418   3.292   3.051   1.00 6.92   ? 68  PRO A CD  1 
ATOM   476  N N   . ARG A 1 69  ? 9.768   4.854   4.252   1.00 9.62   ? 69  ARG A N   1 
ATOM   477  C CA  . ARG A 1 69  ? 10.963  4.677   5.081   1.00 9.84   ? 69  ARG A CA  1 
ATOM   478  C C   . ARG A 1 69  ? 11.279  5.962   5.840   1.00 11.18  ? 69  ARG A C   1 
ATOM   479  O O   . ARG A 1 69  ? 11.074  7.060   5.315   1.00 15.94  ? 69  ARG A O   1 
ATOM   480  C CB  . ARG A 1 69  ? 12.131  4.274   4.183   1.00 13.07  ? 69  ARG A CB  1 
ATOM   481  C CG  . ARG A 1 69  ? 11.879  2.998   3.412   1.00 12.11  ? 69  ARG A CG  1 
ATOM   482  C CD  . ARG A 1 69  ? 13.089  2.529   2.630   1.00 12.31  ? 69  ARG A CD  1 
ATOM   483  N NE  . ARG A 1 69  ? 12.795  1.293   1.927   1.00 13.57  ? 69  ARG A NE  1 
ATOM   484  C CZ  . ARG A 1 69  ? 13.636  0.641   1.135   1.00 12.99  ? 69  ARG A CZ  1 
ATOM   485  N NH1 . ARG A 1 69  ? 14.876  1.089   0.935   1.00 13.96  ? 69  ARG A NH1 1 
ATOM   486  N NH2 . ARG A 1 69  ? 13.229  -0.478  0.541   1.00 10.25  ? 69  ARG A NH2 1 
ATOM   487  N N   . PHE A 1 70  ? 11.800  5.836   7.066   1.00 11.58  ? 70  PHE A N   1 
ATOM   488  C CA  . PHE A 1 70  ? 11.907  6.980   7.979   1.00 11.26  ? 70  PHE A CA  1 
ATOM   489  C C   . PHE A 1 70  ? 13.299  7.445   8.371   1.00 15.30  ? 70  PHE A C   1 
ATOM   490  O O   . PHE A 1 70  ? 13.404  8.487   8.996   1.00 18.68  ? 70  PHE A O   1 
ATOM   491  C CB  . PHE A 1 70  ? 11.073  6.717   9.239   1.00 9.72   ? 70  PHE A CB  1 
ATOM   492  C CG  . PHE A 1 70  ? 9.614   6.615   8.946   1.00 12.35  ? 70  PHE A CG  1 
ATOM   493  C CD1 . PHE A 1 70  ? 9.049   5.389   8.609   1.00 10.68  ? 70  PHE A CD1 1 
ATOM   494  C CD2 . PHE A 1 70  ? 8.816   7.750   8.930   1.00 13.01  ? 70  PHE A CD2 1 
ATOM   495  C CE1 . PHE A 1 70  ? 7.698   5.294   8.282   1.00 14.09  ? 70  PHE A CE1 1 
ATOM   496  C CE2 . PHE A 1 70  ? 7.459   7.661   8.612   1.00 18.20  ? 70  PHE A CE2 1 
ATOM   497  C CZ  . PHE A 1 70  ? 6.903   6.431   8.279   1.00 16.99  ? 70  PHE A CZ  1 
ATOM   498  N N   . LYS A 1 71  ? 14.343  6.715   8.006   1.00 21.95  ? 71  LYS A N   1 
ATOM   499  C CA  . LYS A 1 71  ? 15.705  7.092   8.385   1.00 32.34  ? 71  LYS A CA  1 
ATOM   500  C C   . LYS A 1 71  ? 16.187  8.275   7.572   1.00 35.01  ? 71  LYS A C   1 
ATOM   501  O O   . LYS A 1 71  ? 15.690  8.522   6.466   1.00 23.70  ? 71  LYS A O   1 
ATOM   502  C CB  . LYS A 1 71  ? 16.660  5.919   8.220   1.00 37.32  ? 71  LYS A CB  1 
ATOM   503  C CG  . LYS A 1 71  ? 16.385  4.798   9.202   1.00 46.32  ? 71  LYS A CG  1 
ATOM   504  C CD  . LYS A 1 71  ? 17.338  3.638   8.985   1.00 54.29  ? 71  LYS A CD  1 
ATOM   505  C CE  . LYS A 1 71  ? 16.756  2.350   9.525   1.00 61.40  ? 71  LYS A CE  1 
ATOM   506  N NZ  . LYS A 1 71  ? 17.698  1.220   9.330   1.00 64.92  ? 71  LYS A NZ  1 
ATOM   507  N N   . ARG A 1 72  ? 17.150  9.003   8.139   1.00 33.58  ? 72  ARG A N   1 
ATOM   508  C CA  . ARG A 1 72  ? 17.669  10.236  7.549   1.00 36.04  ? 72  ARG A CA  1 
ATOM   509  C C   . ARG A 1 72  ? 16.501  11.139  7.099   1.00 25.68  ? 72  ARG A C   1 
ATOM   510  O O   . ARG A 1 72  ? 15.660  11.441  7.931   1.00 17.89  ? 72  ARG A O   1 
ATOM   511  C CB  . ARG A 1 72  ? 18.735  9.919   6.480   1.00 47.83  ? 72  ARG A CB  1 
ATOM   512  C CG  . ARG A 1 72  ? 20.149  10.018  7.033   1.00 65.89  ? 72  ARG A CG  1 
ATOM   513  C CD  . ARG A 1 72  ? 21.171  9.302   6.169   1.00 74.24  ? 72  ARG A CD  1 
ATOM   514  N NE  . ARG A 1 72  ? 21.523  7.989   6.707   1.00 86.82  ? 72  ARG A NE  1 
ATOM   515  C CZ  . ARG A 1 72  ? 22.476  7.196   6.214   1.00 98.30  ? 72  ARG A CZ  1 
ATOM   516  N NH1 . ARG A 1 72  ? 23.188  7.556   5.147   1.00 106.36 ? 72  ARG A NH1 1 
ATOM   517  N NH2 . ARG A 1 72  ? 22.718  6.022   6.791   1.00 85.66  ? 72  ARG A NH2 1 
ATOM   518  N N   . ALA A 1 73  ? 16.394  11.553  5.833   1.00 21.98  ? 73  ALA A N   1 
ATOM   519  C CA  . ALA A 1 73  ? 15.308  12.476  5.455   1.00 25.44  ? 73  ALA A CA  1 
ATOM   520  C C   . ALA A 1 73  ? 13.983  11.746  5.192   1.00 20.81  ? 73  ALA A C   1 
ATOM   521  O O   . ALA A 1 73  ? 12.921  12.375  5.153   1.00 17.42  ? 73  ALA A O   1 
ATOM   522  C CB  . ALA A 1 73  ? 15.702  13.297  4.243   1.00 36.77  ? 73  ALA A CB  1 
ATOM   523  N N   . GLY A 1 74  ? 14.045  10.429  5.018   1.00 17.12  ? 74  GLY A N   1 
ATOM   524  C CA  . GLY A 1 74  ? 12.858  9.642   4.702   1.00 16.33  ? 74  GLY A CA  1 
ATOM   525  C C   . GLY A 1 74  ? 12.526  9.665   3.218   1.00 17.46  ? 74  GLY A C   1 
ATOM   526  O O   . GLY A 1 74  ? 12.999  10.514  2.467   1.00 17.83  ? 74  GLY A O   1 
HETATM 527  N N   . CME A 1 75  ? 11.707  8.714   2.796   1.00 12.82  ? 75  CME A N   1 
HETATM 528  C CA  . CME A 1 75  ? 11.281  8.610   1.405   1.00 12.10  ? 75  CME A CA  1 
HETATM 529  C CB  . CME A 1 75  ? 12.451  8.149   0.510   1.00 12.87  ? 75  CME A CB  1 
HETATM 530  S SG  . CME A 1 75  ? 12.946  6.469   0.805   1.00 20.04  ? 75  CME A SG  1 
HETATM 531  S SD  . CME A 1 75  ? 14.644  6.476   1.863   1.00 39.57  ? 75  CME A SD  1 
HETATM 532  C CE  . CME A 1 75  ? 15.903  6.771   0.651   1.00 46.36  ? 75  CME A CE  1 
HETATM 533  C CZ  . CME A 1 75  ? 16.132  5.574   -0.279  1.00 51.68  ? 75  CME A CZ  1 
HETATM 534  O OH  . CME A 1 75  ? 16.526  4.409   0.456   1.00 58.63  ? 75  CME A OH  1 
HETATM 535  C C   . CME A 1 75  ? 10.140  7.618   1.371   1.00 9.03   ? 75  CME A C   1 
HETATM 536  O O   . CME A 1 75  ? 9.798   7.025   2.386   1.00 7.80   ? 75  CME A O   1 
ATOM   537  N N   . ILE A 1 76  ? 9.550   7.455   0.201   1.00 8.64   ? 76  ILE A N   1 
ATOM   538  C CA  . ILE A 1 76  ? 8.709   6.314   -0.098  1.00 7.98   ? 76  ILE A CA  1 
ATOM   539  C C   . ILE A 1 76  ? 9.333   5.509   -1.241  1.00 9.29   ? 76  ILE A C   1 
ATOM   540  O O   . ILE A 1 76  ? 9.601   6.057   -2.303  1.00 9.59   ? 76  ILE A O   1 
ATOM   541  C CB  . ILE A 1 76  ? 7.303   6.751   -0.539  1.00 7.93   ? 76  ILE A CB  1 
ATOM   542  C CG1 . ILE A 1 76  ? 6.618   7.575   0.563   1.00 7.55   ? 76  ILE A CG1 1 
ATOM   543  C CG2 . ILE A 1 76  ? 6.461   5.521   -0.887  1.00 6.96   ? 76  ILE A CG2 1 
ATOM   544  C CD1 . ILE A 1 76  ? 5.448   8.382   0.055   1.00 12.46  ? 76  ILE A CD1 1 
ATOM   545  N N   . VAL A 1 77  ? 9.522   4.207   -1.037  1.00 9.60   ? 77  VAL A N   1 
ATOM   546  C CA  . VAL A 1 77  ? 9.937   3.311   -2.114  1.00 10.33  ? 77  VAL A CA  1 
ATOM   547  C C   . VAL A 1 77  ? 8.750   2.548   -2.671  1.00 8.98   ? 77  VAL A C   1 
ATOM   548  O O   . VAL A 1 77  ? 7.989   1.934   -1.925  1.00 10.04  ? 77  VAL A O   1 
ATOM   549  C CB  . VAL A 1 77  ? 11.025  2.322   -1.642  1.00 11.32  ? 77  VAL A CB  1 
ATOM   550  C CG1 . VAL A 1 77  ? 11.359  1.306   -2.734  1.00 10.03  ? 77  VAL A CG1 1 
ATOM   551  C CG2 . VAL A 1 77  ? 12.272  3.099   -1.231  1.00 11.64  ? 77  VAL A CG2 1 
ATOM   552  N N   . CYS A 1 78  ? 8.588   2.582   -3.990  1.00 8.35   ? 78  CYS A N   1 
ATOM   553  C CA  . CYS A 1 78  ? 7.624   1.721   -4.653  1.00 7.77   ? 78  CYS A CA  1 
ATOM   554  C C   . CYS A 1 78  ? 8.342   0.709   -5.571  1.00 7.48   ? 78  CYS A C   1 
ATOM   555  O O   . CYS A 1 78  ? 9.356   1.017   -6.197  1.00 6.46   ? 78  CYS A O   1 
ATOM   556  C CB  . CYS A 1 78  ? 6.589   2.543   -5.410  1.00 6.95   ? 78  CYS A CB  1 
ATOM   557  S SG  . CYS A 1 78  ? 5.606   3.639   -4.351  1.00 8.09   ? 78  CYS A SG  1 
ATOM   558  N N   . ASN A 1 79  ? 7.819   -0.506  -5.625  1.00 8.55   ? 79  ASN A N   1 
ATOM   559  C CA  . ASN A 1 79  ? 8.391   -1.545  -6.470  1.00 7.74   ? 79  ASN A CA  1 
ATOM   560  C C   . ASN A 1 79  ? 7.352   -2.641  -6.696  1.00 6.74   ? 79  ASN A C   1 
ATOM   561  O O   . ASN A 1 79  ? 6.231   -2.560  -6.178  1.00 7.00   ? 79  ASN A O   1 
ATOM   562  C CB  . ASN A 1 79  ? 9.682   -2.109  -5.836  1.00 7.05   ? 79  ASN A CB  1 
ATOM   563  C CG  . ASN A 1 79  ? 10.684  -2.617  -6.868  1.00 7.52   ? 79  ASN A CG  1 
ATOM   564  O OD1 . ASN A 1 79  ? 10.364  -2.772  -8.054  1.00 9.39   ? 79  ASN A OD1 1 
ATOM   565  N ND2 . ASN A 1 79  ? 11.914  -2.851  -6.423  1.00 7.70   ? 79  ASN A ND2 1 
ATOM   566  N N   . THR A 1 80  ? 7.737   -3.627  -7.507  1.00 7.40   ? 80  THR A N   1 
ATOM   567  C CA  . THR A 1 80  ? 6.951   -4.800  -7.833  1.00 7.70   ? 80  THR A CA  1 
ATOM   568  C C   . THR A 1 80  ? 7.815   -6.050  -7.632  1.00 8.64   ? 80  THR A C   1 
ATOM   569  O O   . THR A 1 80  ? 9.024   -6.033  -7.917  1.00 7.50   ? 80  THR A O   1 
ATOM   570  C CB  . THR A 1 80  ? 6.466   -4.700  -9.302  1.00 7.52   ? 80  THR A CB  1 
ATOM   571  O OG1 . THR A 1 80  ? 5.508   -3.650  -9.417  1.00 8.09   ? 80  THR A OG1 1 
ATOM   572  C CG2 . THR A 1 80  ? 5.868   -5.990  -9.808  1.00 8.16   ? 80  THR A CG2 1 
ATOM   573  N N   . LEU A 1 81  ? 7.199   -7.110  -7.111  1.00 8.67   ? 81  LEU A N   1 
ATOM   574  C CA  . LEU A 1 81  ? 7.863   -8.396  -6.860  1.00 10.87  ? 81  LEU A CA  1 
ATOM   575  C C   . LEU A 1 81  ? 7.201   -9.441  -7.741  1.00 10.77  ? 81  LEU A C   1 
ATOM   576  O O   . LEU A 1 81  ? 5.988   -9.622  -7.688  1.00 11.56  ? 81  LEU A O   1 
ATOM   577  C CB  . LEU A 1 81  ? 7.761   -8.827  -5.396  1.00 12.52  ? 81  LEU A CB  1 
ATOM   578  C CG  . LEU A 1 81  ? 8.599   -10.062 -4.998  1.00 12.58  ? 81  LEU A CG  1 
ATOM   579  C CD1 . LEU A 1 81  ? 10.037  -9.677  -4.708  1.00 12.98  ? 81  LEU A CD1 1 
ATOM   580  C CD2 . LEU A 1 81  ? 7.995   -10.770 -3.789  1.00 13.15  ? 81  LEU A CD2 1 
ATOM   581  N N   . ILE A 1 82  ? 8.003   -10.083 -8.586  1.00 14.09  ? 82  ILE A N   1 
ATOM   582  C CA  . ILE A 1 82  ? 7.524   -11.097 -9.528  1.00 15.44  ? 82  ILE A CA  1 
ATOM   583  C C   . ILE A 1 82  ? 8.467   -12.282 -9.379  1.00 16.28  ? 82  ILE A C   1 
ATOM   584  O O   . ILE A 1 82  ? 9.678   -12.121 -9.549  1.00 17.10  ? 82  ILE A O   1 
ATOM   585  C CB  . ILE A 1 82  ? 7.530   -10.586 -10.987 1.00 15.65  ? 82  ILE A CB  1 
ATOM   586  C CG1 . ILE A 1 82  ? 6.589   -9.379  -11.150 1.00 13.74  ? 82  ILE A CG1 1 
ATOM   587  C CG2 . ILE A 1 82  ? 7.125   -11.716 -11.958 1.00 16.62  ? 82  ILE A CG2 1 
ATOM   588  C CD1 . ILE A 1 82  ? 6.779   -8.635  -12.458 1.00 12.49  ? 82  ILE A CD1 1 
ATOM   589  N N   . ASN A 1 83  ? 7.908   -13.451 -9.048  1.00 18.35  ? 83  ASN A N   1 
ATOM   590  C CA  . ASN A 1 83  ? 8.687   -14.666 -8.735  1.00 16.30  ? 83  ASN A CA  1 
ATOM   591  C C   . ASN A 1 83  ? 9.863   -14.379 -7.829  1.00 17.14  ? 83  ASN A C   1 
ATOM   592  O O   . ASN A 1 83  ? 11.008  -14.728 -8.145  1.00 14.54  ? 83  ASN A O   1 
ATOM   593  C CB  . ASN A 1 83  ? 9.222   -15.309 -10.012 1.00 24.09  ? 83  ASN A CB  1 
ATOM   594  C CG  . ASN A 1 83  ? 8.136   -15.719 -10.953 1.00 24.27  ? 83  ASN A CG  1 
ATOM   595  O OD1 . ASN A 1 83  ? 7.045   -16.093 -10.531 1.00 26.09  ? 83  ASN A OD1 1 
ATOM   596  N ND2 . ASN A 1 83  ? 8.427   -15.660 -12.248 1.00 25.19  ? 83  ASN A ND2 1 
ATOM   597  N N   . GLU A 1 84  ? 9.584   -13.681 -6.732  1.00 15.93  ? 84  GLU A N   1 
ATOM   598  C CA  . GLU A 1 84  ? 10.566  -13.420 -5.677  1.00 16.71  ? 84  GLU A CA  1 
ATOM   599  C C   . GLU A 1 84  ? 11.757  -12.549 -6.082  1.00 18.39  ? 84  GLU A C   1 
ATOM   600  O O   . GLU A 1 84  ? 12.767  -12.502 -5.373  1.00 21.67  ? 84  GLU A O   1 
ATOM   601  C CB  . GLU A 1 84  ? 11.026  -14.739 -5.049  1.00 22.68  ? 84  GLU A CB  1 
ATOM   602  C CG  . GLU A 1 84  ? 9.866   -15.664 -4.713  1.00 27.91  ? 84  GLU A CG  1 
ATOM   603  C CD  . GLU A 1 84  ? 10.283  -16.855 -3.886  1.00 38.55  ? 84  GLU A CD  1 
ATOM   604  O OE1 . GLU A 1 84  ? 10.886  -17.789 -4.463  1.00 52.29  ? 84  GLU A OE1 1 
ATOM   605  O OE2 . GLU A 1 84  ? 9.987   -16.859 -2.670  1.00 29.47  ? 84  GLU A OE2 1 
ATOM   606  N N   . LYS A 1 85  ? 11.616  -11.811 -7.184  1.00 16.67  ? 85  LYS A N   1 
ATOM   607  C CA  . LYS A 1 85  ? 12.629  -10.855 -7.601  1.00 21.80  ? 85  LYS A CA  1 
ATOM   608  C C   . LYS A 1 85  ? 11.992  -9.477  -7.661  1.00 16.52  ? 85  LYS A C   1 
ATOM   609  O O   . LYS A 1 85  ? 10.948  -9.296  -8.288  1.00 16.39  ? 85  LYS A O   1 
ATOM   610  C CB  . LYS A 1 85  ? 13.222  -11.239 -8.958  1.00 28.90  ? 85  LYS A CB  1 
ATOM   611  C CG  . LYS A 1 85  ? 14.134  -12.461 -8.909  1.00 47.42  ? 85  LYS A CG  1 
ATOM   612  C CD  . LYS A 1 85  ? 15.497  -12.144 -8.292  1.00 61.92  ? 85  LYS A CD  1 
ATOM   613  C CE  . LYS A 1 85  ? 16.446  -13.334 -8.354  1.00 68.33  ? 85  LYS A CE  1 
ATOM   614  N NZ  . LYS A 1 85  ? 15.973  -14.480 -7.530  1.00 62.55  ? 85  LYS A NZ  1 
ATOM   615  N N   . TRP A 1 86  ? 12.632  -8.530  -6.983  1.00 17.46  ? 86  TRP A N   1 
ATOM   616  C CA  . TRP A 1 86  ? 12.266  -7.118  -7.036  1.00 16.35  ? 86  TRP A CA  1 
ATOM   617  C C   . TRP A 1 86  ? 12.662  -6.491  -8.370  1.00 17.64  ? 86  TRP A C   1 
ATOM   618  O O   . TRP A 1 86  ? 13.705  -6.827  -8.934  1.00 16.70  ? 86  TRP A O   1 
ATOM   619  C CB  . TRP A 1 86  ? 12.946  -6.372  -5.879  1.00 13.65  ? 86  TRP A CB  1 
ATOM   620  C CG  . TRP A 1 86  ? 12.333  -6.704  -4.566  1.00 14.43  ? 86  TRP A CG  1 
ATOM   621  C CD1 . TRP A 1 86  ? 12.897  -7.414  -3.545  1.00 15.63  ? 86  TRP A CD1 1 
ATOM   622  C CD2 . TRP A 1 86  ? 11.013  -6.354  -4.131  1.00 13.01  ? 86  TRP A CD2 1 
ATOM   623  N NE1 . TRP A 1 86  ? 12.028  -7.517  -2.500  1.00 18.11  ? 86  TRP A NE1 1 
ATOM   624  C CE2 . TRP A 1 86  ? 10.854  -6.879  -2.832  1.00 13.73  ? 86  TRP A CE2 1 
ATOM   625  C CE3 . TRP A 1 86  ? 9.952   -5.630  -4.711  1.00 12.10  ? 86  TRP A CE3 1 
ATOM   626  C CZ2 . TRP A 1 86  ? 9.666   -6.718  -2.091  1.00 10.92  ? 86  TRP A CZ2 1 
ATOM   627  C CZ3 . TRP A 1 86  ? 8.757   -5.458  -3.963  1.00 11.71  ? 86  TRP A CZ3 1 
ATOM   628  C CH2 . TRP A 1 86  ? 8.632   -6.009  -2.672  1.00 10.76  ? 86  TRP A CH2 1 
ATOM   629  N N   . GLY A 1 87  ? 11.820  -5.599  -8.882  1.00 11.65  ? 87  GLY A N   1 
ATOM   630  C CA  . GLY A 1 87  ? 12.108  -4.879  -10.107 1.00 9.56   ? 87  GLY A CA  1 
ATOM   631  C C   . GLY A 1 87  ? 12.886  -3.629  -9.754  1.00 10.24  ? 87  GLY A C   1 
ATOM   632  O O   . GLY A 1 87  ? 13.493  -3.569  -8.715  1.00 8.40   ? 87  GLY A O   1 
ATOM   633  N N   . ARG A 1 88  ? 12.809  -2.623  -10.608 1.00 10.29  ? 88  ARG A N   1 
ATOM   634  C CA  . ARG A 1 88  ? 13.494  -1.358  -10.410 1.00 14.97  ? 88  ARG A CA  1 
ATOM   635  C C   . ARG A 1 88  ? 12.702  -0.498  -9.427  1.00 13.42  ? 88  ARG A C   1 
ATOM   636  O O   . ARG A 1 88  ? 11.492  -0.298  -9.603  1.00 9.95   ? 88  ARG A O   1 
ATOM   637  C CB  . ARG A 1 88  ? 13.597  -0.641  -11.759 1.00 19.20  ? 88  ARG A CB  1 
ATOM   638  C CG  . ARG A 1 88  ? 14.333  0.687   -11.751 1.00 28.07  ? 88  ARG A CG  1 
ATOM   639  C CD  . ARG A 1 88  ? 14.771  1.059   -13.164 1.00 39.64  ? 88  ARG A CD  1 
ATOM   640  N NE  . ARG A 1 88  ? 15.857  0.185   -13.623 1.00 61.22  ? 88  ARG A NE  1 
ATOM   641  C CZ  . ARG A 1 88  ? 16.170  -0.079  -14.895 1.00 77.84  ? 88  ARG A CZ  1 
ATOM   642  N NH1 . ARG A 1 88  ? 15.496  0.466   -15.911 1.00 87.45  ? 88  ARG A NH1 1 
ATOM   643  N NH2 . ARG A 1 88  ? 17.188  -0.897  -15.159 1.00 73.68  ? 88  ARG A NH2 1 
ATOM   644  N N   . GLU A 1 89  ? 13.370  -0.001  -8.392  1.00 12.98  ? 89  GLU A N   1 
ATOM   645  C CA  . GLU A 1 89  ? 12.703  0.844   -7.408  1.00 13.80  ? 89  GLU A CA  1 
ATOM   646  C C   . GLU A 1 89  ? 12.311  2.196   -7.999  1.00 14.99  ? 89  GLU A C   1 
ATOM   647  O O   . GLU A 1 89  ? 13.020  2.738   -8.853  1.00 18.39  ? 89  GLU A O   1 
ATOM   648  C CB  . GLU A 1 89  ? 13.586  1.060   -6.194  1.00 12.97  ? 89  GLU A CB  1 
ATOM   649  C CG  . GLU A 1 89  ? 13.677  -0.178  -5.325  1.00 12.68  ? 89  GLU A CG  1 
ATOM   650  C CD  . GLU A 1 89  ? 14.484  0.035   -4.074  1.00 13.84  ? 89  GLU A CD  1 
ATOM   651  O OE1 . GLU A 1 89  ? 15.140  1.080   -3.973  1.00 13.58  ? 89  GLU A OE1 1 
ATOM   652  O OE2 . GLU A 1 89  ? 14.458  -0.837  -3.183  1.00 12.49  ? 89  GLU A OE2 1 
ATOM   653  N N   . GLU A 1 90  ? 11.173  2.722   -7.550  1.00 10.37  ? 90  GLU A N   1 
ATOM   654  C CA  . GLU A 1 90  ? 10.782  4.088   -7.839  1.00 10.94  ? 90  GLU A CA  1 
ATOM   655  C C   . GLU A 1 90  ? 10.704  4.814   -6.516  1.00 12.37  ? 90  GLU A C   1 
ATOM   656  O O   . GLU A 1 90  ? 9.940   4.432   -5.654  1.00 11.22  ? 90  GLU A O   1 
ATOM   657  C CB  . GLU A 1 90  ? 9.438   4.144   -8.574  1.00 11.43  ? 90  GLU A CB  1 
ATOM   658  C CG  . GLU A 1 90  ? 9.451   3.366   -9.875  1.00 12.49  ? 90  GLU A CG  1 
ATOM   659  C CD  . GLU A 1 90  ? 8.198   3.552   -10.712 1.00 15.54  ? 90  GLU A CD  1 
ATOM   660  O OE1 . GLU A 1 90  ? 7.450   4.556   -10.517 1.00 12.88  ? 90  GLU A OE1 1 
ATOM   661  O OE2 . GLU A 1 90  ? 7.974   2.676   -11.569 1.00 11.40  ? 90  GLU A OE2 1 
ATOM   662  N N   . ILE A 1 91  ? 11.535  5.841   -6.345  1.00 10.95  ? 91  ILE A N   1 
ATOM   663  C CA  . ILE A 1 91  ? 11.661  6.496   -5.055  1.00 11.59  ? 91  ILE A CA  1 
ATOM   664  C C   . ILE A 1 91  ? 11.020  7.868   -5.122  1.00 9.87   ? 91  ILE A C   1 
ATOM   665  O O   . ILE A 1 91  ? 11.264  8.645   -6.052  1.00 11.04  ? 91  ILE A O   1 
ATOM   666  C CB  . ILE A 1 91  ? 13.140  6.622   -4.619  1.00 16.79  ? 91  ILE A CB  1 
ATOM   667  C CG1 . ILE A 1 91  ? 13.827  5.243   -4.698  1.00 20.60  ? 91  ILE A CG1 1 
ATOM   668  C CG2 . ILE A 1 91  ? 13.220  7.176   -3.193  1.00 17.79  ? 91  ILE A CG2 1 
ATOM   669  C CD1 . ILE A 1 91  ? 15.309  5.243   -4.373  1.00 25.60  ? 91  ILE A CD1 1 
ATOM   670  N N   . THR A 1 92  ? 10.200  8.162   -4.130  1.00 9.15   ? 92  THR A N   1 
ATOM   671  C CA  . THR A 1 92  ? 9.644   9.489   -3.953  1.00 9.93   ? 92  THR A CA  1 
ATOM   672  C C   . THR A 1 92  ? 10.263  10.126  -2.694  1.00 9.94   ? 92  THR A C   1 
ATOM   673  O O   . THR A 1 92  ? 10.146  9.598   -1.595  1.00 8.54   ? 92  THR A O   1 
ATOM   674  C CB  . THR A 1 92  ? 8.109   9.431   -3.845  1.00 9.57   ? 92  THR A CB  1 
ATOM   675  O OG1 . THR A 1 92  ? 7.572   8.905   -5.064  1.00 10.35  ? 92  THR A OG1 1 
ATOM   676  C CG2 . THR A 1 92  ? 7.522   10.814  -3.620  1.00 10.95  ? 92  THR A CG2 1 
ATOM   677  N N   . TYR A 1 93  ? 10.885  11.282  -2.871  1.00 10.96  ? 93  TYR A N   1 
ATOM   678  C CA  . TYR A 1 93  ? 11.605  11.967  -1.786  1.00 12.18  ? 93  TYR A CA  1 
ATOM   679  C C   . TYR A 1 93  ? 10.754  12.956  -1.002  1.00 14.94  ? 93  TYR A C   1 
ATOM   680  O O   . TYR A 1 93  ? 11.049  13.243  0.169   1.00 16.16  ? 93  TYR A O   1 
ATOM   681  C CB  . TYR A 1 93  ? 12.807  12.695  -2.354  1.00 13.13  ? 93  TYR A CB  1 
ATOM   682  C CG  . TYR A 1 93  ? 13.879  11.740  -2.800  1.00 11.77  ? 93  TYR A CG  1 
ATOM   683  C CD1 . TYR A 1 93  ? 14.777  11.197  -1.880  1.00 10.99  ? 93  TYR A CD1 1 
ATOM   684  C CD2 . TYR A 1 93  ? 14.016  11.396  -4.153  1.00 11.95  ? 93  TYR A CD2 1 
ATOM   685  C CE1 . TYR A 1 93  ? 15.780  10.328  -2.286  1.00 12.25  ? 93  TYR A CE1 1 
ATOM   686  C CE2 . TYR A 1 93  ? 15.015  10.541  -4.561  1.00 13.79  ? 93  TYR A CE2 1 
ATOM   687  C CZ  . TYR A 1 93  ? 15.891  10.013  -3.635  1.00 12.65  ? 93  TYR A CZ  1 
ATOM   688  O OH  . TYR A 1 93  ? 16.864  9.152   -4.065  1.00 23.70  ? 93  TYR A OH  1 
ATOM   689  N N   . ASP A 1 94  ? 9.707   13.473  -1.637  1.00 16.45  ? 94  ASP A N   1 
ATOM   690  C CA  . ASP A 1 94  ? 8.815   14.410  -0.973  1.00 27.03  ? 94  ASP A CA  1 
ATOM   691  C C   . ASP A 1 94  ? 7.785   13.542  -0.263  1.00 27.41  ? 94  ASP A C   1 
ATOM   692  O O   . ASP A 1 94  ? 6.744   13.175  -0.849  1.00 23.69  ? 94  ASP A O   1 
ATOM   693  C CB  . ASP A 1 94  ? 8.180   15.362  -1.993  1.00 31.01  ? 94  ASP A CB  1 
ATOM   694  C CG  . ASP A 1 94  ? 7.446   16.525  -1.346  1.00 32.52  ? 94  ASP A CG  1 
ATOM   695  O OD1 . ASP A 1 94  ? 7.689   16.848  -0.159  1.00 42.95  ? 94  ASP A OD1 1 
ATOM   696  O OD2 . ASP A 1 94  ? 6.625   17.132  -2.046  1.00 33.56  ? 94  ASP A OD2 1 
ATOM   697  N N   . THR A 1 95  ? 8.115   13.160  0.977   1.00 18.04  ? 95  THR A N   1 
ATOM   698  C CA  . THR A 1 95  ? 7.290   12.194  1.743   1.00 18.43  ? 95  THR A CA  1 
ATOM   699  C C   . THR A 1 95  ? 6.517   12.923  2.835   1.00 14.54  ? 95  THR A C   1 
ATOM   700  O O   . THR A 1 95  ? 7.093   13.711  3.570   1.00 14.06  ? 95  THR A O   1 
ATOM   701  C CB  . THR A 1 95  ? 8.080   11.007  2.352   1.00 18.24  ? 95  THR A CB  1 
ATOM   702  O OG1 . THR A 1 95  ? 7.209   10.245  3.209   1.00 13.35  ? 95  THR A OG1 1 
ATOM   703  C CG2 . THR A 1 95  ? 9.314   11.463  3.159   1.00 18.15  ? 95  THR A CG2 1 
ATOM   704  N N   . PRO A 1 96  ? 5.198   12.668  2.927   1.00 11.88  ? 96  PRO A N   1 
ATOM   705  C CA  . PRO A 1 96  ? 4.393   13.322  3.933   1.00 12.58  ? 96  PRO A CA  1 
ATOM   706  C C   . PRO A 1 96  ? 4.327   12.590  5.269   1.00 13.00  ? 96  PRO A C   1 
ATOM   707  O O   . PRO A 1 96  ? 3.755   13.120  6.207   1.00 13.55  ? 96  PRO A O   1 
ATOM   708  C CB  . PRO A 1 96  ? 3.018   13.357  3.289   1.00 11.88  ? 96  PRO A CB  1 
ATOM   709  C CG  . PRO A 1 96  ? 2.970   12.138  2.447   1.00 12.99  ? 96  PRO A CG  1 
ATOM   710  C CD  . PRO A 1 96  ? 4.374   11.861  2.011   1.00 13.03  ? 96  PRO A CD  1 
ATOM   711  N N   . PHE A 1 97  ? 4.884   11.387  5.350   1.00 13.44  ? 97  PHE A N   1 
ATOM   712  C CA  . PHE A 1 97  ? 4.792   10.576  6.559   1.00 12.39  ? 97  PHE A CA  1 
ATOM   713  C C   . PHE A 1 97  ? 5.820   11.023  7.593   1.00 12.74  ? 97  PHE A C   1 
ATOM   714  O O   . PHE A 1 97  ? 6.940   11.405  7.260   1.00 14.22  ? 97  PHE A O   1 
ATOM   715  C CB  . PHE A 1 97  ? 5.033   9.104   6.242   1.00 10.37  ? 97  PHE A CB  1 
ATOM   716  C CG  . PHE A 1 97  ? 4.007   8.488   5.323   1.00 8.80   ? 97  PHE A CG  1 
ATOM   717  C CD1 . PHE A 1 97  ? 2.746   8.144   5.798   1.00 8.92   ? 97  PHE A CD1 1 
ATOM   718  C CD2 . PHE A 1 97  ? 4.307   8.245   3.985   1.00 9.04   ? 97  PHE A CD2 1 
ATOM   719  C CE1 . PHE A 1 97  ? 1.785   7.561   4.952   1.00 8.48   ? 97  PHE A CE1 1 
ATOM   720  C CE2 . PHE A 1 97  ? 3.354   7.677   3.136   1.00 9.18   ? 97  PHE A CE2 1 
ATOM   721  C CZ  . PHE A 1 97  ? 2.098   7.321   3.627   1.00 6.74   ? 97  PHE A CZ  1 
ATOM   722  N N   . LYS A 1 98  ? 5.439   10.917  8.851   1.00 15.65  ? 98  LYS A N   1 
ATOM   723  C CA  . LYS A 1 98  ? 6.314   11.264  9.961   1.00 17.02  ? 98  LYS A CA  1 
ATOM   724  C C   . LYS A 1 98  ? 5.993   10.375  11.149  1.00 16.80  ? 98  LYS A C   1 
ATOM   725  O O   . LYS A 1 98  ? 4.814   10.121  11.443  1.00 10.47  ? 98  LYS A O   1 
ATOM   726  C CB  . LYS A 1 98  ? 6.082   12.714  10.393  1.00 22.02  ? 98  LYS A CB  1 
ATOM   727  C CG  . LYS A 1 98  ? 6.621   13.777  9.453   1.00 28.68  ? 98  LYS A CG  1 
ATOM   728  C CD  . LYS A 1 98  ? 6.571   15.140  10.122  1.00 35.62  ? 98  LYS A CD  1 
ATOM   729  C CE  . LYS A 1 98  ? 7.168   16.268  9.283   1.00 49.98  ? 98  LYS A CE  1 
ATOM   730  N NZ  . LYS A 1 98  ? 6.709   16.270  7.864   1.00 49.12  ? 98  LYS A NZ  1 
ATOM   731  N N   . ARG A 1 99  ? 7.044   9.965   11.854  1.00 17.53  ? 99  ARG A N   1 
ATOM   732  C CA  . ARG A 1 99  ? 6.913   9.298   13.146  1.00 17.48  ? 99  ARG A CA  1 
ATOM   733  C C   . ARG A 1 99  ? 6.000   10.080  14.089  1.00 17.49  ? 99  ARG A C   1 
ATOM   734  O O   . ARG A 1 99  ? 6.005   11.308  14.092  1.00 15.01  ? 99  ARG A O   1 
ATOM   735  C CB  . ARG A 1 99  ? 8.290   9.124   13.774  1.00 22.02  ? 99  ARG A CB  1 
ATOM   736  C CG  . ARG A 1 99  ? 9.140   8.062   13.094  1.00 18.05  ? 99  ARG A CG  1 
ATOM   737  C CD  . ARG A 1 99  ? 10.613  8.286   13.410  1.00 18.40  ? 99  ARG A CD  1 
ATOM   738  N NE  . ARG A 1 99  ? 11.462  7.180   12.962  1.00 16.34  ? 99  ARG A NE  1 
ATOM   739  C CZ  . ARG A 1 99  ? 12.764  7.288   12.673  1.00 21.88  ? 99  ARG A CZ  1 
ATOM   740  N NH1 . ARG A 1 99  ? 13.386  8.462   12.762  1.00 18.78  ? 99  ARG A NH1 1 
ATOM   741  N NH2 . ARG A 1 99  ? 13.457  6.218   12.266  1.00 14.07  ? 99  ARG A NH2 1 
ATOM   742  N N   . GLU A 1 100 ? 5.181   9.358   14.850  1.00 16.58  ? 100 GLU A N   1 
ATOM   743  C CA  . GLU A 1 100 ? 4.255   9.942   15.818  1.00 15.41  ? 100 GLU A CA  1 
ATOM   744  C C   . GLU A 1 100 ? 3.105   10.771  15.197  1.00 17.61  ? 100 GLU A C   1 
ATOM   745  O O   . GLU A 1 100 ? 2.378   11.442  15.917  1.00 19.19  ? 100 GLU A O   1 
ATOM   746  C CB  . GLU A 1 100 ? 5.016   10.756  16.874  1.00 16.01  ? 100 GLU A CB  1 
ATOM   747  C CG  . GLU A 1 100 ? 6.208   10.019  17.482  1.00 20.08  ? 100 GLU A CG  1 
ATOM   748  C CD  . GLU A 1 100 ? 6.858   10.808  18.610  1.00 33.04  ? 100 GLU A CD  1 
ATOM   749  O OE1 . GLU A 1 100 ? 6.162   11.142  19.589  1.00 27.25  ? 100 GLU A OE1 1 
ATOM   750  O OE2 . GLU A 1 100 ? 8.065   11.098  18.516  1.00 31.73  ? 100 GLU A OE2 1 
ATOM   751  N N   . LYS A 1 101 ? 2.909   10.686  13.883  1.00 15.28  ? 101 LYS A N   1 
ATOM   752  C CA  . LYS A 1 101 ? 1.783   11.375  13.212  1.00 17.15  ? 101 LYS A CA  1 
ATOM   753  C C   . LYS A 1 101 ? 0.820   10.374  12.587  1.00 14.27  ? 101 LYS A C   1 
ATOM   754  O O   . LYS A 1 101 ? 1.242   9.342   12.069  1.00 11.35  ? 101 LYS A O   1 
ATOM   755  C CB  . LYS A 1 101 ? 2.293   12.346  12.140  1.00 16.85  ? 101 LYS A CB  1 
ATOM   756  C CG  . LYS A 1 101 ? 3.192   13.451  12.674  1.00 23.30  ? 101 LYS A CG  1 
ATOM   757  C CD  . LYS A 1 101 ? 2.453   14.403  13.599  1.00 28.45  ? 101 LYS A CD  1 
ATOM   758  C CE  . LYS A 1 101 ? 3.386   15.456  14.172  1.00 40.88  ? 101 LYS A CE  1 
ATOM   759  N NZ  . LYS A 1 101 ? 2.706   16.288  15.206  1.00 37.70  ? 101 LYS A NZ  1 
ATOM   760  N N   . SER A 1 102 ? -0.474  10.669  12.683  1.00 12.84  ? 102 SER A N   1 
ATOM   761  C CA  . SER A 1 102 ? -1.492  9.926   11.986  1.00 14.66  ? 102 SER A CA  1 
ATOM   762  C C   . SER A 1 102 ? -1.527  10.308  10.516  1.00 13.93  ? 102 SER A C   1 
ATOM   763  O O   . SER A 1 102 ? -1.051  11.393  10.132  1.00 11.53  ? 102 SER A O   1 
ATOM   764  C CB  . SER A 1 102 ? -2.854  10.117  12.648  1.00 19.44  ? 102 SER A CB  1 
ATOM   765  O OG  . SER A 1 102 ? -2.809  9.564   13.959  1.00 21.54  ? 102 SER A OG  1 
ATOM   766  N N   . PHE A 1 103 ? -2.060  9.398   9.696   1.00 9.99   ? 103 PHE A N   1 
ATOM   767  C CA  . PHE A 1 103 ? -2.106  9.591   8.246   1.00 9.82   ? 103 PHE A CA  1 
ATOM   768  C C   . PHE A 1 103 ? -3.366  8.975   7.664   1.00 9.48   ? 103 PHE A C   1 
ATOM   769  O O   . PHE A 1 103 ? -4.032  8.184   8.313   1.00 8.74   ? 103 PHE A O   1 
ATOM   770  C CB  . PHE A 1 103 ? -0.860  8.981   7.570   1.00 9.79   ? 103 PHE A CB  1 
ATOM   771  C CG  . PHE A 1 103 ? -0.736  7.498   7.775   1.00 9.50   ? 103 PHE A CG  1 
ATOM   772  C CD1 . PHE A 1 103 ? -1.507  6.610   7.027   1.00 9.73   ? 103 PHE A CD1 1 
ATOM   773  C CD2 . PHE A 1 103 ? 0.096   6.995   8.748   1.00 8.25   ? 103 PHE A CD2 1 
ATOM   774  C CE1 . PHE A 1 103 ? -1.431  5.247   7.240   1.00 10.53  ? 103 PHE A CE1 1 
ATOM   775  C CE2 . PHE A 1 103 ? 0.179   5.644   8.962   1.00 10.04  ? 103 PHE A CE2 1 
ATOM   776  C CZ  . PHE A 1 103 ? -0.590  4.763   8.212   1.00 10.15  ? 103 PHE A CZ  1 
ATOM   777  N N   . GLU A 1 104 ? -3.656  9.360   6.428   1.00 10.48  ? 104 GLU A N   1 
ATOM   778  C CA  . GLU A 1 104 ? -4.655  8.711   5.576   1.00 9.81   ? 104 GLU A CA  1 
ATOM   779  C C   . GLU A 1 104 ? -4.010  8.474   4.222   1.00 9.02   ? 104 GLU A C   1 
ATOM   780  O O   . GLU A 1 104 ? -3.500  9.408   3.611   1.00 9.05   ? 104 GLU A O   1 
ATOM   781  C CB  . GLU A 1 104 ? -5.884  9.602   5.365   1.00 11.47  ? 104 GLU A CB  1 
ATOM   782  C CG  . GLU A 1 104 ? -6.906  9.015   4.395   1.00 14.77  ? 104 GLU A CG  1 
ATOM   783  C CD  . GLU A 1 104 ? -7.976  10.006  4.009   1.00 20.31  ? 104 GLU A CD  1 
ATOM   784  O OE1 . GLU A 1 104 ? -7.647  11.005  3.311   1.00 21.41  ? 104 GLU A OE1 1 
ATOM   785  O OE2 . GLU A 1 104 ? -9.133  9.767   4.407   1.00 16.70  ? 104 GLU A OE2 1 
ATOM   786  N N   . ILE A 1 105 ? -4.067  7.236   3.748   1.00 7.65   ? 105 ILE A N   1 
ATOM   787  C CA  . ILE A 1 105 ? -3.565  6.876   2.438   1.00 6.80   ? 105 ILE A CA  1 
ATOM   788  C C   . ILE A 1 105 ? -4.782  6.549   1.591   1.00 6.64   ? 105 ILE A C   1 
ATOM   789  O O   . ILE A 1 105 ? -5.611  5.720   1.986   1.00 5.73   ? 105 ILE A O   1 
ATOM   790  C CB  . ILE A 1 105 ? -2.665  5.632   2.491   1.00 7.06   ? 105 ILE A CB  1 
ATOM   791  C CG1 . ILE A 1 105 ? -1.385  5.920   3.281   1.00 7.41   ? 105 ILE A CG1 1 
ATOM   792  C CG2 . ILE A 1 105 ? -2.370  5.116   1.079   1.00 8.23   ? 105 ILE A CG2 1 
ATOM   793  C CD1 . ILE A 1 105 ? -0.650  4.673   3.754   1.00 7.60   ? 105 ILE A CD1 1 
ATOM   794  N N   . VAL A 1 106 ? -4.871  7.171   0.422   1.00 7.00   ? 106 VAL A N   1 
ATOM   795  C CA  . VAL A 1 106 ? -5.859  6.782   -0.567  1.00 7.34   ? 106 VAL A CA  1 
ATOM   796  C C   . VAL A 1 106 ? -5.157  6.330   -1.842  1.00 7.24   ? 106 VAL A C   1 
ATOM   797  O O   . VAL A 1 106 ? -4.500  7.139   -2.505  1.00 6.72   ? 106 VAL A O   1 
ATOM   798  C CB  . VAL A 1 106 ? -6.823  7.932   -0.885  1.00 7.29   ? 106 VAL A CB  1 
ATOM   799  C CG1 . VAL A 1 106 ? -7.880  7.464   -1.877  1.00 7.36   ? 106 VAL A CG1 1 
ATOM   800  C CG2 . VAL A 1 106 ? -7.459  8.431   0.401   1.00 8.90   ? 106 VAL A CG2 1 
ATOM   801  N N   . ILE A 1 107 ? -5.294  5.036   -2.164  1.00 7.09   ? 107 ILE A N   1 
ATOM   802  C CA  . ILE A 1 107 ? -4.766  4.474   -3.395  1.00 7.61   ? 107 ILE A CA  1 
ATOM   803  C C   . ILE A 1 107 ? -5.920  4.451   -4.388  1.00 8.85   ? 107 ILE A C   1 
ATOM   804  O O   . ILE A 1 107 ? -6.948  3.821   -4.128  1.00 6.37   ? 107 ILE A O   1 
ATOM   805  C CB  . ILE A 1 107 ? -4.213  3.039   -3.198  1.00 10.08  ? 107 ILE A CB  1 
ATOM   806  C CG1 . ILE A 1 107 ? -3.111  3.007   -2.127  1.00 9.96   ? 107 ILE A CG1 1 
ATOM   807  C CG2 . ILE A 1 107 ? -3.658  2.489   -4.511  1.00 8.90   ? 107 ILE A CG2 1 
ATOM   808  C CD1 . ILE A 1 107 ? -2.720  1.608   -1.684  1.00 10.43  ? 107 ILE A CD1 1 
ATOM   809  N N   . MET A 1 108 ? -5.772  5.159   -5.508  1.00 7.17   ? 108 MET A N   1 
ATOM   810  C CA  . MET A 1 108 ? -6.737  5.068   -6.591  1.00 7.56   ? 108 MET A CA  1 
ATOM   811  C C   . MET A 1 108 ? -6.149  4.262   -7.733  1.00 10.85  ? 108 MET A C   1 
ATOM   812  O O   . MET A 1 108 ? -5.032  4.556   -8.217  1.00 10.47  ? 108 MET A O   1 
ATOM   813  C CB  . MET A 1 108 ? -7.164  6.449   -7.108  1.00 7.20   ? 108 MET A CB  1 
ATOM   814  C CG  . MET A 1 108 ? -8.216  6.367   -8.207  1.00 7.60   ? 108 MET A CG  1 
ATOM   815  S SD  . MET A 1 108 ? -8.939  7.954   -8.666  1.00 8.96   ? 108 MET A SD  1 
ATOM   816  C CE  . MET A 1 108 ? -7.474  8.877   -9.095  1.00 6.97   ? 108 MET A CE  1 
ATOM   817  N N   . VAL A 1 109 ? -6.937  3.300   -8.212  1.00 8.41   ? 109 VAL A N   1 
ATOM   818  C CA  . VAL A 1 109 ? -6.563  2.474   -9.341  1.00 9.04   ? 109 VAL A CA  1 
ATOM   819  C C   . VAL A 1 109 ? -7.051  3.110   -10.634 1.00 11.77  ? 109 VAL A C   1 
ATOM   820  O O   . VAL A 1 109 ? -8.243  3.404   -10.775 1.00 13.83  ? 109 VAL A O   1 
ATOM   821  C CB  . VAL A 1 109 ? -7.157  1.060   -9.200  1.00 12.60  ? 109 VAL A CB  1 
ATOM   822  C CG1 . VAL A 1 109 ? -6.582  0.121   -10.260 1.00 13.43  ? 109 VAL A CG1 1 
ATOM   823  C CG2 . VAL A 1 109 ? -6.885  0.536   -7.794  1.00 13.25  ? 109 VAL A CG2 1 
ATOM   824  N N   . LEU A 1 110 ? -6.124  3.381   -11.553 1.00 10.60  ? 110 LEU A N   1 
ATOM   825  C CA  . LEU A 1 110 ? -6.462  3.924   -12.865 1.00 11.06  ? 110 LEU A CA  1 
ATOM   826  C C   . LEU A 1 110 ? -6.105  2.844   -13.868 1.00 13.06  ? 110 LEU A C   1 
ATOM   827  O O   . LEU A 1 110 ? -5.633  1.764   -13.471 1.00 10.88  ? 110 LEU A O   1 
ATOM   828  C CB  . LEU A 1 110 ? -5.722  5.228   -13.129 1.00 9.79   ? 110 LEU A CB  1 
ATOM   829  C CG  . LEU A 1 110 ? -6.081  6.392   -12.187 1.00 10.41  ? 110 LEU A CG  1 
ATOM   830  C CD1 . LEU A 1 110 ? -5.148  7.562   -12.434 1.00 10.55  ? 110 LEU A CD1 1 
ATOM   831  C CD2 . LEU A 1 110 ? -7.536  6.814   -12.364 1.00 10.55  ? 110 LEU A CD2 1 
ATOM   832  N N   . LYS A 1 111 ? -6.369  3.112   -15.145 1.00 13.96  ? 111 LYS A N   1 
ATOM   833  C CA  . LYS A 1 111 ? -6.218  2.111   -16.196 1.00 17.46  ? 111 LYS A CA  1 
ATOM   834  C C   . LYS A 1 111 ? -4.774  1.611   -16.299 1.00 15.63  ? 111 LYS A C   1 
ATOM   835  O O   . LYS A 1 111 ? -4.543  0.397   -16.384 1.00 15.85  ? 111 LYS A O   1 
ATOM   836  C CB  . LYS A 1 111 ? -6.709  2.683   -17.552 1.00 25.14  ? 111 LYS A CB  1 
ATOM   837  C CG  . LYS A 1 111 ? -6.649  1.731   -18.752 1.00 35.08  ? 111 LYS A CG  1 
ATOM   838  C CD  . LYS A 1 111 ? -7.544  0.499   -18.573 1.00 43.97  ? 111 LYS A CD  1 
ATOM   839  C CE  . LYS A 1 111 ? -7.175  -0.627  -19.536 1.00 54.26  ? 111 LYS A CE  1 
ATOM   840  N NZ  . LYS A 1 111 ? -7.531  -1.969  -18.999 1.00 42.94  ? 111 LYS A NZ  1 
ATOM   841  N N   . ASP A 1 112 ? -3.836  2.559   -16.279 1.00 13.82  ? 112 ASP A N   1 
ATOM   842  C CA  . ASP A 1 112 ? -2.407  2.317   -16.536 1.00 17.03  ? 112 ASP A CA  1 
ATOM   843  C C   . ASP A 1 112 ? -1.519  2.422   -15.306 1.00 12.62  ? 112 ASP A C   1 
ATOM   844  O O   . ASP A 1 112 ? -0.344  2.075   -15.382 1.00 11.99  ? 112 ASP A O   1 
ATOM   845  C CB  . ASP A 1 112 ? -1.875  3.335   -17.551 1.00 22.52  ? 112 ASP A CB  1 
ATOM   846  C CG  . ASP A 1 112 ? -2.581  3.260   -18.884 1.00 32.05  ? 112 ASP A CG  1 
ATOM   847  O OD1 . ASP A 1 112 ? -3.082  2.171   -19.243 1.00 33.26  ? 112 ASP A OD1 1 
ATOM   848  O OD2 . ASP A 1 112 ? -2.626  4.299   -19.574 1.00 35.76  ? 112 ASP A OD2 1 
ATOM   849  N N   . LYS A 1 113 ? -2.060  2.895   -14.186 1.00 11.13  ? 113 LYS A N   1 
ATOM   850  C CA  . LYS A 1 113 ? -1.243  3.194   -13.022 1.00 10.02  ? 113 LYS A CA  1 
ATOM   851  C C   . LYS A 1 113 ? -2.067  3.277   -11.736 1.00 9.59   ? 113 LYS A C   1 
ATOM   852  O O   . LYS A 1 113 ? -3.322  3.369   -11.757 1.00 7.26   ? 113 LYS A O   1 
ATOM   853  C CB  . LYS A 1 113 ? -0.498  4.524   -13.241 1.00 11.85  ? 113 LYS A CB  1 
ATOM   854  C CG  . LYS A 1 113 ? -1.391  5.768   -13.187 1.00 15.02  ? 113 LYS A CG  1 
ATOM   855  C CD  . LYS A 1 113 ? -0.772  6.984   -13.848 1.00 19.79  ? 113 LYS A CD  1 
ATOM   856  C CE  . LYS A 1 113 ? -1.186  7.089   -15.305 1.00 32.11  ? 113 LYS A CE  1 
ATOM   857  N NZ  . LYS A 1 113 ? -0.601  8.289   -15.958 1.00 35.15  ? 113 LYS A NZ  1 
ATOM   858  N N   . PHE A 1 114 ? -1.338  3.245   -10.624 1.00 7.65   ? 114 PHE A N   1 
ATOM   859  C CA  . PHE A 1 114 ? -1.864  3.686   -9.342  1.00 8.48   ? 114 PHE A CA  1 
ATOM   860  C C   . PHE A 1 114 ? -1.580  5.167   -9.133  1.00 9.39   ? 114 PHE A C   1 
ATOM   861  O O   . PHE A 1 114 ? -0.541  5.673   -9.570  1.00 6.97   ? 114 PHE A O   1 
ATOM   862  C CB  . PHE A 1 114 ? -1.251  2.891   -8.201  1.00 10.64  ? 114 PHE A CB  1 
ATOM   863  C CG  . PHE A 1 114 ? -1.508  1.416   -8.298  1.00 11.87  ? 114 PHE A CG  1 
ATOM   864  C CD1 . PHE A 1 114 ? -2.720  0.882   -7.873  1.00 11.91  ? 114 PHE A CD1 1 
ATOM   865  C CD2 . PHE A 1 114 ? -0.542  0.556   -8.820  1.00 12.47  ? 114 PHE A CD2 1 
ATOM   866  C CE1 . PHE A 1 114 ? -2.959  -0.493  -7.956  1.00 10.23  ? 114 PHE A CE1 1 
ATOM   867  C CE2 . PHE A 1 114 ? -0.778  -0.811  -8.918  1.00 11.96  ? 114 PHE A CE2 1 
ATOM   868  C CZ  . PHE A 1 114 ? -1.980  -1.341  -8.489  1.00 10.33  ? 114 PHE A CZ  1 
ATOM   869  N N   . GLN A 1 115 ? -2.528  5.852   -8.487  1.00 6.77   ? 115 GLN A N   1 
ATOM   870  C CA  . GLN A 1 115 ? -2.306  7.180   -7.989  1.00 7.73   ? 115 GLN A CA  1 
ATOM   871  C C   . GLN A 1 115 ? -2.523  7.147   -6.491  1.00 6.62   ? 115 GLN A C   1 
ATOM   872  O O   . GLN A 1 115 ? -3.502  6.568   -6.026  1.00 5.83   ? 115 GLN A O   1 
ATOM   873  C CB  . GLN A 1 115 ? -3.231  8.199   -8.660  1.00 8.00   ? 115 GLN A CB  1 
ATOM   874  C CG  . GLN A 1 115 ? -2.989  9.626   -8.147  1.00 7.68   ? 115 GLN A CG  1 
ATOM   875  C CD  . GLN A 1 115 ? -3.942  10.056  -7.050  1.00 8.74   ? 115 GLN A CD  1 
ATOM   876  O OE1 . GLN A 1 115 ? -5.035  9.499   -6.891  1.00 7.41   ? 115 GLN A OE1 1 
ATOM   877  N NE2 . GLN A 1 115 ? -3.561  11.087  -6.317  1.00 8.09   ? 115 GLN A NE2 1 
ATOM   878  N N   . VAL A 1 116 ? -1.616  7.774   -5.745  1.00 6.00   ? 116 VAL A N   1 
ATOM   879  C CA  . VAL A 1 116 ? -1.675  7.738   -4.279  1.00 7.04   ? 116 VAL A CA  1 
ATOM   880  C C   . VAL A 1 116 ? -1.688  9.145   -3.711  1.00 6.54   ? 116 VAL A C   1 
ATOM   881  O O   . VAL A 1 116 ? -0.786  9.936   -3.990  1.00 9.34   ? 116 VAL A O   1 
ATOM   882  C CB  . VAL A 1 116 ? -0.529  6.929   -3.640  1.00 5.40   ? 116 VAL A CB  1 
ATOM   883  C CG1 . VAL A 1 116 ? -0.699  6.880   -2.128  1.00 5.85   ? 116 VAL A CG1 1 
ATOM   884  C CG2 . VAL A 1 116 ? -0.455  5.527   -4.202  1.00 7.01   ? 116 VAL A CG2 1 
ATOM   885  N N   . ALA A 1 117 ? -2.729  9.442   -2.941  1.00 7.19   ? 117 ALA A N   1 
ATOM   886  C CA  . ALA A 1 117 ? -2.807  10.674  -2.149  1.00 8.27   ? 117 ALA A CA  1 
ATOM   887  C C   . ALA A 1 117 ? -2.669  10.320  -0.680  1.00 8.73   ? 117 ALA A C   1 
ATOM   888  O O   . ALA A 1 117 ? -3.257  9.350   -0.216  1.00 10.25  ? 117 ALA A O   1 
ATOM   889  C CB  . ALA A 1 117 ? -4.129  11.394  -2.388  1.00 7.79   ? 117 ALA A CB  1 
ATOM   890  N N   . VAL A 1 118 ? -1.892  11.125  0.040   1.00 11.65  ? 118 VAL A N   1 
ATOM   891  C CA  . VAL A 1 118 ? -1.721  10.988  1.480   1.00 10.43  ? 118 VAL A CA  1 
ATOM   892  C C   . VAL A 1 118 ? -2.146  12.296  2.142   1.00 11.16  ? 118 VAL A C   1 
ATOM   893  O O   . VAL A 1 118 ? -1.736  13.384  1.705   1.00 11.76  ? 118 VAL A O   1 
ATOM   894  C CB  . VAL A 1 118 ? -0.256  10.709  1.859   1.00 10.91  ? 118 VAL A CB  1 
ATOM   895  C CG1 . VAL A 1 118 ? -0.125  10.485  3.373   1.00 12.21  ? 118 VAL A CG1 1 
ATOM   896  C CG2 . VAL A 1 118 ? 0.299   9.518   1.086   1.00 11.10  ? 118 VAL A CG2 1 
ATOM   897  N N   . ASN A 1 119 ? -2.983  12.196  3.175   1.00 10.12  ? 119 ASN A N   1 
ATOM   898  C CA  . ASN A 1 119 ? -3.484  13.376  3.910   1.00 10.33  ? 119 ASN A CA  1 
ATOM   899  C C   . ASN A 1 119 ? -4.123  14.452  3.009   1.00 14.27  ? 119 ASN A C   1 
ATOM   900  O O   . ASN A 1 119 ? -3.926  15.653  3.218   1.00 13.38  ? 119 ASN A O   1 
ATOM   901  C CB  . ASN A 1 119 ? -2.350  13.976  4.744   1.00 11.85  ? 119 ASN A CB  1 
ATOM   902  C CG  . ASN A 1 119 ? -1.776  12.984  5.734   1.00 13.59  ? 119 ASN A CG  1 
ATOM   903  O OD1 . ASN A 1 119 ? -2.482  12.090  6.215   1.00 11.63  ? 119 ASN A OD1 1 
ATOM   904  N ND2 . ASN A 1 119 ? -0.487  13.128  6.038   1.00 12.13  ? 119 ASN A ND2 1 
ATOM   905  N N   . GLY A 1 120 ? -4.865  14.002  1.998   1.00 14.08  ? 120 GLY A N   1 
ATOM   906  C CA  . GLY A 1 120 ? -5.566  14.895  1.084   1.00 12.93  ? 120 GLY A CA  1 
ATOM   907  C C   . GLY A 1 120 ? -4.725  15.571  0.012   1.00 14.61  ? 120 GLY A C   1 
ATOM   908  O O   . GLY A 1 120 ? -5.220  16.498  -0.629  1.00 19.32  ? 120 GLY A O   1 
ATOM   909  N N   . LYS A 1 121 ? -3.492  15.099  -0.209  1.00 14.40  ? 121 LYS A N   1 
ATOM   910  C CA  . LYS A 1 121 ? -2.529  15.720  -1.135  1.00 14.80  ? 121 LYS A CA  1 
ATOM   911  C C   . LYS A 1 121 ? -1.882  14.681  -2.041  1.00 14.38  ? 121 LYS A C   1 
ATOM   912  O O   . LYS A 1 121 ? -1.388  13.647  -1.561  1.00 12.27  ? 121 LYS A O   1 
ATOM   913  C CB  . LYS A 1 121 ? -1.440  16.439  -0.338  1.00 21.30  ? 121 LYS A CB  1 
ATOM   914  C CG  . LYS A 1 121 ? -0.481  17.286  -1.156  1.00 32.22  ? 121 LYS A CG  1 
ATOM   915  C CD  . LYS A 1 121 ? 0.304   18.238  -0.260  1.00 41.65  ? 121 LYS A CD  1 
ATOM   916  C CE  . LYS A 1 121 ? 1.261   19.128  -1.044  1.00 58.80  ? 121 LYS A CE  1 
ATOM   917  N NZ  . LYS A 1 121 ? 2.477   18.404  -1.512  1.00 48.90  ? 121 LYS A NZ  1 
ATOM   918  N N   . HIS A 1 122 ? -1.833  14.969  -3.342  1.00 10.96  ? 122 HIS A N   1 
ATOM   919  C CA  . HIS A 1 122 ? -1.247  14.041  -4.303  1.00 10.49  ? 122 HIS A CA  1 
ATOM   920  C C   . HIS A 1 122 ? 0.204   13.703  -3.938  1.00 11.24  ? 122 HIS A C   1 
ATOM   921  O O   . HIS A 1 122 ? 1.019   14.598  -3.653  1.00 12.04  ? 122 HIS A O   1 
ATOM   922  C CB  . HIS A 1 122 ? -1.333  14.582  -5.745  1.00 11.81  ? 122 HIS A CB  1 
ATOM   923  C CG  . HIS A 1 122 ? -0.544  13.774  -6.732  1.00 11.98  ? 122 HIS A CG  1 
ATOM   924  N ND1 . HIS A 1 122 ? -0.837  12.461  -7.018  1.00 11.84  ? 122 HIS A ND1 1 
ATOM   925  C CD2 . HIS A 1 122 ? 0.557   14.077  -7.464  1.00 15.21  ? 122 HIS A CD2 1 
ATOM   926  C CE1 . HIS A 1 122 ? 0.032   11.993  -7.897  1.00 12.48  ? 122 HIS A CE1 1 
ATOM   927  N NE2 . HIS A 1 122 ? 0.896   12.948  -8.175  1.00 11.64  ? 122 HIS A NE2 1 
ATOM   928  N N   . THR A 1 123 ? 0.536   12.421  -3.941  1.00 8.49   ? 123 THR A N   1 
ATOM   929  C CA  . THR A 1 123 ? 1.879   12.011  -3.518  1.00 10.39  ? 123 THR A CA  1 
ATOM   930  C C   . THR A 1 123 ? 2.681   11.392  -4.639  1.00 11.43  ? 123 THR A C   1 
ATOM   931  O O   . THR A 1 123 ? 3.817   11.808  -4.872  1.00 9.95   ? 123 THR A O   1 
ATOM   932  C CB  . THR A 1 123 ? 1.811   11.074  -2.301  1.00 12.45  ? 123 THR A CB  1 
ATOM   933  O OG1 . THR A 1 123 ? 1.207   11.784  -1.209  1.00 13.35  ? 123 THR A OG1 1 
ATOM   934  C CG2 . THR A 1 123 ? 3.219   10.573  -1.878  1.00 11.18  ? 123 THR A CG2 1 
ATOM   935  N N   . LEU A 1 124 ? 2.112   10.413  -5.342  1.00 9.33   ? 124 LEU A N   1 
ATOM   936  C CA  . LEU A 1 124 ? 2.865   9.707   -6.367  1.00 8.87   ? 124 LEU A CA  1 
ATOM   937  C C   . LEU A 1 124 ? 1.974   8.954   -7.326  1.00 8.34   ? 124 LEU A C   1 
ATOM   938  O O   . LEU A 1 124 ? 0.783   8.764   -7.061  1.00 9.20   ? 124 LEU A O   1 
ATOM   939  C CB  . LEU A 1 124 ? 3.912   8.759   -5.740  1.00 12.23  ? 124 LEU A CB  1 
ATOM   940  C CG  . LEU A 1 124 ? 3.468   7.608   -4.815  1.00 12.33  ? 124 LEU A CG  1 
ATOM   941  C CD1 . LEU A 1 124 ? 3.055   6.372   -5.618  1.00 14.27  ? 124 LEU A CD1 1 
ATOM   942  C CD2 . LEU A 1 124 ? 4.572   7.243   -3.833  1.00 13.03  ? 124 LEU A CD2 1 
ATOM   943  N N   . LEU A 1 125 ? 2.569   8.592   -8.461  1.00 8.23   ? 125 LEU A N   1 
ATOM   944  C CA  . LEU A 1 125 ? 1.996   7.683   -9.469  1.00 8.80   ? 125 LEU A CA  1 
ATOM   945  C C   . LEU A 1 125 ? 2.887   6.428   -9.551  1.00 11.17  ? 125 LEU A C   1 
ATOM   946  O O   . LEU A 1 125 ? 4.072   6.510   -9.273  1.00 9.85   ? 125 LEU A O   1 
ATOM   947  C CB  . LEU A 1 125 ? 1.966   8.354   -10.839 1.00 9.53   ? 125 LEU A CB  1 
ATOM   948  C CG  . LEU A 1 125 ? 1.178   9.669   -10.955 1.00 10.81  ? 125 LEU A CG  1 
ATOM   949  C CD1 . LEU A 1 125 ? 1.380   10.302  -12.320 1.00 10.84  ? 125 LEU A CD1 1 
ATOM   950  C CD2 . LEU A 1 125 ? -0.297  9.413   -10.676 1.00 10.56  ? 125 LEU A CD2 1 
ATOM   951  N N   . TYR A 1 126 ? 2.315   5.279   -9.918  1.00 9.89   ? 126 TYR A N   1 
ATOM   952  C CA  . TYR A 1 126 ? 3.096   4.061   -10.125 1.00 8.71   ? 126 TYR A CA  1 
ATOM   953  C C   . TYR A 1 126 ? 2.440   3.260   -11.234 1.00 8.12   ? 126 TYR A C   1 
ATOM   954  O O   . TYR A 1 126 ? 1.301   2.815   -11.082 1.00 7.80   ? 126 TYR A O   1 
ATOM   955  C CB  . TYR A 1 126 ? 3.180   3.247   -8.839  1.00 9.75   ? 126 TYR A CB  1 
ATOM   956  C CG  . TYR A 1 126 ? 4.090   2.041   -8.926  1.00 8.87   ? 126 TYR A CG  1 
ATOM   957  C CD1 . TYR A 1 126 ? 5.442   2.162   -8.655  1.00 9.69   ? 126 TYR A CD1 1 
ATOM   958  C CD2 . TYR A 1 126 ? 3.597   0.769   -9.288  1.00 11.48  ? 126 TYR A CD2 1 
ATOM   959  C CE1 . TYR A 1 126 ? 6.291   1.067   -8.728  1.00 10.85  ? 126 TYR A CE1 1 
ATOM   960  C CE2 . TYR A 1 126 ? 4.445   -0.332  -9.373  1.00 10.40  ? 126 TYR A CE2 1 
ATOM   961  C CZ  . TYR A 1 126 ? 5.797   -0.171  -9.087  1.00 8.64   ? 126 TYR A CZ  1 
ATOM   962  O OH  . TYR A 1 126 ? 6.674   -1.220  -9.132  1.00 10.71  ? 126 TYR A OH  1 
ATOM   963  N N   . GLY A 1 127 ? 3.136   3.140   -12.362 1.00 9.06   ? 127 GLY A N   1 
ATOM   964  C CA  . GLY A 1 127 ? 2.624   2.446   -13.545 1.00 8.17   ? 127 GLY A CA  1 
ATOM   965  C C   . GLY A 1 127 ? 2.443   0.978   -13.241 1.00 8.93   ? 127 GLY A C   1 
ATOM   966  O O   . GLY A 1 127 ? 3.277   0.407   -12.538 1.00 9.68   ? 127 GLY A O   1 
ATOM   967  N N   . HIS A 1 128 ? 1.347   0.373   -13.735 1.00 9.45   ? 128 HIS A N   1 
ATOM   968  C CA  . HIS A 1 128 ? 1.126   -1.053  -13.533 1.00 9.00   ? 128 HIS A CA  1 
ATOM   969  C C   . HIS A 1 128 ? 2.265   -1.829  -14.185 1.00 8.42   ? 128 HIS A C   1 
ATOM   970  O O   . HIS A 1 128 ? 2.657   -1.520  -15.310 1.00 7.55   ? 128 HIS A O   1 
ATOM   971  C CB  . HIS A 1 128 ? -0.215  -1.545  -14.117 1.00 9.84   ? 128 HIS A CB  1 
ATOM   972  C CG  . HIS A 1 128 ? -1.423  -0.962  -13.457 1.00 9.45   ? 128 HIS A CG  1 
ATOM   973  N ND1 . HIS A 1 128 ? -1.552  -0.867  -12.089 1.00 8.85   ? 128 HIS A ND1 1 
ATOM   974  C CD2 . HIS A 1 128 ? -2.556  -0.435  -13.981 1.00 9.55   ? 128 HIS A CD2 1 
ATOM   975  C CE1 . HIS A 1 128 ? -2.708  -0.292  -11.798 1.00 9.49   ? 128 HIS A CE1 1 
ATOM   976  N NE2 . HIS A 1 128 ? -3.334  -0.014  -12.931 1.00 11.52  ? 128 HIS A NE2 1 
ATOM   977  N N   . ARG A 1 129 ? 2.800   -2.804  -13.454 1.00 8.28   ? 129 ARG A N   1 
ATOM   978  C CA  . ARG A 1 129 ? 3.735   -3.787  -13.986 1.00 9.73   ? 129 ARG A CA  1 
ATOM   979  C C   . ARG A 1 129 ? 3.112   -5.188  -14.066 1.00 10.13  ? 129 ARG A C   1 
ATOM   980  O O   . ARG A 1 129 ? 3.548   -6.036  -14.862 1.00 8.67   ? 129 ARG A O   1 
ATOM   981  C CB  . ARG A 1 129 ? 5.001   -3.810  -13.121 1.00 9.94   ? 129 ARG A CB  1 
ATOM   982  C CG  . ARG A 1 129 ? 5.710   -2.467  -13.071 1.00 11.17  ? 129 ARG A CG  1 
ATOM   983  C CD  . ARG A 1 129 ? 7.088   -2.603  -12.454 1.00 11.64  ? 129 ARG A CD  1 
ATOM   984  N NE  . ARG A 1 129 ? 7.649   -1.314  -12.042 1.00 12.62  ? 129 ARG A NE  1 
ATOM   985  C CZ  . ARG A 1 129 ? 8.716   -1.171  -11.243 1.00 9.17   ? 129 ARG A CZ  1 
ATOM   986  N NH1 . ARG A 1 129 ? 9.366   -2.227  -10.772 1.00 10.74  ? 129 ARG A NH1 1 
ATOM   987  N NH2 . ARG A 1 129 ? 9.134   0.034   -10.927 1.00 9.31   ? 129 ARG A NH2 1 
ATOM   988  N N   . ILE A 1 130 ? 2.119   -5.427  -13.212 1.00 9.75   ? 130 ILE A N   1 
ATOM   989  C CA  . ILE A 1 130 ? 1.301   -6.627  -13.218 1.00 12.07  ? 130 ILE A CA  1 
ATOM   990  C C   . ILE A 1 130 ? -0.098  -6.130  -13.450 1.00 12.08  ? 130 ILE A C   1 
ATOM   991  O O   . ILE A 1 130 ? -0.467  -5.050  -12.952 1.00 10.52  ? 130 ILE A O   1 
ATOM   992  C CB  . ILE A 1 130 ? 1.358   -7.341  -11.846 1.00 15.10  ? 130 ILE A CB  1 
ATOM   993  C CG1 . ILE A 1 130 ? 2.792   -7.795  -11.550 1.00 16.29  ? 130 ILE A CG1 1 
ATOM   994  C CG2 . ILE A 1 130 ? 0.406   -8.532  -11.799 1.00 18.25  ? 130 ILE A CG2 1 
ATOM   995  C CD1 . ILE A 1 130 ? 2.966   -8.507  -10.229 1.00 17.70  ? 130 ILE A CD1 1 
ATOM   996  N N   . GLY A 1 131 ? -0.880  -6.892  -14.212 1.00 13.04  ? 131 GLY A N   1 
ATOM   997  C CA  . GLY A 1 131 ? -2.287  -6.552  -14.412 1.00 13.36  ? 131 GLY A CA  1 
ATOM   998  C C   . GLY A 1 131 ? -3.012  -6.434  -13.077 1.00 13.04  ? 131 GLY A C   1 
ATOM   999  O O   . GLY A 1 131 ? -2.896  -7.334  -12.250 1.00 11.98  ? 131 GLY A O   1 
ATOM   1000 N N   . PRO A 1 132 ? -3.741  -5.315  -12.841 1.00 17.17  ? 132 PRO A N   1 
ATOM   1001 C CA  . PRO A 1 132 ? -4.411  -5.130  -11.553 1.00 14.66  ? 132 PRO A CA  1 
ATOM   1002 C C   . PRO A 1 132 ? -5.546  -6.140  -11.302 1.00 11.87  ? 132 PRO A C   1 
ATOM   1003 O O   . PRO A 1 132 ? -5.945  -6.344  -10.160 1.00 13.40  ? 132 PRO A O   1 
ATOM   1004 C CB  . PRO A 1 132 ? -4.922  -3.687  -11.628 1.00 18.33  ? 132 PRO A CB  1 
ATOM   1005 C CG  . PRO A 1 132 ? -5.150  -3.446  -13.080 1.00 23.31  ? 132 PRO A CG  1 
ATOM   1006 C CD  . PRO A 1 132 ? -4.084  -4.237  -13.793 1.00 22.80  ? 132 PRO A CD  1 
ATOM   1007 N N   . GLU A 1 133 ? -6.040  -6.784  -12.354 1.00 11.58  ? 133 GLU A N   1 
ATOM   1008 C CA  . GLU A 1 133 ? -6.988  -7.909  -12.220 1.00 15.53  ? 133 GLU A CA  1 
ATOM   1009 C C   . GLU A 1 133 ? -6.428  -9.119  -11.451 1.00 14.03  ? 133 GLU A C   1 
ATOM   1010 O O   . GLU A 1 133 ? -7.190  -9.950  -10.992 1.00 16.37  ? 133 GLU A O   1 
ATOM   1011 C CB  . GLU A 1 133 ? -7.508  -8.332  -13.615 1.00 18.37  ? 133 GLU A CB  1 
ATOM   1012 C CG  . GLU A 1 133 ? -6.504  -9.107  -14.494 1.00 17.08  ? 133 GLU A CG  1 
ATOM   1013 C CD  . GLU A 1 133 ? -5.385  -8.274  -15.141 1.00 18.02  ? 133 GLU A CD  1 
ATOM   1014 O OE1 . GLU A 1 133 ? -5.449  -7.013  -15.180 1.00 22.12  ? 133 GLU A OE1 1 
ATOM   1015 O OE2 . GLU A 1 133 ? -4.423  -8.904  -15.634 1.00 14.45  ? 133 GLU A OE2 1 
ATOM   1016 N N   . LYS A 1 134 ? -5.099  -9.218  -11.339 1.00 13.81  ? 134 LYS A N   1 
ATOM   1017 C CA  . LYS A 1 134 ? -4.434  -10.268 -10.566 1.00 15.93  ? 134 LYS A CA  1 
ATOM   1018 C C   . LYS A 1 134 ? -4.392  -9.995  -9.069  1.00 15.07  ? 134 LYS A C   1 
ATOM   1019 O O   . LYS A 1 134 ? -4.023  -10.867 -8.306  1.00 12.78  ? 134 LYS A O   1 
ATOM   1020 C CB  . LYS A 1 134 ? -3.013  -10.515 -11.104 1.00 21.09  ? 134 LYS A CB  1 
ATOM   1021 C CG  . LYS A 1 134 ? -2.995  -11.270 -12.433 1.00 28.62  ? 134 LYS A CG  1 
ATOM   1022 C CD  . LYS A 1 134 ? -3.171  -12.779 -12.234 1.00 37.50  ? 134 LYS A CD  1 
ATOM   1023 C CE  . LYS A 1 134 ? -4.196  -13.391 -13.189 1.00 48.53  ? 134 LYS A CE  1 
ATOM   1024 N NZ  . LYS A 1 134 ? -3.894  -13.139 -14.624 1.00 33.00  ? 134 LYS A NZ  1 
ATOM   1025 N N   . ILE A 1 135 ? -4.790  -8.796  -8.646  1.00 14.31  ? 135 ILE A N   1 
ATOM   1026 C CA  . ILE A 1 135 ? -4.681  -8.412  -7.258  1.00 12.04  ? 135 ILE A CA  1 
ATOM   1027 C C   . ILE A 1 135 ? -5.938  -8.825  -6.509  1.00 11.86  ? 135 ILE A C   1 
ATOM   1028 O O   . ILE A 1 135 ? -7.047  -8.426  -6.863  1.00 13.43  ? 135 ILE A O   1 
ATOM   1029 C CB  . ILE A 1 135 ? -4.469  -6.894  -7.118  1.00 12.76  ? 135 ILE A CB  1 
ATOM   1030 C CG1 . ILE A 1 135 ? -3.131  -6.499  -7.758  1.00 12.74  ? 135 ILE A CG1 1 
ATOM   1031 C CG2 . ILE A 1 135 ? -4.478  -6.483  -5.645  1.00 11.97  ? 135 ILE A CG2 1 
ATOM   1032 C CD1 . ILE A 1 135 ? -3.043  -5.022  -8.082  1.00 16.03  ? 135 ILE A CD1 1 
ATOM   1033 N N   . ASP A 1 136 ? -5.754  -9.611  -5.464  1.00 11.53  ? 136 ASP A N   1 
ATOM   1034 C CA  . ASP A 1 136 ? -6.875  -9.977  -4.606  1.00 14.62  ? 136 ASP A CA  1 
ATOM   1035 C C   . ASP A 1 136 ? -6.558  -9.923  -3.122  1.00 12.74  ? 136 ASP A C   1 
ATOM   1036 O O   . ASP A 1 136 ? -7.400  -10.319 -2.316  1.00 13.45  ? 136 ASP A O   1 
ATOM   1037 C CB  . ASP A 1 136 ? -7.352  -11.391 -4.985  1.00 15.58  ? 136 ASP A CB  1 
ATOM   1038 C CG  . ASP A 1 136 ? -6.314  -12.474 -4.697  1.00 17.83  ? 136 ASP A CG  1 
ATOM   1039 O OD1 . ASP A 1 136 ? -5.182  -12.157 -4.244  1.00 16.03  ? 136 ASP A OD1 1 
ATOM   1040 O OD2 . ASP A 1 136 ? -6.635  -13.664 -4.939  1.00 17.45  ? 136 ASP A OD2 1 
ATOM   1041 N N   . THR A 1 137 ? -5.373  -9.433  -2.749  1.00 10.23  ? 137 THR A N   1 
ATOM   1042 C CA  . THR A 1 137 ? -4.895  -9.534  -1.378  1.00 8.25   ? 137 THR A CA  1 
ATOM   1043 C C   . THR A 1 137 ? -4.188  -8.245  -0.931  1.00 8.50   ? 137 THR A C   1 
ATOM   1044 O O   . THR A 1 137 ? -3.345  -7.722  -1.656  1.00 9.85   ? 137 THR A O   1 
ATOM   1045 C CB  . THR A 1 137 ? -3.980  -10.763 -1.233  1.00 8.86   ? 137 THR A CB  1 
ATOM   1046 O OG1 . THR A 1 137 ? -4.731  -11.944 -1.549  1.00 8.99   ? 137 THR A OG1 1 
ATOM   1047 C CG2 . THR A 1 137 ? -3.450  -10.896 0.175   1.00 9.91   ? 137 THR A CG2 1 
ATOM   1048 N N   . LEU A 1 138 ? -4.570  -7.740  0.242   1.00 7.86   ? 138 LEU A N   1 
ATOM   1049 C CA  . LEU A 1 138 ? -3.958  -6.567  0.860   1.00 10.66  ? 138 LEU A CA  1 
ATOM   1050 C C   . LEU A 1 138 ? -3.070  -7.003  2.012   1.00 8.86   ? 138 LEU A C   1 
ATOM   1051 O O   . LEU A 1 138 ? -3.537  -7.648  2.953   1.00 9.89   ? 138 LEU A O   1 
ATOM   1052 C CB  . LEU A 1 138 ? -5.033  -5.607  1.382   1.00 11.48  ? 138 LEU A CB  1 
ATOM   1053 C CG  . LEU A 1 138 ? -4.567  -4.354  2.125   1.00 11.04  ? 138 LEU A CG  1 
ATOM   1054 C CD1 . LEU A 1 138 ? -3.676  -3.473  1.255   1.00 12.36  ? 138 LEU A CD1 1 
ATOM   1055 C CD2 . LEU A 1 138 ? -5.770  -3.581  2.617   1.00 12.33  ? 138 LEU A CD2 1 
ATOM   1056 N N   . GLY A 1 139 ? -1.789  -6.677  1.926   1.00 6.97   ? 139 GLY A N   1 
ATOM   1057 C CA  . GLY A 1 139 ? -0.870  -6.928  3.017   1.00 7.70   ? 139 GLY A CA  1 
ATOM   1058 C C   . GLY A 1 139 ? -0.449  -5.606  3.614   1.00 7.31   ? 139 GLY A C   1 
ATOM   1059 O O   . GLY A 1 139 ? -0.166  -4.661  2.877   1.00 7.62   ? 139 GLY A O   1 
ATOM   1060 N N   . ILE A 1 140 ? -0.414  -5.526  4.941   1.00 9.14   ? 140 ILE A N   1 
ATOM   1061 C CA  . ILE A 1 140 ? 0.125   -4.339  5.630   1.00 7.99   ? 140 ILE A CA  1 
ATOM   1062 C C   . ILE A 1 140 ? 1.104   -4.816  6.676   1.00 7.12   ? 140 ILE A C   1 
ATOM   1063 O O   . ILE A 1 140 ? 0.735   -5.548  7.602   1.00 7.90   ? 140 ILE A O   1 
ATOM   1064 C CB  . ILE A 1 140 ? -0.949  -3.459  6.292   1.00 8.79   ? 140 ILE A CB  1 
ATOM   1065 C CG1 . ILE A 1 140 ? -1.950  -2.977  5.243   1.00 8.16   ? 140 ILE A CG1 1 
ATOM   1066 C CG2 . ILE A 1 140 ? -0.290  -2.254  6.989   1.00 8.90   ? 140 ILE A CG2 1 
ATOM   1067 C CD1 . ILE A 1 140 ? -3.121  -2.231  5.818   1.00 8.68   ? 140 ILE A CD1 1 
ATOM   1068 N N   . TYR A 1 141 ? 2.358   -4.410  6.511   1.00 8.73   ? 141 TYR A N   1 
ATOM   1069 C CA  . TYR A 1 141 ? 3.457   -4.919  7.326   1.00 8.70   ? 141 TYR A CA  1 
ATOM   1070 C C   . TYR A 1 141 ? 4.361   -3.840  7.847   1.00 8.64   ? 141 TYR A C   1 
ATOM   1071 O O   . TYR A 1 141 ? 4.440   -2.729  7.281   1.00 7.07   ? 141 TYR A O   1 
ATOM   1072 C CB  . TYR A 1 141 ? 4.324   -5.868  6.514   1.00 9.07   ? 141 TYR A CB  1 
ATOM   1073 C CG  . TYR A 1 141 ? 3.563   -6.860  5.679   1.00 11.71  ? 141 TYR A CG  1 
ATOM   1074 C CD1 . TYR A 1 141 ? 2.903   -7.922  6.271   1.00 10.85  ? 141 TYR A CD1 1 
ATOM   1075 C CD2 . TYR A 1 141 ? 3.522   -6.748  4.287   1.00 10.29  ? 141 TYR A CD2 1 
ATOM   1076 C CE1 . TYR A 1 141 ? 2.222   -8.857  5.518   1.00 12.00  ? 141 TYR A CE1 1 
ATOM   1077 C CE2 . TYR A 1 141 ? 2.838   -7.682  3.520   1.00 14.08  ? 141 TYR A CE2 1 
ATOM   1078 C CZ  . TYR A 1 141 ? 2.192   -8.735  4.146   1.00 13.26  ? 141 TYR A CZ  1 
ATOM   1079 O OH  . TYR A 1 141 ? 1.504   -9.651  3.411   1.00 10.14  ? 141 TYR A OH  1 
ATOM   1080 N N   . GLY A 1 142 ? 5.079   -4.202  8.915   1.00 7.99   ? 142 GLY A N   1 
ATOM   1081 C CA  . GLY A 1 142 ? 6.094   -3.365  9.517   1.00 9.17   ? 142 GLY A CA  1 
ATOM   1082 C C   . GLY A 1 142 ? 5.571   -2.545  10.677  1.00 11.60  ? 142 GLY A C   1 
ATOM   1083 O O   . GLY A 1 142 ? 4.544   -2.868  11.286  1.00 13.23  ? 142 GLY A O   1 
ATOM   1084 N N   . LYS A 1 143 ? 6.291   -1.467  10.979  1.00 10.98  ? 143 LYS A N   1 
ATOM   1085 C CA  . LYS A 1 143 ? 6.014   -0.646  12.143  1.00 12.35  ? 143 LYS A CA  1 
ATOM   1086 C C   . LYS A 1 143 ? 4.991   0.429   11.815  1.00 13.10  ? 143 LYS A C   1 
ATOM   1087 O O   . LYS A 1 143 ? 5.318   1.564   11.434  1.00 10.75  ? 143 LYS A O   1 
ATOM   1088 C CB  . LYS A 1 143 ? 7.317   -0.069  12.720  1.00 16.21  ? 143 LYS A CB  1 
ATOM   1089 C CG  . LYS A 1 143 ? 8.195   -1.168  13.303  1.00 20.15  ? 143 LYS A CG  1 
ATOM   1090 C CD  . LYS A 1 143 ? 9.047   -0.744  14.482  1.00 28.98  ? 143 LYS A CD  1 
ATOM   1091 C CE  . LYS A 1 143 ? 9.630   -1.972  15.173  1.00 32.31  ? 143 LYS A CE  1 
ATOM   1092 N NZ  . LYS A 1 143 ? 10.785  -1.635  16.045  1.00 34.03  ? 143 LYS A NZ  1 
ATOM   1093 N N   . VAL A 1 144 ? 3.734   0.032   11.959  1.00 13.89  ? 144 VAL A N   1 
ATOM   1094 C CA  . VAL A 1 144 ? 2.603   0.881   11.682  1.00 12.07  ? 144 VAL A CA  1 
ATOM   1095 C C   . VAL A 1 144 ? 1.418   0.373   12.488  1.00 11.12  ? 144 VAL A C   1 
ATOM   1096 O O   . VAL A 1 144 ? 1.310   -0.837  12.730  1.00 12.80  ? 144 VAL A O   1 
ATOM   1097 C CB  . VAL A 1 144 ? 2.302   0.906   10.162  1.00 10.87  ? 144 VAL A CB  1 
ATOM   1098 C CG1 . VAL A 1 144 ? 1.754   -0.431  9.647   1.00 12.07  ? 144 VAL A CG1 1 
ATOM   1099 C CG2 . VAL A 1 144 ? 1.376   2.067   9.815   1.00 10.92  ? 144 VAL A CG2 1 
ATOM   1100 N N   . ASN A 1 145 ? 0.547   1.298   12.891  1.00 9.89   ? 145 ASN A N   1 
ATOM   1101 C CA  . ASN A 1 145 ? -0.718  0.977   13.557  1.00 13.34  ? 145 ASN A CA  1 
ATOM   1102 C C   . ASN A 1 145 ? -1.815  1.376   12.593  1.00 11.83  ? 145 ASN A C   1 
ATOM   1103 O O   . ASN A 1 145 ? -1.852  2.522   12.160  1.00 11.45  ? 145 ASN A O   1 
ATOM   1104 C CB  . ASN A 1 145 ? -0.882  1.785   14.848  1.00 16.16  ? 145 ASN A CB  1 
ATOM   1105 C CG  . ASN A 1 145 ? 0.235   1.538   15.843  1.00 25.87  ? 145 ASN A CG  1 
ATOM   1106 O OD1 . ASN A 1 145 ? 1.170   2.331   15.948  1.00 46.99  ? 145 ASN A OD1 1 
ATOM   1107 N ND2 . ASN A 1 145 ? 0.143   0.436   16.584  1.00 33.71  ? 145 ASN A ND2 1 
ATOM   1108 N N   . ILE A 1 146 ? -2.716  0.455   12.268  1.00 9.45   ? 146 ILE A N   1 
ATOM   1109 C CA  . ILE A 1 146 ? -3.786  0.760   11.340  1.00 8.80   ? 146 ILE A CA  1 
ATOM   1110 C C   . ILE A 1 146 ? -5.099  0.868   12.093  1.00 9.49   ? 146 ILE A C   1 
ATOM   1111 O O   . ILE A 1 146 ? -5.458  -0.031  12.839  1.00 8.09   ? 146 ILE A O   1 
ATOM   1112 C CB  . ILE A 1 146 ? -3.900  -0.312  10.261  1.00 9.25   ? 146 ILE A CB  1 
ATOM   1113 C CG1 . ILE A 1 146 ? -2.588  -0.413  9.474   1.00 8.25   ? 146 ILE A CG1 1 
ATOM   1114 C CG2 . ILE A 1 146 ? -5.095  -0.032  9.354   1.00 11.88  ? 146 ILE A CG2 1 
ATOM   1115 C CD1 . ILE A 1 146 ? -2.135  0.864   8.794   1.00 9.24   ? 146 ILE A CD1 1 
ATOM   1116 N N   . HIS A 1 147 ? -5.802  1.981   11.887  1.00 10.15  ? 147 HIS A N   1 
ATOM   1117 C CA  . HIS A 1 147 ? -7.078  2.221   12.552  1.00 10.82  ? 147 HIS A CA  1 
ATOM   1118 C C   . HIS A 1 147 ? -8.217  1.643   11.717  1.00 8.85   ? 147 HIS A C   1 
ATOM   1119 O O   . HIS A 1 147 ? -9.132  1.010   12.256  1.00 7.98   ? 147 HIS A O   1 
ATOM   1120 C CB  . HIS A 1 147 ? -7.324  3.709   12.796  1.00 9.28   ? 147 HIS A CB  1 
ATOM   1121 C CG  . HIS A 1 147 ? -6.201  4.412   13.495  1.00 9.67   ? 147 HIS A CG  1 
ATOM   1122 N ND1 . HIS A 1 147 ? -5.956  5.759   13.334  1.00 8.76   ? 147 HIS A ND1 1 
ATOM   1123 C CD2 . HIS A 1 147 ? -5.256  3.957   14.355  1.00 10.63  ? 147 HIS A CD2 1 
ATOM   1124 C CE1 . HIS A 1 147 ? -4.929  6.108   14.090  1.00 9.63   ? 147 HIS A CE1 1 
ATOM   1125 N NE2 . HIS A 1 147 ? -4.479  5.030   14.710  1.00 10.94  ? 147 HIS A NE2 1 
ATOM   1126 N N   . SER A 1 148 ? -8.171  1.886   10.415  1.00 6.84   ? 148 SER A N   1 
ATOM   1127 C CA  . SER A 1 148 ? -9.190  1.389   9.526   1.00 7.04   ? 148 SER A CA  1 
ATOM   1128 C C   . SER A 1 148 ? -8.711  1.153   8.091   1.00 6.68   ? 148 SER A C   1 
ATOM   1129 O O   . SER A 1 148 ? -7.743  1.774   7.611   1.00 6.38   ? 148 SER A O   1 
ATOM   1130 C CB  . SER A 1 148 ? -10.408 2.337   9.557   1.00 6.83   ? 148 SER A CB  1 
ATOM   1131 O OG  . SER A 1 148 ? -10.096 3.602   8.985   1.00 8.37   ? 148 SER A OG  1 
ATOM   1132 N N   . ILE A 1 149 ? -9.396  0.220   7.431   1.00 7.17   ? 149 ILE A N   1 
ATOM   1133 C CA  . ILE A 1 149 ? -9.236  -0.077  6.010   1.00 7.55   ? 149 ILE A CA  1 
ATOM   1134 C C   . ILE A 1 149 ? -10.637 -0.104  5.407   1.00 7.28   ? 149 ILE A C   1 
ATOM   1135 O O   . ILE A 1 149 ? -11.522 -0.733  5.965   1.00 6.91   ? 149 ILE A O   1 
ATOM   1136 C CB  . ILE A 1 149 ? -8.561  -1.454  5.779   1.00 9.09   ? 149 ILE A CB  1 
ATOM   1137 C CG1 . ILE A 1 149 ? -7.216  -1.530  6.510   1.00 7.66   ? 149 ILE A CG1 1 
ATOM   1138 C CG2 . ILE A 1 149 ? -8.325  -1.726  4.291   1.00 9.98   ? 149 ILE A CG2 1 
ATOM   1139 C CD1 . ILE A 1 149 ? -6.628  -2.933  6.619   1.00 9.23   ? 149 ILE A CD1 1 
ATOM   1140 N N   . GLY A 1 150 ? -10.825 0.579   4.282   1.00 7.95   ? 150 GLY A N   1 
ATOM   1141 C CA  . GLY A 1 150 ? -12.096 0.589   3.555   1.00 8.32   ? 150 GLY A CA  1 
ATOM   1142 C C   . GLY A 1 150 ? -11.843 0.739   2.067   1.00 11.25  ? 150 GLY A C   1 
ATOM   1143 O O   . GLY A 1 150 ? -10.758 1.209   1.648   1.00 8.87   ? 150 GLY A O   1 
ATOM   1144 N N   . PHE A 1 151 ? -12.848 0.360   1.279   1.00 8.54   ? 151 PHE A N   1 
ATOM   1145 C CA  . PHE A 1 151 ? -12.761 0.338   -0.183  1.00 9.44   ? 151 PHE A CA  1 
ATOM   1146 C C   . PHE A 1 151 ? -13.902 1.121   -0.798  1.00 11.15  ? 151 PHE A C   1 
ATOM   1147 O O   . PHE A 1 151 ? -14.952 1.292   -0.190  1.00 11.76  ? 151 PHE A O   1 
ATOM   1148 C CB  . PHE A 1 151 ? -12.799 -1.092  -0.721  1.00 8.68   ? 151 PHE A CB  1 
ATOM   1149 C CG  . PHE A 1 151 ? -11.765 -1.974  -0.128  1.00 7.40   ? 151 PHE A CG  1 
ATOM   1150 C CD1 . PHE A 1 151 ? -11.951 -2.532  1.118   1.00 9.56   ? 151 PHE A CD1 1 
ATOM   1151 C CD2 . PHE A 1 151 ? -10.567 -2.195  -0.783  1.00 10.47  ? 151 PHE A CD2 1 
ATOM   1152 C CE1 . PHE A 1 151 ? -10.978 -3.337  1.679   1.00 9.13   ? 151 PHE A CE1 1 
ATOM   1153 C CE2 . PHE A 1 151 ? -9.581  -2.977  -0.217  1.00 9.22   ? 151 PHE A CE2 1 
ATOM   1154 C CZ  . PHE A 1 151 ? -9.790  -3.560  1.005   1.00 8.35   ? 151 PHE A CZ  1 
ATOM   1155 N N   . SER A 1 152 ? -13.671 1.629   -1.999  1.00 11.19  ? 152 SER A N   1 
ATOM   1156 C CA  . SER A 1 152 ? -14.744 2.167   -2.806  1.00 14.96  ? 152 SER A CA  1 
ATOM   1157 C C   . SER A 1 152 ? -14.560 1.554   -4.170  1.00 15.35  ? 152 SER A C   1 
ATOM   1158 O O   . SER A 1 152 ? -13.634 1.915   -4.878  1.00 15.04  ? 152 SER A O   1 
ATOM   1159 C CB  . SER A 1 152 ? -14.701 3.696   -2.845  1.00 17.50  ? 152 SER A CB  1 
ATOM   1160 O OG  . SER A 1 152 ? -15.776 4.190   -3.607  1.00 16.15  ? 152 SER A OG  1 
ATOM   1161 N N   . PHE A 1 153 ? -15.418 0.591   -4.496  1.00 14.65  ? 153 PHE A N   1 
ATOM   1162 C CA  . PHE A 1 153 ? -15.321 -0.142  -5.749  1.00 15.73  ? 153 PHE A CA  1 
ATOM   1163 C C   . PHE A 1 153 ? -16.145 0.558   -6.835  1.00 21.22  ? 153 PHE A C   1 
ATOM   1164 O O   . PHE A 1 153 ? -17.161 1.184   -6.535  1.00 20.34  ? 153 PHE A O   1 
ATOM   1165 C CB  . PHE A 1 153 ? -15.772 -1.588  -5.547  1.00 12.63  ? 153 PHE A CB  1 
ATOM   1166 C CG  . PHE A 1 153 ? -14.903 -2.354  -4.602  1.00 12.35  ? 153 PHE A CG  1 
ATOM   1167 C CD1 . PHE A 1 153 ? -13.615 -2.686  -4.963  1.00 11.45  ? 153 PHE A CD1 1 
ATOM   1168 C CD2 . PHE A 1 153 ? -15.377 -2.762  -3.353  1.00 12.76  ? 153 PHE A CD2 1 
ATOM   1169 C CE1 . PHE A 1 153 ? -12.803 -3.405  -4.100  1.00 13.71  ? 153 PHE A CE1 1 
ATOM   1170 C CE2 . PHE A 1 153 ? -14.567 -3.467  -2.489  1.00 12.65  ? 153 PHE A CE2 1 
ATOM   1171 C CZ  . PHE A 1 153 ? -13.272 -3.788  -2.862  1.00 12.51  ? 153 PHE A CZ  1 
ATOM   1172 N N   . SER A 1 154 ? -15.675 0.469   -8.077  1.00 26.61  ? 154 SER A N   1 
ATOM   1173 C CA  . SER A 1 154 ? -16.309 1.111   -9.237  1.00 45.13  ? 154 SER A CA  1 
ATOM   1174 C C   . SER A 1 154 ? -16.768 0.056   -10.260 1.00 56.63  ? 154 SER A C   1 
ATOM   1175 O O   . SER A 1 154 ? -17.296 -1.000  -9.892  1.00 51.37  ? 154 SER A O   1 
ATOM   1176 C CB  . SER A 1 154 ? -15.319 2.087   -9.889  1.00 46.79  ? 154 SER A CB  1 
ATOM   1177 O OG  . SER A 1 154 ? -14.261 1.372   -10.506 1.00 41.78  ? 154 SER A OG  1 
HETATM 1178 C C2  . BGC B 2 .   ? 18.036  -1.085  -1.921  1.00 19.85  ? 1   BGC B C2  1 
HETATM 1179 C C3  . BGC B 2 .   ? 16.959  -1.497  -0.906  1.00 19.04  ? 1   BGC B C3  1 
HETATM 1180 C C4  . BGC B 2 .   ? 16.522  -2.948  -1.091  1.00 17.94  ? 1   BGC B C4  1 
HETATM 1181 C C5  . BGC B 2 .   ? 17.750  -3.879  -1.191  1.00 26.65  ? 1   BGC B C5  1 
HETATM 1182 C C6  . BGC B 2 .   ? 17.439  -5.362  -1.422  1.00 27.83  ? 1   BGC B C6  1 
HETATM 1183 C C1  . BGC B 2 .   ? 19.137  -2.141  -2.004  1.00 26.43  ? 1   BGC B C1  1 
HETATM 1184 O O1  . BGC B 2 .   ? 20.019  -1.814  -3.080  1.00 46.18  ? 1   BGC B O1  1 
HETATM 1185 O O2  . BGC B 2 .   ? 18.621  0.158   -1.510  1.00 22.70  ? 1   BGC B O2  1 
HETATM 1186 O O3  . BGC B 2 .   ? 15.841  -0.603  -1.014  1.00 14.31  ? 1   BGC B O3  1 
HETATM 1187 O O4  . BGC B 2 .   ? 15.679  -3.311  0.011   1.00 16.58  ? 1   BGC B O4  1 
HETATM 1188 O O5  . BGC B 2 .   ? 18.564  -3.417  -2.277  1.00 23.64  ? 1   BGC B O5  1 
HETATM 1189 O O6  . BGC B 2 .   ? 16.628  -5.550  -2.601  1.00 32.52  ? 1   BGC B O6  1 
HETATM 1190 C C1  . GAL B 2 .   ? 14.486  -4.019  -0.344  1.00 14.25  ? 2   GAL B C1  1 
HETATM 1191 C C2  . GAL B 2 .   ? 13.771  -4.430  0.944   1.00 16.20  ? 2   GAL B C2  1 
HETATM 1192 C C3  . GAL B 2 .   ? 12.402  -5.023  0.618   1.00 16.88  ? 2   GAL B C3  1 
HETATM 1193 C C4  . GAL B 2 .   ? 11.583  -4.079  -0.270  1.00 14.98  ? 2   GAL B C4  1 
HETATM 1194 C C5  . GAL B 2 .   ? 12.412  -3.750  -1.518  1.00 14.92  ? 2   GAL B C5  1 
HETATM 1195 C C6  . GAL B 2 .   ? 11.708  -2.818  -2.493  1.00 14.52  ? 2   GAL B C6  1 
HETATM 1196 O O2  . GAL B 2 .   ? 14.500  -5.426  1.684   1.00 23.37  ? 2   GAL B O2  1 
HETATM 1197 O O3  . GAL B 2 .   ? 11.717  -5.357  1.834   1.00 16.12  ? 2   GAL B O3  1 
HETATM 1198 O O4  . GAL B 2 .   ? 11.261  -2.886  0.445   1.00 12.63  ? 2   GAL B O4  1 
HETATM 1199 O O5  . GAL B 2 .   ? 13.647  -3.144  -1.120  1.00 16.63  ? 2   GAL B O5  1 
HETATM 1200 O O6  . GAL B 2 .   ? 12.612  -2.517  -3.570  1.00 13.48  ? 2   GAL B O6  1 
HETATM 1201 C C1  . NAG B 2 .   ? 10.976  -6.439  2.066   1.00 15.87  ? 3   NAG B C1  1 
HETATM 1202 C C2  . NAG B 2 .   ? 11.095  -7.003  3.472   1.00 16.66  ? 3   NAG B C2  1 
HETATM 1203 C C3  . NAG B 2 .   ? 10.257  -8.261  3.611   1.00 17.37  ? 3   NAG B C3  1 
HETATM 1204 C C4  . NAG B 2 .   ? 8.855   -8.091  3.022   1.00 13.78  ? 3   NAG B C4  1 
HETATM 1205 C C5  . NAG B 2 .   ? 8.899   -7.475  1.630   1.00 14.04  ? 3   NAG B C5  1 
HETATM 1206 C C6  . NAG B 2 .   ? 7.536   -7.288  0.992   1.00 11.39  ? 3   NAG B C6  1 
HETATM 1207 C C7  . NAG B 2 .   ? 13.172  -6.545  4.707   1.00 20.72  ? 3   NAG B C7  1 
HETATM 1208 C C8  . NAG B 2 .   ? 14.614  -6.915  4.949   1.00 18.71  ? 3   NAG B C8  1 
HETATM 1209 N N2  . NAG B 2 .   ? 12.494  -7.264  3.800   1.00 17.37  ? 3   NAG B N2  1 
HETATM 1210 O O3  . NAG B 2 .   ? 10.135  -8.546  5.002   1.00 18.91  ? 3   NAG B O3  1 
HETATM 1211 O O4  . NAG B 2 .   ? 8.271   -9.391  2.883   1.00 16.05  ? 3   NAG B O4  1 
HETATM 1212 O O5  . NAG B 2 .   ? 9.589   -6.237  1.723   1.00 14.07  ? 3   NAG B O5  1 
HETATM 1213 O O6  . NAG B 2 .   ? 6.718   -6.393  1.735   1.00 8.78   ? 3   NAG B O6  1 
HETATM 1214 O O7  . NAG B 2 .   ? 12.656  -5.637  5.323   1.00 16.37  ? 3   NAG B O7  1 
HETATM 1215 C C1  . GAL B 2 .   ? 6.993   -9.469  3.500   1.00 15.03  ? 4   GAL B C1  1 
HETATM 1216 C C2  . GAL B 2 .   ? 6.430   -10.807 3.055   1.00 15.15  ? 4   GAL B C2  1 
HETATM 1217 C C3  . GAL B 2 .   ? 5.159   -11.123 3.813   1.00 16.45  ? 4   GAL B C3  1 
HETATM 1218 C C4  . GAL B 2 .   ? 5.390   -10.979 5.312   1.00 18.71  ? 4   GAL B C4  1 
HETATM 1219 C C5  . GAL B 2 .   ? 5.920   -9.588  5.615   1.00 18.55  ? 4   GAL B C5  1 
HETATM 1220 C C6  . GAL B 2 .   ? 6.153   -9.400  7.114   1.00 22.52  ? 4   GAL B C6  1 
HETATM 1221 O O2  . GAL B 2 .   ? 6.191   -10.828 1.646   1.00 18.39  ? 4   GAL B O2  1 
HETATM 1222 O O3  . GAL B 2 .   ? 4.740   -12.454 3.514   1.00 15.57  ? 4   GAL B O3  1 
HETATM 1223 O O4  . GAL B 2 .   ? 6.339   -11.959 5.767   1.00 17.55  ? 4   GAL B O4  1 
HETATM 1224 O O5  . GAL B 2 .   ? 7.140   -9.377  4.917   1.00 11.76  ? 4   GAL B O5  1 
HETATM 1225 O O6  . GAL B 2 .   ? 6.710   -8.098  7.327   1.00 29.04  ? 4   GAL B O6  1 
HETATM 1226 O O   . HOH C 3 .   ? -4.257  10.151  15.741  1.00 24.91  ? 501 HOH A O   1 
HETATM 1227 O O   . HOH C 3 .   ? 4.874   -15.028 -11.267 1.00 19.08  ? 502 HOH A O   1 
HETATM 1228 O O   . HOH C 3 .   ? -16.552 3.896   9.531   1.00 19.35  ? 503 HOH A O   1 
HETATM 1229 O O   . HOH C 3 .   ? 1.336   -12.327 -10.590 1.00 23.65  ? 504 HOH A O   1 
HETATM 1230 O O   . HOH C 3 .   ? 16.409  -7.912  -3.585  1.00 32.47  ? 505 HOH A O   1 
HETATM 1231 O O   . HOH C 3 .   ? 8.966   -6.773  6.490   1.00 33.50  ? 506 HOH A O   1 
HETATM 1232 O O   . HOH C 3 .   ? -6.364  -13.249 -0.013  1.00 22.59  ? 507 HOH A O   1 
HETATM 1233 O O   . HOH C 3 .   ? 7.922   -10.801 -0.300  1.00 18.79  ? 508 HOH A O   1 
HETATM 1234 O O   . HOH C 3 .   ? -7.671  7.251   12.056  1.00 23.25  ? 509 HOH A O   1 
HETATM 1235 O O   . HOH C 3 .   ? -17.738 -5.572  -1.802  1.00 14.56  ? 510 HOH A O   1 
HETATM 1236 O O   . HOH C 3 .   ? 8.306   8.502   4.854   1.00 12.74  ? 511 HOH A O   1 
HETATM 1237 O O   . HOH C 3 .   ? -5.619  0.582   15.741  1.00 20.61  ? 512 HOH A O   1 
HETATM 1238 O O   . HOH C 3 .   ? 13.285  13.038  1.734   1.00 20.34  ? 513 HOH A O   1 
HETATM 1239 O O   . HOH C 3 .   ? 9.350   10.462  6.704   1.00 19.65  ? 514 HOH A O   1 
HETATM 1240 O O   . HOH C 3 .   ? 6.212   6.481   21.384  1.00 17.56  ? 515 HOH A O   1 
HETATM 1241 O O   . HOH C 3 .   ? 16.882  2.081   -2.080  1.00 19.87  ? 516 HOH A O   1 
HETATM 1242 O O   . HOH C 3 .   ? 4.136   -13.307 1.071   1.00 22.09  ? 517 HOH A O   1 
HETATM 1243 O O   . HOH C 3 .   ? -13.921 6.502   -7.809  1.00 17.50  ? 518 HOH A O   1 
HETATM 1244 O O   . HOH C 3 .   ? -15.893 -4.389  10.133  1.00 21.22  ? 519 HOH A O   1 
HETATM 1245 O O   . HOH C 3 .   ? 4.837   -1.525  -16.853 1.00 12.29  ? 520 HOH A O   1 
HETATM 1246 O O   . HOH C 3 .   ? -12.504 -10.270 2.040   1.00 28.97  ? 521 HOH A O   1 
HETATM 1247 O O   . HOH C 3 .   ? 5.862   1.094   -12.620 1.00 6.41   ? 522 HOH A O   1 
HETATM 1248 O O   . HOH C 3 .   ? -18.336 -4.460  -4.295  1.00 19.60  ? 523 HOH A O   1 
HETATM 1249 O O   . HOH C 3 .   ? 11.434  10.295  8.806   1.00 21.82  ? 524 HOH A O   1 
HETATM 1250 O O   . HOH C 3 .   ? -4.485  12.649  7.918   1.00 26.31  ? 525 HOH A O   1 
HETATM 1251 O O   . HOH C 3 .   ? 2.998   -7.984  -16.631 1.00 10.55  ? 526 HOH A O   1 
HETATM 1252 O O   . HOH C 3 .   ? -6.014  8.857   -4.460  1.00 8.77   ? 527 HOH A O   1 
HETATM 1253 O O   . HOH C 3 .   ? 4.953   -11.424 -1.123  1.00 18.93  ? 528 HOH A O   1 
HETATM 1254 O O   . HOH C 3 .   ? 1.353   -2.405  14.936  1.00 25.99  ? 529 HOH A O   1 
HETATM 1255 O O   . HOH C 3 .   ? 2.621   14.063  -0.833  1.00 22.36  ? 530 HOH A O   1 
HETATM 1256 O O   . HOH C 3 .   ? 5.598   4.635   -12.497 1.00 13.92  ? 531 HOH A O   1 
HETATM 1257 O O   . HOH C 3 .   ? -0.485  -10.843 12.528  1.00 21.40  ? 532 HOH A O   1 
HETATM 1258 O O   . HOH C 3 .   ? 7.252   13.967  6.384   1.00 21.40  ? 533 HOH A O   1 
HETATM 1259 O O   . HOH C 3 .   ? 7.763   6.238   -5.599  1.00 16.57  ? 534 HOH A O   1 
HETATM 1260 O O   . HOH C 3 .   ? -2.962  -1.821  13.757  1.00 10.19  ? 535 HOH A O   1 
HETATM 1261 O O   . HOH C 3 .   ? -8.381  -6.740  -8.983  1.00 9.51   ? 536 HOH A O   1 
HETATM 1262 O O   . HOH C 3 .   ? -2.570  4.557   16.613  1.00 31.02  ? 537 HOH A O   1 
HETATM 1263 O O   . HOH C 3 .   ? -0.062  -16.100 -3.933  1.00 14.75  ? 538 HOH A O   1 
HETATM 1264 O O   . HOH C 3 .   ? -10.219 -6.176  12.565  1.00 15.70  ? 539 HOH A O   1 
HETATM 1265 O O   . HOH C 3 .   ? 6.604   5.879   -8.261  1.00 18.62  ? 540 HOH A O   1 
HETATM 1266 O O   . HOH C 3 .   ? 13.114  12.376  8.394   1.00 25.88  ? 541 HOH A O   1 
HETATM 1267 O O   . HOH C 3 .   ? -5.302  -13.277 -8.693  1.00 23.73  ? 542 HOH A O   1 
HETATM 1268 O O   . HOH C 3 .   ? 6.981   -13.044 -6.081  1.00 15.86  ? 543 HOH A O   1 
HETATM 1269 O O   . HOH C 3 .   ? -2.854  17.317  -4.390  1.00 23.65  ? 544 HOH A O   1 
HETATM 1270 O O   . HOH C 3 .   ? -0.955  -3.289  -10.871 1.00 14.46  ? 545 HOH A O   1 
HETATM 1271 O O   . HOH C 3 .   ? 4.108   -9.263  0.457   1.00 6.86   ? 546 HOH A O   1 
HETATM 1272 O O   . HOH C 3 .   ? 17.196  1.478   -5.797  1.00 28.63  ? 547 HOH A O   1 
HETATM 1273 O O   . HOH C 3 .   ? 8.884   -3.187  7.364   1.00 17.65  ? 548 HOH A O   1 
HETATM 1274 O O   . HOH C 3 .   ? 14.626  -1.265  4.367   1.00 24.20  ? 549 HOH A O   1 
HETATM 1275 O O   . HOH C 3 .   ? 6.179   -6.071  -15.781 1.00 9.34   ? 550 HOH A O   1 
HETATM 1276 O O   . HOH C 3 .   ? 1.813   -3.502  -10.934 1.00 11.62  ? 551 HOH A O   1 
HETATM 1277 O O   . HOH C 3 .   ? -5.519  11.421  1.150   1.00 11.68  ? 552 HOH A O   1 
HETATM 1278 O O   . HOH C 3 .   ? -18.784 -0.041  9.456   1.00 19.47  ? 553 HOH A O   1 
HETATM 1279 O O   . HOH C 3 .   ? 10.934  -11.842 -12.036 1.00 24.20  ? 554 HOH A O   1 
HETATM 1280 O O   . HOH C 3 .   ? -10.420 -15.463 0.790   1.00 27.27  ? 555 HOH A O   1 
HETATM 1281 O O   . HOH C 3 .   ? 2.500   -4.925  15.066  1.00 28.32  ? 556 HOH A O   1 
HETATM 1282 O O   . HOH C 3 .   ? -10.112 3.707   6.181   1.00 12.28  ? 557 HOH A O   1 
HETATM 1283 O O   . HOH C 3 .   ? 11.388  -3.305  -12.934 1.00 13.70  ? 558 HOH A O   1 
HETATM 1284 O O   . HOH C 3 .   ? -12.155 5.378   9.695   1.00 20.93  ? 559 HOH A O   1 
HETATM 1285 O O   . HOH C 3 .   ? -16.812 -6.743  -9.938  1.00 24.73  ? 560 HOH A O   1 
HETATM 1286 O O   . HOH C 3 .   ? -12.481 -5.975  3.528   1.00 10.42  ? 561 HOH A O   1 
HETATM 1287 O O   . HOH C 3 .   ? -4.117  -9.500  11.180  1.00 10.88  ? 562 HOH A O   1 
HETATM 1288 O O   . HOH C 3 .   ? 0.856   14.473  1.470   1.00 19.96  ? 563 HOH A O   1 
HETATM 1289 O O   . HOH C 3 .   ? -10.056 -7.359  3.606   1.00 9.72   ? 564 HOH A O   1 
HETATM 1290 O O   . HOH C 3 .   ? 2.914   12.890  -10.162 1.00 18.33  ? 565 HOH A O   1 
HETATM 1291 O O   . HOH C 3 .   ? 5.252   13.692  -3.317  1.00 24.34  ? 566 HOH A O   1 
HETATM 1292 O O   . HOH C 3 .   ? 14.854  -7.960  0.463   1.00 40.81  ? 567 HOH A O   1 
HETATM 1293 O O   . HOH C 3 .   ? -2.621  -15.536 -10.811 1.00 34.43  ? 568 HOH A O   1 
HETATM 1294 O O   . HOH C 3 .   ? -18.249 3.138   -2.681  1.00 29.30  ? 569 HOH A O   1 
HETATM 1295 O O   . HOH C 3 .   ? 14.882  -4.075  -4.317  1.00 27.18  ? 570 HOH A O   1 
HETATM 1296 O O   . HOH C 3 .   ? 1.612   -14.573 -6.854  1.00 10.32  ? 571 HOH A O   1 
HETATM 1297 O O   . HOH C 3 .   ? -9.575  -11.662 4.453   1.00 25.83  ? 572 HOH A O   1 
HETATM 1298 O O   . HOH C 3 .   ? -4.306  -10.755 8.916   1.00 11.53  ? 573 HOH A O   1 
HETATM 1299 O O   . HOH C 3 .   ? -6.114  9.099   10.070  1.00 23.72  ? 574 HOH A O   1 
HETATM 1300 O O   . HOH C 3 .   ? 1.504   -8.848  15.768  1.00 36.06  ? 575 HOH A O   1 
HETATM 1301 O O   . HOH C 3 .   ? -18.165 -2.210  5.916   1.00 12.81  ? 576 HOH A O   1 
HETATM 1302 O O   . HOH C 3 .   ? 0.820   15.646  5.528   1.00 17.96  ? 577 HOH A O   1 
HETATM 1303 O O   . HOH C 3 .   ? 13.017  10.394  14.876  1.00 32.10  ? 578 HOH A O   1 
HETATM 1304 O O   . HOH C 3 .   ? -1.166  12.920  14.362  1.00 20.22  ? 579 HOH A O   1 
HETATM 1305 O O   . HOH C 3 .   ? 5.240   -15.903 -6.686  1.00 21.08  ? 580 HOH A O   1 
HETATM 1306 O O   . HOH C 3 .   ? 7.189   -17.658 -8.103  1.00 19.93  ? 581 HOH A O   1 
HETATM 1307 O O   . HOH C 3 .   ? 10.755  -0.353  11.130  1.00 14.67  ? 582 HOH A O   1 
HETATM 1308 O O   . HOH C 3 .   ? -11.871 9.444   8.632   1.00 33.71  ? 583 HOH A O   1 
HETATM 1309 O O   . HOH C 3 .   ? 10.662  10.980  -7.667  1.00 16.38  ? 584 HOH A O   1 
HETATM 1310 O O   . HOH C 3 .   ? 9.228   -11.358 5.312   1.00 24.05  ? 585 HOH A O   1 
HETATM 1311 O O   . HOH C 3 .   ? 4.309   -5.161  13.057  1.00 39.55  ? 586 HOH A O   1 
HETATM 1312 O O   . HOH C 3 .   ? 1.132   11.755  8.238   1.00 16.04  ? 587 HOH A O   1 
HETATM 1313 O O   . HOH C 3 .   ? -4.716  -15.750 -5.664  1.00 37.01  ? 588 HOH A O   1 
HETATM 1314 O O   . HOH C 3 .   ? 10.251  9.633   17.225  1.00 43.66  ? 589 HOH A O   1 
HETATM 1315 O O   . HOH C 3 .   ? 3.187   7.927   18.680  1.00 29.57  ? 590 HOH A O   1 
HETATM 1316 O O   . HOH C 3 .   ? 1.398   17.369  -4.540  1.00 28.50  ? 591 HOH A O   1 
HETATM 1317 O O   . HOH C 3 .   ? 3.067   15.801  7.198   1.00 31.55  ? 592 HOH A O   1 
HETATM 1318 O O   . HOH C 3 .   ? -0.879  -4.235  15.274  1.00 23.34  ? 593 HOH A O   1 
HETATM 1319 O O   . HOH C 3 .   ? -13.628 -4.711  11.742  1.00 5.45   ? 594 HOH A O   1 
HETATM 1320 O O   . HOH C 3 .   ? 16.231  -0.515  -7.929  1.00 14.88  ? 595 HOH A O   1 
HETATM 1321 O O   . HOH C 3 .   ? 8.888   -15.075 7.155   1.00 25.19  ? 596 HOH A O   1 
HETATM 1322 O O   . HOH C 3 .   ? 2.702   9.887   9.223   1.00 13.20  ? 597 HOH A O   1 
HETATM 1323 O O   . HOH C 3 .   ? 9.648   -7.366  -10.474 1.00 21.16  ? 598 HOH A O   1 
HETATM 1324 O O   . HOH C 3 .   ? 5.142   9.945   -9.041  1.00 7.06   ? 599 HOH A O   1 
HETATM 1325 O O   . HOH C 3 .   ? -1.214  14.317  10.602  1.00 31.61  ? 600 HOH A O   1 
HETATM 1326 O O   . HOH C 3 .   ? -16.062 -5.798  6.482   1.00 18.89  ? 601 HOH A O   1 
HETATM 1327 O O   . HOH C 3 .   ? 1.664   0.615   -17.115 1.00 16.61  ? 602 HOH A O   1 
HETATM 1328 O O   . HOH C 3 .   ? 12.161  -9.087  0.014   1.00 14.09  ? 603 HOH A O   1 
HETATM 1329 O O   . HOH C 3 .   ? -0.073  4.615   17.385  1.00 30.08  ? 604 HOH A O   1 
HETATM 1330 O O   . HOH C 3 .   ? -3.259  18.338  2.126   1.00 36.88  ? 605 HOH A O   1 
HETATM 1331 O O   . HOH C 3 .   ? -9.624  -5.643  -12.144 1.00 33.87  ? 606 HOH A O   1 
HETATM 1332 O O   . HOH C 3 .   ? 9.194   15.576  2.579   1.00 35.09  ? 607 HOH A O   1 
HETATM 1333 O O   . HOH C 3 .   ? -4.202  5.516   -16.439 1.00 18.39  ? 608 HOH A O   1 
HETATM 1334 O O   . HOH C 3 .   ? -19.763 -2.934  2.595   1.00 23.13  ? 609 HOH A O   1 
HETATM 1335 O O   . HOH C 3 .   ? -6.555  -8.539  12.337  1.00 20.01  ? 610 HOH A O   1 
HETATM 1336 O O   . HOH C 3 .   ? 9.140   -5.054  -11.728 1.00 14.84  ? 611 HOH A O   1 
HETATM 1337 O O   . HOH C 3 .   ? -8.443  5.191   -15.766 1.00 11.22  ? 612 HOH A O   1 
HETATM 1338 O O   . HOH C 3 .   ? 17.375  1.769   -11.571 1.00 25.72  ? 613 HOH A O   1 
HETATM 1339 O O   . HOH C 3 .   ? -17.822 -3.773  -8.524  1.00 27.18  ? 614 HOH A O   1 
HETATM 1340 O O   . HOH C 3 .   ? -10.826 10.762  2.107   1.00 28.75  ? 615 HOH A O   1 
HETATM 1341 O O   . HOH C 3 .   ? 4.989   -7.025  10.005  1.00 14.23  ? 616 HOH A O   1 
HETATM 1342 O O   . HOH C 3 .   ? -12.412 -4.354  15.301  1.00 24.27  ? 617 HOH A O   1 
HETATM 1343 O O   . HOH C 3 .   ? -19.513 -2.688  -4.970  1.00 25.79  ? 618 HOH A O   1 
HETATM 1344 O O   . HOH C 3 .   ? -10.969 -3.837  17.889  1.00 9.55   ? 619 HOH A O   1 
HETATM 1345 O O   . HOH C 3 .   ? -8.264  10.085  8.071   1.00 25.85  ? 620 HOH A O   1 
HETATM 1346 O O   . HOH C 3 .   ? 2.909   -20.739 0.797   1.00 30.84  ? 621 HOH A O   1 
HETATM 1347 O O   . HOH C 3 .   ? 15.285  -9.468  -5.651  1.00 23.00  ? 622 HOH A O   1 
HETATM 1348 O O   . HOH C 3 .   ? 6.439   11.122  -6.958  1.00 22.05  ? 623 HOH A O   1 
HETATM 1349 O O   . HOH C 3 .   ? -6.232  -4.220  19.865  1.00 26.15  ? 624 HOH A O   1 
HETATM 1350 O O   . HOH C 3 .   ? 9.726   11.247  10.855  1.00 12.51  ? 625 HOH A O   1 
HETATM 1351 O O   . HOH C 3 .   ? 14.600  3.172   6.615   1.00 28.57  ? 626 HOH A O   1 
HETATM 1352 O O   . HOH C 3 .   ? 10.610  2.443   -13.354 1.00 46.03  ? 627 HOH A O   1 
HETATM 1353 O O   . HOH C 3 .   ? -5.187  15.100  -3.519  1.00 35.53  ? 628 HOH A O   1 
HETATM 1354 O O   . HOH C 3 .   ? 9.545   14.741  7.794   1.00 46.37  ? 629 HOH A O   1 
HETATM 1355 O O   . HOH C 3 .   ? 9.604   -2.685  10.008  1.00 15.52  ? 630 HOH A O   1 
HETATM 1356 O O   . HOH C 3 .   ? -5.527  -14.074 3.965   1.00 37.27  ? 631 HOH A O   1 
HETATM 1357 O O   . HOH C 3 .   ? 5.215   -15.052 6.560   1.00 29.38  ? 632 HOH A O   1 
HETATM 1358 O O   . HOH C 3 .   ? 14.626  -9.752  -1.954  1.00 49.20  ? 633 HOH A O   1 
HETATM 1359 O O   . HOH C 3 .   ? 5.321   7.275   -12.469 1.00 26.37  ? 634 HOH A O   1 
HETATM 1360 O O   . HOH C 3 .   ? 4.596   15.578  1.045   1.00 35.15  ? 635 HOH A O   1 
HETATM 1361 O O   . HOH C 3 .   ? 19.323  5.391   5.801   1.00 40.97  ? 636 HOH A O   1 
HETATM 1362 O O   . HOH C 3 .   ? -12.758 2.757   6.280   1.00 21.67  ? 637 HOH A O   1 
HETATM 1363 O O   . HOH C 3 .   ? 0.234   11.904  -16.405 1.00 37.65  ? 638 HOH A O   1 
HETATM 1364 O O   . HOH C 3 .   ? 0.056   -12.594 8.791   1.00 34.39  ? 639 HOH A O   1 
HETATM 1365 O O   . HOH C 3 .   ? -5.306  12.356  14.413  1.00 35.70  ? 640 HOH A O   1 
HETATM 1366 O O   . HOH C 3 .   ? -18.005 -2.664  9.365   1.00 29.92  ? 641 HOH A O   1 
HETATM 1367 O O   . HOH C 3 .   ? 2.268   -17.354 -5.352  1.00 31.18  ? 642 HOH A O   1 
HETATM 1368 O O   . HOH C 3 .   ? 11.346  -9.041  -12.128 1.00 22.27  ? 643 HOH A O   1 
HETATM 1369 O O   . HOH C 3 .   ? -16.864 5.442   5.925   1.00 23.09  ? 644 HOH A O   1 
HETATM 1370 O O   . HOH C 3 .   ? -5.167  11.824  10.308  1.00 28.81  ? 645 HOH A O   1 
HETATM 1371 O O   . HOH C 3 .   ? -12.346 -14.427 2.857   1.00 41.62  ? 646 HOH A O   1 
HETATM 1372 O O   . HOH C 3 .   ? 7.023   4.419   -15.046 1.00 30.38  ? 647 HOH A O   1 
HETATM 1373 O O   . HOH C 3 .   ? -18.702 7.313   -0.374  1.00 35.33  ? 648 HOH A O   1 
HETATM 1374 O O   . HOH C 3 .   ? 6.152   0.904   -15.445 1.00 21.20  ? 649 HOH A O   1 
HETATM 1375 O O   . HOH C 3 .   ? -11.721 7.909   10.719  1.00 35.67  ? 650 HOH A O   1 
HETATM 1376 O O   . HOH C 3 .   ? -20.039 1.628   7.984   1.00 26.10  ? 651 HOH A O   1 
HETATM 1377 O O   . HOH C 3 .   ? -14.477 -7.878  4.287   1.00 28.05  ? 652 HOH A O   1 
HETATM 1378 O O   . HOH C 3 .   ? 8.963   -4.557  11.946  1.00 26.70  ? 653 HOH A O   1 
HETATM 1379 O O   . HOH C 3 .   ? 6.314   15.810  13.105  1.00 39.44  ? 654 HOH A O   1 
HETATM 1380 O O   . HOH C 3 .   ? 8.620   19.931  -4.492  1.00 22.85  ? 655 HOH A O   1 
HETATM 1381 O O   . HOH C 3 .   ? 10.937  -1.440  -14.703 1.00 23.59  ? 656 HOH A O   1 
HETATM 1382 O O   . HOH C 3 .   ? -14.061 -11.547 -0.157  1.00 26.45  ? 657 HOH A O   1 
HETATM 1383 O O   . HOH C 3 .   ? 16.447  4.163   4.725   1.00 26.99  ? 658 HOH A O   1 
HETATM 1384 O O   . HOH C 3 .   ? 4.463   -22.351 2.789   1.00 34.82  ? 659 HOH A O   1 
HETATM 1385 O O   . HOH C 3 .   ? 12.344  -3.296  9.230   1.00 25.14  ? 660 HOH A O   1 
HETATM 1386 O O   . HOH C 3 .   ? -10.110 -9.108  5.753   1.00 13.57  ? 661 HOH A O   1 
HETATM 1387 O O   . HOH C 3 .   ? 15.195  14.246  0.877   1.00 15.87  ? 662 HOH A O   1 
HETATM 1388 O O   . HOH C 3 .   ? -15.219 -7.978  8.183   1.00 34.78  ? 663 HOH A O   1 
HETATM 1389 O O   . HOH C 3 .   ? -7.327  11.862  -0.987  1.00 10.34  ? 664 HOH A O   1 
HETATM 1390 O O   . HOH C 3 .   ? 10.479  -11.370 -0.418  1.00 31.53  ? 665 HOH A O   1 
HETATM 1391 O O   . HOH C 3 .   ? 1.579   -11.800 -13.458 1.00 35.47  ? 666 HOH A O   1 
HETATM 1392 O O   . HOH C 3 .   ? 9.796   -11.936 -14.711 1.00 40.22  ? 667 HOH A O   1 
HETATM 1393 O O   . HOH C 3 .   ? -8.656  -7.692  10.739  1.00 19.11  ? 668 HOH A O   1 
HETATM 1394 O O   . HOH C 3 .   ? -12.842 -7.255  11.693  1.00 21.05  ? 669 HOH A O   1 
HETATM 1395 O O   . HOH C 3 .   ? 5.971   14.558  -8.140  1.00 32.76  ? 670 HOH A O   1 
HETATM 1396 O O   . HOH C 3 .   ? 5.428   11.969  24.263  1.00 31.81  ? 671 HOH A O   1 
HETATM 1397 O O   . HOH C 3 .   ? 8.388   -5.738  -14.532 1.00 15.54  ? 672 HOH A O   1 
HETATM 1398 O O   . HOH C 3 .   ? 20.159  2.316   4.642   1.00 40.27  ? 673 HOH A O   1 
HETATM 1399 O O   . HOH C 3 .   ? 13.607  -17.732 0.794   1.00 36.29  ? 674 HOH A O   1 
HETATM 1400 O O   . HOH C 3 .   ? 17.004  -8.018  6.836   1.00 28.35  ? 675 HOH A O   1 
HETATM 1401 O O   . HOH C 3 .   ? -12.878 -8.833  9.287   1.00 32.98  ? 676 HOH A O   1 
HETATM 1402 O O   . HOH C 3 .   ? -12.988 -9.515  6.304   1.00 23.46  ? 677 HOH A O   1 
# 
